data_3V6O
#
_entry.id   3V6O
#
_cell.length_a   89.814
_cell.length_b   118.829
_cell.length_c   171.281
_cell.angle_alpha   90.000
_cell.angle_beta   90.000
_cell.angle_gamma   90.000
#
_symmetry.space_group_name_H-M   'P 21 21 21'
#
loop_
_entity.id
_entity.type
_entity.pdbx_description
1 polymer 'Leptin receptor'
2 polymer 'Monoclonal antibody 9F8 fab fragment Heavy chain'
3 polymer 'Monoclonal antibody 9F8 fab fragment Light chain'
4 non-polymer CYSTEINE
5 non-polymer 1,2-ETHANEDIOL
6 non-polymer 'ACETATE ION'
7 non-polymer 'SODIUM ION'
8 non-polymer 2-acetamido-2-deoxy-beta-D-glucopyranose
9 water water
#
loop_
_entity_poly.entity_id
_entity_poly.type
_entity_poly.pdbx_seq_one_letter_code
_entity_poly.pdbx_strand_id
1 'polypeptide(L)'
;IDVNINISCETDGYLTKMTCRWSTSTIQSLAESTLQLRYHRSSLYCSDIPSIHPISEPKDCYLQSDGFYECIFQPIFLLS
GYTMWIRINHSLGSLDSPPTCVLPDSVVKPLPPSSVKAEITINIGLLKISWEKPVFPENNLQFQIRYGLSGKEVQWKMYE
VYDAKSKSVSLPVPDLCAVYAVQVRCKRLDGLGYWSNWSNPAYTVV
;
A,B
2 'polypeptide(L)'
;AEVKLLESGPGLVAPSESLSITCTISGFSLTDDGVSWIRQPPGKGLEWLGVIWGGGSTYFNSLFKSRLSITRDNSKSQVF
LEMDSLQTDDTAMYYCAKHDGHETMDYWGQGTSVTVSSSKTTPPSVYPLAPGSAAQTNSMVTLGCLVKGYFPEPVTVTWN
SGSLSSGVHTFPAVLQSDLYTLSSSVTVPSSTWPSETVTCNVAHPASSTKVDKKIVPRDCT
;
C,D
3 'polypeptide(L)'
;AEIVMTQSPKFMSTSIGDRVNITCKATQNVRTAVTWYQQKPGQSPQALIFLASNRHTGVPARFTGSGSGTDFTLTINNVK
SEDLADYFCLQHWNYPLTFGSGTKLEIKRADAAPTVSIFPPSSEQLTSGGASVVCFLNNFYPKDINVKWKIDGSERQNGV
LNSWTDQDSKDSTYSMSSTLTLTKDEYERHNSYTCEATHKTSTSPIVKSFNRNEC
;
E,F
#
loop_
_chem_comp.id
_chem_comp.type
_chem_comp.name
_chem_comp.formula
ACT non-polymer 'ACETATE ION' 'C2 H3 O2 -1'
EDO non-polymer 1,2-ETHANEDIOL 'C2 H6 O2'
NA non-polymer 'SODIUM ION' 'Na 1'
NAG D-saccharide, beta linking 2-acetamido-2-deoxy-beta-D-glucopyranose 'C8 H15 N O6'
#
# COMPACT_ATOMS: atom_id res chain seq x y z
N ASN A 4 -10.90 12.59 17.26
CA ASN A 4 -12.18 13.36 17.30
C ASN A 4 -13.32 12.60 16.51
N ILE A 5 -13.30 12.42 15.17
CA ILE A 5 -14.36 11.62 14.48
C ILE A 5 -13.83 10.36 13.77
N ASN A 6 -14.23 9.18 14.21
CA ASN A 6 -13.71 7.94 13.61
C ASN A 6 -14.46 7.51 12.30
N ILE A 7 -13.71 7.28 11.23
CA ILE A 7 -14.27 6.82 9.95
C ILE A 7 -13.82 5.38 9.73
N SER A 8 -14.75 4.42 9.65
CA SER A 8 -14.32 3.03 9.36
C SER A 8 -14.91 2.49 8.07
N CYS A 9 -14.20 1.59 7.39
CA CYS A 9 -14.53 1.27 6.00
C CYS A 9 -14.48 -0.21 5.75
N GLU A 10 -15.28 -0.68 4.81
CA GLU A 10 -15.25 -2.08 4.44
C GLU A 10 -15.52 -2.23 2.96
N THR A 11 -14.78 -3.12 2.33
CA THR A 11 -14.88 -3.35 0.87
C THR A 11 -15.71 -4.62 0.68
N ASP A 12 -16.61 -4.60 -0.29
CA ASP A 12 -17.51 -5.75 -0.48
C ASP A 12 -16.70 -6.89 -1.12
N GLY A 13 -17.21 -8.10 -1.01
CA GLY A 13 -16.47 -9.28 -1.44
C GLY A 13 -16.48 -9.41 -2.94
N TYR A 14 -17.33 -8.65 -3.61
CA TYR A 14 -17.20 -8.56 -5.06
C TYR A 14 -16.18 -7.54 -5.56
N LEU A 15 -15.56 -6.79 -4.64
CA LEU A 15 -14.53 -5.80 -5.02
C LEU A 15 -15.09 -4.69 -5.94
N THR A 16 -16.37 -4.37 -5.77
CA THR A 16 -17.03 -3.34 -6.59
C THR A 16 -17.16 -2.02 -5.85
N LYS A 17 -17.12 -2.05 -4.52
CA LYS A 17 -17.25 -0.83 -3.72
C LYS A 17 -16.63 -0.95 -2.34
N MET A 18 -16.44 0.23 -1.73
CA MET A 18 -16.05 0.39 -0.32
C MET A 18 -17.06 1.29 0.39
N THR A 19 -17.53 0.87 1.54
CA THR A 19 -18.53 1.59 2.24
C THR A 19 -17.91 2.09 3.49
N CYS A 20 -18.04 3.39 3.78
CA CYS A 20 -17.46 3.92 4.98
C CYS A 20 -18.54 4.54 5.88
N ARG A 21 -18.26 4.52 7.19
CA ARG A 21 -19.25 4.96 8.21
C ARG A 21 -18.59 5.80 9.26
N TRP A 22 -19.35 6.74 9.78
CA TRP A 22 -18.93 7.61 10.84
C TRP A 22 -20.16 8.22 11.54
N SER A 23 -19.95 8.78 12.71
CA SER A 23 -21.09 9.36 13.48
C SER A 23 -20.61 10.51 14.30
N THR A 24 -21.54 11.33 14.81
CA THR A 24 -21.19 12.37 15.77
C THR A 24 -21.69 11.96 17.16
N SER A 33 -23.54 23.05 13.34
CA SER A 33 -22.45 22.96 12.35
C SER A 33 -22.84 22.18 11.09
N THR A 34 -22.25 22.48 9.93
CA THR A 34 -22.42 21.61 8.74
C THR A 34 -21.17 20.71 8.53
N LEU A 35 -21.44 19.48 8.07
CA LEU A 35 -20.44 18.35 8.06
C LEU A 35 -20.32 17.76 6.67
N GLN A 36 -19.08 17.55 6.21
CA GLN A 36 -18.86 16.97 4.87
C GLN A 36 -17.58 16.12 4.89
N LEU A 37 -17.75 14.84 4.56
CA LEU A 37 -16.58 13.92 4.37
C LEU A 37 -15.81 14.34 3.14
N ARG A 38 -14.50 14.58 3.31
CA ARG A 38 -13.62 14.78 2.17
C ARG A 38 -12.58 13.62 2.06
N TYR A 39 -12.10 13.41 0.85
CA TYR A 39 -11.03 12.37 0.61
C TYR A 39 -10.04 12.77 -0.42
N HIS A 40 -8.82 12.30 -0.16
CA HIS A 40 -7.70 12.47 -1.07
C HIS A 40 -7.20 11.10 -1.44
N ARG A 41 -7.19 10.82 -2.73
CA ARG A 41 -6.73 9.53 -3.23
C ARG A 41 -5.26 9.58 -3.68
N SER A 42 -4.44 8.73 -3.12
CA SER A 42 -3.03 8.63 -3.57
C SER A 42 -2.85 7.83 -4.85
N SER A 43 -1.85 8.20 -5.63
CA SER A 43 -1.44 7.33 -6.77
C SER A 43 -0.83 6.04 -6.21
N LEU A 44 -0.32 6.08 -4.99
CA LEU A 44 0.18 4.88 -4.30
C LEU A 44 -0.59 4.64 -3.02
N TYR A 45 0.08 4.49 -1.89
CA TYR A 45 -0.54 3.81 -0.75
C TYR A 45 -0.84 4.83 0.37
N CYS A 46 -0.64 4.44 1.63
CA CYS A 46 -0.79 5.32 2.79
C CYS A 46 0.60 5.62 3.35
N SER A 47 0.88 6.90 3.59
CA SER A 47 2.13 7.34 4.20
C SER A 47 2.22 6.88 5.69
N ASP A 48 3.38 7.05 6.29
CA ASP A 48 3.63 6.62 7.67
C ASP A 48 2.60 7.39 8.57
N ILE A 49 2.32 8.64 8.22
CA ILE A 49 1.48 9.52 9.04
C ILE A 49 0.43 10.18 8.14
N PRO A 50 -0.86 9.92 8.37
CA PRO A 50 -1.89 10.52 7.46
C PRO A 50 -1.93 12.03 7.63
N SER A 51 -2.26 12.75 6.58
CA SER A 51 -2.37 14.22 6.65
C SER A 51 -3.48 14.78 5.77
N ILE A 52 -3.87 16.03 6.11
CA ILE A 52 -4.85 16.78 5.32
C ILE A 52 -4.10 17.14 4.06
N HIS A 53 -4.76 17.02 2.92
CA HIS A 53 -4.14 17.47 1.70
C HIS A 53 -4.96 18.58 1.07
N PRO A 54 -4.29 19.54 0.44
CA PRO A 54 -5.09 20.59 -0.23
C PRO A 54 -6.01 20.08 -1.36
N ILE A 55 -5.62 19.00 -2.04
CA ILE A 55 -6.44 18.51 -3.15
C ILE A 55 -7.30 17.33 -2.66
N SER A 56 -8.63 17.54 -2.65
CA SER A 56 -9.54 16.50 -2.24
C SER A 56 -10.86 16.64 -2.94
N GLU A 57 -11.74 15.67 -2.76
CA GLU A 57 -13.11 15.77 -3.23
C GLU A 57 -14.10 15.42 -2.13
N PRO A 58 -15.34 15.89 -2.22
CA PRO A 58 -16.34 15.54 -1.19
C PRO A 58 -16.99 14.21 -1.51
N LYS A 59 -17.68 13.60 -0.53
CA LYS A 59 -18.59 12.45 -0.71
C LYS A 59 -19.93 12.71 -0.09
N ASP A 60 -20.93 12.18 -0.75
CA ASP A 60 -22.25 12.17 -0.21
C ASP A 60 -22.29 11.12 0.88
N CYS A 61 -22.72 11.54 2.07
CA CYS A 61 -23.02 10.61 3.12
C CYS A 61 -24.45 10.81 3.60
N TYR A 62 -25.07 9.70 3.99
CA TYR A 62 -26.44 9.68 4.44
C TYR A 62 -26.63 9.02 5.79
N LEU A 63 -27.45 9.68 6.60
CA LEU A 63 -27.66 9.30 7.98
C LEU A 63 -28.54 8.06 7.98
N GLN A 64 -28.12 7.01 8.68
CA GLN A 64 -28.84 5.73 8.71
C GLN A 64 -29.59 5.66 10.06
N SER A 65 -30.51 4.71 10.17
CA SER A 65 -31.31 4.57 11.43
C SER A 65 -30.47 4.18 12.67
N ASP A 66 -29.31 3.57 12.49
CA ASP A 66 -28.46 3.36 13.65
C ASP A 66 -27.70 4.62 14.12
N GLY A 67 -27.99 5.79 13.55
CA GLY A 67 -27.25 7.00 13.94
C GLY A 67 -25.89 7.19 13.23
N PHE A 68 -25.50 6.27 12.35
CA PHE A 68 -24.23 6.44 11.55
C PHE A 68 -24.51 7.02 10.15
N TYR A 69 -23.62 7.93 9.71
CA TYR A 69 -23.58 8.35 8.31
C TYR A 69 -22.90 7.25 7.56
N GLU A 70 -23.39 6.96 6.35
CA GLU A 70 -22.79 5.96 5.46
C GLU A 70 -22.50 6.57 4.08
N CYS A 71 -21.28 6.37 3.58
CA CYS A 71 -20.77 6.89 2.30
C CYS A 71 -20.27 5.71 1.45
N ILE A 72 -20.55 5.74 0.14
CA ILE A 72 -20.17 4.65 -0.77
C ILE A 72 -19.20 5.14 -1.84
N PHE A 73 -18.07 4.43 -1.95
CA PHE A 73 -17.06 4.65 -3.00
C PHE A 73 -17.21 3.52 -3.98
N GLN A 74 -17.69 3.83 -5.19
CA GLN A 74 -17.97 2.78 -6.17
C GLN A 74 -17.78 3.40 -7.57
N PRO A 75 -16.94 2.79 -8.44
CA PRO A 75 -16.01 1.70 -8.13
C PRO A 75 -14.85 2.12 -7.19
N ILE A 76 -14.00 1.19 -6.84
CA ILE A 76 -13.04 1.39 -5.82
C ILE A 76 -11.71 1.14 -6.44
N PHE A 77 -10.68 1.92 -6.09
CA PHE A 77 -9.34 1.60 -6.48
C PHE A 77 -8.70 0.82 -5.33
N LEU A 78 -8.51 -0.50 -5.47
CA LEU A 78 -8.15 -1.32 -4.38
C LEU A 78 -6.76 -1.04 -3.78
N LEU A 79 -5.86 -0.56 -4.58
CA LEU A 79 -4.52 -0.34 -4.19
C LEU A 79 -4.15 1.13 -4.19
N SER A 80 -5.15 1.99 -4.10
CA SER A 80 -4.90 3.43 -3.84
C SER A 80 -5.17 3.80 -2.41
N GLY A 81 -4.29 4.51 -1.73
CA GLY A 81 -4.61 4.94 -0.34
C GLY A 81 -5.59 6.12 -0.31
N TYR A 82 -6.75 5.90 0.31
CA TYR A 82 -7.78 6.92 0.48
C TYR A 82 -7.60 7.56 1.86
N THR A 83 -7.21 8.82 1.88
CA THR A 83 -7.12 9.56 3.10
C THR A 83 -8.46 10.36 3.26
N MET A 84 -9.12 10.22 4.38
CA MET A 84 -10.41 10.85 4.61
C MET A 84 -10.47 11.61 5.91
N TRP A 85 -11.33 12.63 5.95
CA TRP A 85 -11.55 13.45 7.09
C TRP A 85 -12.89 14.14 6.98
N ILE A 86 -13.36 14.74 8.09
CA ILE A 86 -14.62 15.47 8.05
C ILE A 86 -14.29 16.95 8.08
N ARG A 87 -14.80 17.68 7.07
CA ARG A 87 -14.74 19.14 7.08
C ARG A 87 -15.99 19.69 7.82
N ILE A 88 -15.70 20.51 8.84
CA ILE A 88 -16.68 21.03 9.83
C ILE A 88 -16.75 22.55 9.68
N ASN A 89 -17.88 23.13 9.31
CA ASN A 89 -17.97 24.63 9.34
C ASN A 89 -18.33 25.21 10.70
N GLY A 93 -15.68 30.10 10.12
CA GLY A 93 -14.51 29.35 9.64
C GLY A 93 -14.70 27.82 9.52
N SER A 94 -13.69 27.14 8.96
CA SER A 94 -13.70 25.67 8.73
C SER A 94 -12.70 24.89 9.63
N LEU A 95 -13.09 23.73 10.15
CA LEU A 95 -12.15 22.81 10.78
C LEU A 95 -12.20 21.40 10.13
N ASP A 96 -11.04 20.76 10.13
CA ASP A 96 -10.89 19.38 9.67
C ASP A 96 -10.71 18.40 10.82
N SER A 97 -11.48 17.33 10.85
CA SER A 97 -11.22 16.23 11.83
C SER A 97 -9.85 15.53 11.49
N PRO A 98 -9.28 14.78 12.44
CA PRO A 98 -7.99 14.14 12.18
C PRO A 98 -8.11 13.14 11.04
N PRO A 99 -7.20 13.22 10.07
CA PRO A 99 -7.34 12.34 8.90
C PRO A 99 -6.95 10.89 9.15
N THR A 100 -7.57 9.96 8.45
CA THR A 100 -7.06 8.60 8.43
C THR A 100 -6.95 8.12 7.00
N CYS A 101 -6.07 7.15 6.77
CA CYS A 101 -5.82 6.66 5.41
C CYS A 101 -6.12 5.18 5.34
N VAL A 102 -6.89 4.72 4.34
CA VAL A 102 -7.18 3.33 4.15
C VAL A 102 -6.84 2.80 2.78
N LEU A 103 -6.29 1.57 2.71
CA LEU A 103 -6.02 0.92 1.43
C LEU A 103 -7.18 -0.04 1.25
N PRO A 104 -8.03 0.22 0.29
CA PRO A 104 -9.28 -0.61 0.26
C PRO A 104 -9.12 -2.12 0.20
N ASP A 105 -8.06 -2.60 -0.45
CA ASP A 105 -7.87 -4.10 -0.57
C ASP A 105 -7.66 -4.81 0.80
N SER A 106 -7.30 -4.03 1.81
CA SER A 106 -7.05 -4.53 3.16
C SER A 106 -8.26 -4.61 4.08
N VAL A 107 -9.43 -4.13 3.61
CA VAL A 107 -10.64 -4.03 4.43
C VAL A 107 -11.74 -4.80 3.72
N VAL A 108 -11.33 -5.71 2.88
CA VAL A 108 -12.30 -6.64 2.21
C VAL A 108 -12.92 -7.57 3.16
N LYS A 109 -14.24 -7.79 2.97
CA LYS A 109 -14.97 -8.78 3.69
C LYS A 109 -15.35 -9.82 2.61
N PRO A 110 -14.65 -11.00 2.59
CA PRO A 110 -14.86 -11.95 1.48
C PRO A 110 -16.23 -12.46 1.52
N LEU A 111 -16.69 -12.95 0.38
CA LEU A 111 -17.94 -13.65 0.33
C LEU A 111 -17.81 -15.02 1.05
N PRO A 112 -18.93 -15.55 1.54
CA PRO A 112 -18.85 -16.86 2.20
C PRO A 112 -18.51 -18.02 1.22
N PRO A 113 -17.87 -19.08 1.72
CA PRO A 113 -17.73 -20.32 0.93
C PRO A 113 -19.11 -20.73 0.44
N SER A 114 -19.22 -21.24 -0.78
CA SER A 114 -20.53 -21.59 -1.32
C SER A 114 -20.52 -23.05 -1.76
N SER A 115 -21.74 -23.57 -1.96
CA SER A 115 -21.96 -24.99 -2.26
C SER A 115 -21.34 -25.89 -1.20
N VAL A 116 -21.66 -25.57 0.05
CA VAL A 116 -21.17 -26.37 1.16
C VAL A 116 -21.86 -27.74 1.10
N LYS A 117 -21.06 -28.81 1.22
CA LYS A 117 -21.59 -30.19 1.25
C LYS A 117 -21.07 -30.90 2.50
N ALA A 118 -21.97 -31.65 3.15
CA ALA A 118 -21.65 -32.43 4.32
C ALA A 118 -22.21 -33.86 4.16
N GLU A 119 -21.29 -34.83 4.14
CA GLU A 119 -21.56 -36.25 3.87
C GLU A 119 -20.94 -37.11 4.95
N ILE A 120 -21.69 -38.04 5.52
CA ILE A 120 -21.08 -39.13 6.25
C ILE A 120 -21.00 -40.37 5.35
N THR A 121 -19.80 -40.91 5.20
CA THR A 121 -19.70 -42.26 4.59
C THR A 121 -19.45 -43.27 5.71
N ILE A 122 -20.38 -44.22 5.85
CA ILE A 122 -20.32 -45.23 6.94
C ILE A 122 -19.01 -46.04 6.90
N ASN A 123 -18.69 -46.70 5.78
CA ASN A 123 -17.48 -47.57 5.74
C ASN A 123 -16.19 -46.80 6.15
N ILE A 124 -16.11 -45.52 5.80
CA ILE A 124 -14.97 -44.67 6.15
C ILE A 124 -15.00 -44.18 7.61
N GLY A 125 -16.20 -43.89 8.13
CA GLY A 125 -16.35 -43.48 9.52
C GLY A 125 -16.08 -42.00 9.77
N LEU A 126 -16.09 -41.17 8.71
CA LEU A 126 -15.84 -39.73 8.90
C LEU A 126 -16.93 -38.85 8.29
N LEU A 127 -16.95 -37.63 8.79
CA LEU A 127 -17.76 -36.55 8.24
C LEU A 127 -16.88 -35.83 7.24
N LYS A 128 -17.29 -35.81 5.97
CA LYS A 128 -16.55 -35.16 4.90
C LYS A 128 -17.27 -33.85 4.60
N ILE A 129 -16.55 -32.73 4.67
CA ILE A 129 -17.11 -31.41 4.37
C ILE A 129 -16.30 -30.81 3.24
N SER A 130 -16.96 -30.17 2.29
CA SER A 130 -16.29 -29.55 1.15
C SER A 130 -17.11 -28.34 0.69
N TRP A 131 -16.55 -27.51 -0.19
CA TRP A 131 -17.22 -26.25 -0.53
C TRP A 131 -16.87 -25.68 -1.90
N ASN A 140 -5.74 -16.60 -1.76
CA ASN A 140 -5.51 -17.66 -0.83
C ASN A 140 -6.06 -17.32 0.55
N LEU A 141 -6.71 -18.32 1.12
CA LEU A 141 -7.62 -18.20 2.25
C LEU A 141 -7.37 -19.26 3.31
N GLN A 142 -7.79 -18.94 4.53
CA GLN A 142 -7.96 -19.87 5.59
C GLN A 142 -9.46 -20.00 5.86
N PHE A 143 -9.85 -21.12 6.42
CA PHE A 143 -11.26 -21.43 6.68
C PHE A 143 -11.44 -21.84 8.12
N GLN A 144 -12.59 -21.50 8.67
CA GLN A 144 -13.00 -22.10 9.90
C GLN A 144 -14.24 -22.85 9.59
N ILE A 145 -14.38 -24.00 10.23
CA ILE A 145 -15.55 -24.81 10.05
C ILE A 145 -16.23 -24.95 11.40
N ARG A 146 -17.57 -24.92 11.45
CA ARG A 146 -18.22 -25.23 12.70
C ARG A 146 -19.33 -26.23 12.40
N TYR A 147 -19.46 -27.22 13.29
CA TYR A 147 -20.43 -28.29 13.09
C TYR A 147 -20.92 -28.75 14.45
N GLY A 148 -22.17 -29.18 14.51
CA GLY A 148 -22.76 -29.71 15.74
C GLY A 148 -24.03 -30.47 15.43
N LEU A 149 -24.45 -31.22 16.43
CA LEU A 149 -25.75 -31.91 16.39
C LEU A 149 -26.80 -30.93 15.99
N SER A 150 -27.61 -31.28 14.99
CA SER A 150 -28.69 -30.42 14.57
C SER A 150 -29.75 -30.43 15.66
N GLY A 151 -29.88 -29.34 16.43
CA GLY A 151 -30.51 -29.44 17.76
C GLY A 151 -31.55 -28.43 18.24
N LYS A 152 -31.16 -27.16 18.29
CA LYS A 152 -31.92 -26.09 18.98
C LYS A 152 -31.13 -24.77 18.83
N GLU A 153 -30.44 -24.33 19.90
CA GLU A 153 -29.13 -23.63 19.77
C GLU A 153 -28.05 -24.73 19.69
N VAL A 154 -27.51 -24.93 18.49
CA VAL A 154 -26.61 -26.05 18.23
C VAL A 154 -25.39 -25.87 19.14
N GLN A 155 -24.81 -26.98 19.57
CA GLN A 155 -23.51 -26.96 20.26
C GLN A 155 -22.38 -27.12 19.21
N TRP A 156 -21.60 -26.05 19.02
CA TRP A 156 -20.63 -26.03 17.93
C TRP A 156 -19.25 -26.50 18.35
N LYS A 157 -18.71 -27.43 17.60
CA LYS A 157 -17.26 -27.64 17.60
C LYS A 157 -16.74 -26.84 16.41
N MET A 158 -15.48 -26.39 16.48
CA MET A 158 -14.84 -25.59 15.41
C MET A 158 -13.48 -26.17 14.96
N TYR A 159 -13.21 -26.22 13.65
CA TYR A 159 -11.91 -26.71 13.11
C TYR A 159 -11.34 -25.67 12.11
N GLU A 160 -10.00 -25.54 12.03
CA GLU A 160 -9.36 -24.54 11.19
C GLU A 160 -8.53 -25.20 10.09
N VAL A 161 -8.76 -24.77 8.85
CA VAL A 161 -7.97 -25.21 7.69
C VAL A 161 -7.13 -24.08 7.04
N TYR A 162 -5.91 -24.43 6.62
CA TYR A 162 -4.91 -23.48 6.04
C TYR A 162 -4.49 -23.84 4.58
N ASP A 163 -5.04 -24.94 4.03
CA ASP A 163 -5.08 -25.21 2.57
C ASP A 163 -5.25 -23.92 1.74
N LYS A 167 -9.97 -27.02 0.58
CA LYS A 167 -10.97 -27.58 -0.35
C LYS A 167 -12.02 -28.56 0.27
N SER A 168 -11.54 -29.59 1.00
CA SER A 168 -12.40 -30.55 1.73
C SER A 168 -11.69 -31.25 2.90
N VAL A 169 -12.42 -31.43 4.01
CA VAL A 169 -11.88 -31.92 5.28
C VAL A 169 -12.79 -33.06 5.81
N SER A 170 -12.19 -33.96 6.56
CA SER A 170 -12.86 -35.13 7.06
C SER A 170 -12.64 -35.23 8.57
N LEU A 171 -13.71 -35.03 9.35
CA LEU A 171 -13.63 -34.99 10.81
C LEU A 171 -14.37 -36.15 11.46
N PRO A 172 -13.98 -36.47 12.71
CA PRO A 172 -14.70 -37.50 13.42
C PRO A 172 -15.90 -36.88 14.12
N VAL A 173 -16.90 -37.72 14.34
CA VAL A 173 -18.11 -37.30 14.98
C VAL A 173 -18.44 -38.39 15.97
N PRO A 174 -19.06 -37.99 17.09
CA PRO A 174 -19.46 -39.00 18.05
C PRO A 174 -20.49 -40.02 17.50
N ASP A 175 -21.34 -39.61 16.54
CA ASP A 175 -22.46 -40.44 16.14
C ASP A 175 -22.66 -40.38 14.65
N LEU A 176 -22.43 -41.53 13.99
CA LEU A 176 -22.46 -41.61 12.53
C LEU A 176 -23.91 -41.57 11.99
N CYS A 177 -24.89 -41.80 12.86
CA CYS A 177 -26.29 -41.78 12.47
C CYS A 177 -26.99 -40.45 12.80
N ALA A 178 -26.34 -39.46 13.41
CA ALA A 178 -26.99 -38.18 13.75
C ALA A 178 -26.97 -37.29 12.54
N VAL A 179 -27.80 -36.25 12.58
CA VAL A 179 -27.80 -35.25 11.54
C VAL A 179 -27.03 -34.09 12.07
N TYR A 180 -26.07 -33.63 11.29
CA TYR A 180 -25.26 -32.48 11.71
C TYR A 180 -25.54 -31.28 10.82
N ALA A 181 -25.36 -30.09 11.39
CA ALA A 181 -25.43 -28.86 10.67
C ALA A 181 -23.97 -28.40 10.59
N VAL A 182 -23.57 -27.81 9.45
CA VAL A 182 -22.18 -27.45 9.14
C VAL A 182 -22.16 -26.05 8.51
N GLN A 183 -21.25 -25.20 8.94
CA GLN A 183 -21.05 -23.92 8.25
C GLN A 183 -19.55 -23.69 8.14
N VAL A 184 -19.15 -22.93 7.11
CA VAL A 184 -17.76 -22.59 6.86
C VAL A 184 -17.65 -21.08 6.67
N ARG A 185 -16.60 -20.48 7.18
CA ARG A 185 -16.36 -19.09 6.81
C ARG A 185 -14.89 -18.98 6.47
N CYS A 186 -14.51 -17.88 5.87
CA CYS A 186 -13.11 -17.74 5.41
C CYS A 186 -12.55 -16.32 5.57
N LYS A 187 -11.23 -16.23 5.47
CA LYS A 187 -10.52 -14.93 5.61
C LYS A 187 -9.22 -15.03 4.84
N ARG A 188 -8.58 -13.92 4.52
CA ARG A 188 -7.30 -13.98 3.87
C ARG A 188 -6.32 -14.85 4.65
N LEU A 189 -5.50 -15.62 3.93
CA LEU A 189 -4.58 -16.54 4.61
C LEU A 189 -3.56 -15.67 5.38
N ASP A 190 -3.34 -14.49 4.89
CA ASP A 190 -2.37 -13.62 5.57
C ASP A 190 -2.93 -12.87 6.79
N GLY A 191 -4.19 -13.08 7.10
CA GLY A 191 -4.85 -12.54 8.28
C GLY A 191 -5.36 -11.11 8.14
N LEU A 192 -5.24 -10.48 6.97
CA LEU A 192 -5.70 -9.07 6.81
C LEU A 192 -7.20 -9.15 6.50
N GLY A 193 -7.92 -8.05 6.64
CA GLY A 193 -9.32 -7.96 6.27
C GLY A 193 -10.28 -8.60 7.27
N TYR A 194 -11.48 -8.90 6.82
CA TYR A 194 -12.53 -9.42 7.69
C TYR A 194 -12.74 -10.87 7.37
N TRP A 195 -13.30 -11.60 8.35
CA TRP A 195 -13.95 -12.88 8.09
C TRP A 195 -15.22 -12.70 7.28
N SER A 196 -15.49 -13.64 6.36
CA SER A 196 -16.79 -13.74 5.75
C SER A 196 -17.82 -14.04 6.80
N ASN A 197 -19.06 -13.74 6.48
CA ASN A 197 -20.19 -14.44 7.12
C ASN A 197 -19.98 -15.95 7.02
N TRP A 198 -20.58 -16.67 7.98
CA TRP A 198 -20.78 -18.10 7.91
C TRP A 198 -21.73 -18.42 6.74
N SER A 199 -21.35 -19.45 5.98
CA SER A 199 -22.21 -19.95 4.91
C SER A 199 -23.54 -20.42 5.45
N ASN A 200 -24.51 -20.48 4.55
CA ASN A 200 -25.81 -21.05 4.84
C ASN A 200 -25.58 -22.49 5.32
N PRO A 201 -26.30 -22.94 6.38
CA PRO A 201 -26.05 -24.27 6.92
C PRO A 201 -26.27 -25.37 5.89
N ALA A 202 -25.33 -26.30 5.81
CA ALA A 202 -25.48 -27.55 5.09
C ALA A 202 -25.84 -28.65 6.09
N TYR A 203 -26.67 -29.62 5.69
CA TYR A 203 -27.10 -30.69 6.58
C TYR A 203 -26.61 -32.04 6.07
N THR A 204 -26.16 -32.91 6.97
CA THR A 204 -25.57 -34.16 6.54
C THR A 204 -26.61 -35.04 5.96
N VAL A 205 -26.16 -35.82 4.98
CA VAL A 205 -26.82 -37.06 4.58
C VAL A 205 -25.78 -38.19 4.55
N VAL A 206 -26.26 -39.41 4.77
CA VAL A 206 -25.44 -40.62 4.94
C VAL A 206 -25.56 -41.55 3.73
N VAL B 3 25.97 4.93 -6.39
CA VAL B 3 26.23 3.45 -6.35
C VAL B 3 24.87 2.74 -6.24
N ASN B 4 24.00 3.09 -7.19
CA ASN B 4 22.62 2.61 -7.25
C ASN B 4 22.55 1.22 -7.91
N ILE B 5 21.80 0.29 -7.30
CA ILE B 5 21.61 -1.05 -7.83
C ILE B 5 20.10 -1.25 -7.95
N ASN B 6 19.59 -1.32 -9.17
CA ASN B 6 18.15 -1.43 -9.36
C ASN B 6 17.75 -2.88 -9.03
N ILE B 7 16.78 -3.03 -8.12
CA ILE B 7 16.10 -4.31 -7.87
C ILE B 7 14.66 -4.26 -8.47
N SER B 8 14.35 -5.09 -9.45
CA SER B 8 12.99 -5.07 -9.97
C SER B 8 12.34 -6.38 -9.61
N CYS B 9 11.03 -6.33 -9.44
CA CYS B 9 10.30 -7.48 -8.85
C CYS B 9 9.05 -7.78 -9.64
N GLU B 10 8.63 -9.04 -9.60
CA GLU B 10 7.39 -9.46 -10.24
C GLU B 10 6.74 -10.58 -9.46
N THR B 11 5.45 -10.47 -9.26
CA THR B 11 4.68 -11.43 -8.51
C THR B 11 3.99 -12.35 -9.52
N ASP B 12 4.04 -13.64 -9.26
CA ASP B 12 3.53 -14.58 -10.20
C ASP B 12 2.00 -14.54 -10.20
N GLY B 13 1.44 -15.10 -11.27
CA GLY B 13 0.01 -15.08 -11.47
C GLY B 13 -0.81 -15.90 -10.49
N TYR B 14 -0.18 -16.87 -9.85
CA TYR B 14 -0.87 -17.67 -8.82
C TYR B 14 -0.78 -17.00 -7.46
N LEU B 15 -0.05 -15.88 -7.37
CA LEU B 15 0.01 -15.13 -6.07
C LEU B 15 0.67 -15.98 -4.97
N THR B 16 1.66 -16.77 -5.35
CA THR B 16 2.39 -17.65 -4.44
C THR B 16 3.79 -17.13 -4.18
N LYS B 17 4.31 -16.29 -5.06
CA LYS B 17 5.67 -15.77 -4.93
C LYS B 17 5.92 -14.51 -5.69
N MET B 18 6.99 -13.83 -5.25
CA MET B 18 7.56 -12.65 -5.90
C MET B 18 9.03 -12.89 -6.16
N THR B 19 9.43 -12.66 -7.41
CA THR B 19 10.81 -12.85 -7.85
C THR B 19 11.44 -11.53 -8.20
N CYS B 20 12.58 -11.27 -7.61
CA CYS B 20 13.27 -10.02 -7.78
C CYS B 20 14.63 -10.30 -8.44
N ARG B 21 15.08 -9.36 -9.25
CA ARG B 21 16.35 -9.51 -10.00
C ARG B 21 17.16 -8.23 -9.86
N TRP B 22 18.46 -8.41 -9.80
CA TRP B 22 19.39 -7.29 -9.73
C TRP B 22 20.79 -7.68 -10.25
N SER B 23 21.59 -6.69 -10.62
CA SER B 23 22.87 -6.94 -11.34
C SER B 23 24.10 -6.22 -10.73
N THR B 24 25.28 -6.76 -11.02
CA THR B 24 26.53 -6.36 -10.35
C THR B 24 27.46 -5.36 -11.03
N SER B 25 27.07 -4.74 -12.16
CA SER B 25 27.90 -3.72 -12.85
C SER B 25 28.89 -2.93 -11.98
N THR B 26 28.44 -2.49 -10.79
CA THR B 26 29.32 -1.87 -9.75
C THR B 26 29.90 -2.90 -8.74
N SER B 33 35.10 -8.39 -2.39
CA SER B 33 33.86 -7.58 -2.34
C SER B 33 32.54 -8.40 -2.26
N THR B 34 32.10 -8.73 -1.03
CA THR B 34 30.97 -9.68 -0.77
C THR B 34 29.55 -9.01 -0.69
N LEU B 35 28.52 -9.71 -1.21
CA LEU B 35 27.18 -9.13 -1.46
C LEU B 35 26.06 -9.92 -0.79
N GLN B 36 25.13 -9.20 -0.16
CA GLN B 36 23.95 -9.78 0.47
C GLN B 36 22.69 -8.89 0.31
N LEU B 37 21.63 -9.46 -0.27
CA LEU B 37 20.29 -8.82 -0.32
C LEU B 37 19.65 -8.88 1.08
N ARG B 38 19.20 -7.73 1.55
CA ARG B 38 18.54 -7.54 2.81
C ARG B 38 17.14 -7.04 2.50
N TYR B 39 16.14 -7.47 3.30
CA TYR B 39 14.81 -6.86 3.25
C TYR B 39 14.21 -6.62 4.59
N HIS B 40 13.38 -5.59 4.63
CA HIS B 40 12.58 -5.21 5.76
C HIS B 40 11.11 -5.28 5.31
N ARG B 41 10.29 -6.06 5.98
CA ARG B 41 8.87 -6.06 5.66
C ARG B 41 8.10 -5.18 6.59
N SER B 42 7.27 -4.32 6.03
CA SER B 42 6.38 -3.57 6.84
C SER B 42 5.12 -4.34 7.30
N SER B 43 4.58 -3.93 8.47
CA SER B 43 3.24 -4.32 8.82
C SER B 43 2.23 -3.72 7.87
N LEU B 44 2.56 -2.58 7.26
CA LEU B 44 1.65 -1.93 6.30
C LEU B 44 2.43 -1.79 5.01
N TYR B 45 2.44 -0.59 4.38
CA TYR B 45 2.75 -0.52 2.97
C TYR B 45 4.16 0.09 2.76
N CYS B 46 4.32 0.95 1.76
CA CYS B 46 5.60 1.61 1.49
C CYS B 46 5.38 3.09 1.82
N SER B 47 6.27 3.67 2.62
CA SER B 47 6.22 5.10 2.96
C SER B 47 6.53 6.03 1.75
N ASP B 48 6.36 7.33 1.97
CA ASP B 48 6.61 8.36 0.95
C ASP B 48 8.00 8.19 0.41
N ILE B 49 8.99 7.98 1.29
CA ILE B 49 10.41 7.89 0.93
C ILE B 49 10.97 6.59 1.50
N PRO B 50 11.50 5.69 0.64
CA PRO B 50 12.08 4.48 1.26
C PRO B 50 13.36 4.72 2.11
N SER B 51 13.64 3.82 3.04
CA SER B 51 14.80 4.05 3.94
C SER B 51 15.41 2.72 4.33
N ILE B 52 16.69 2.74 4.72
CA ILE B 52 17.34 1.61 5.36
C ILE B 52 16.69 1.42 6.75
N HIS B 53 16.39 0.17 7.12
CA HIS B 53 15.87 -0.14 8.46
C HIS B 53 16.86 -0.97 9.26
N PRO B 54 17.01 -0.69 10.55
CA PRO B 54 17.93 -1.55 11.32
C PRO B 54 17.45 -3.01 11.39
N ILE B 55 16.14 -3.23 11.30
CA ILE B 55 15.61 -4.62 11.35
C ILE B 55 15.37 -5.11 9.94
N SER B 56 16.11 -6.15 9.57
CA SER B 56 15.97 -6.81 8.26
C SER B 56 16.35 -8.28 8.33
N GLU B 57 16.02 -9.04 7.28
CA GLU B 57 16.55 -10.38 7.08
C GLU B 57 17.36 -10.45 5.77
N PRO B 58 18.36 -11.35 5.74
CA PRO B 58 18.98 -11.72 4.47
C PRO B 58 18.07 -12.58 3.61
N LYS B 59 18.24 -12.44 2.30
CA LYS B 59 17.58 -13.24 1.30
C LYS B 59 18.71 -13.75 0.38
N ASP B 60 18.74 -15.06 0.20
CA ASP B 60 19.65 -15.67 -0.75
C ASP B 60 19.11 -15.57 -2.17
N CYS B 61 20.03 -15.44 -3.11
CA CYS B 61 19.72 -15.35 -4.53
C CYS B 61 20.54 -16.35 -5.38
N TYR B 62 20.16 -16.45 -6.64
CA TYR B 62 20.76 -17.37 -7.58
C TYR B 62 21.32 -16.61 -8.75
N LEU B 63 22.63 -16.71 -8.97
CA LEU B 63 23.26 -16.04 -10.10
C LEU B 63 22.82 -16.68 -11.40
N GLN B 64 22.26 -15.92 -12.36
CA GLN B 64 21.82 -16.53 -13.60
C GLN B 64 22.95 -16.34 -14.62
N SER B 65 22.90 -17.12 -15.69
CA SER B 65 23.96 -17.03 -16.73
C SER B 65 24.07 -15.61 -17.32
N ASP B 66 22.98 -14.83 -17.32
CA ASP B 66 23.10 -13.44 -17.80
C ASP B 66 23.76 -12.41 -16.81
N GLY B 67 24.46 -12.87 -15.77
CA GLY B 67 25.03 -11.93 -14.78
C GLY B 67 24.03 -11.25 -13.77
N PHE B 68 22.73 -11.52 -13.90
CA PHE B 68 21.75 -11.06 -12.86
C PHE B 68 21.50 -12.08 -11.74
N TYR B 69 21.38 -11.61 -10.51
CA TYR B 69 20.86 -12.44 -9.41
C TYR B 69 19.31 -12.47 -9.44
N GLU B 70 18.75 -13.63 -9.22
CA GLU B 70 17.30 -13.80 -9.03
C GLU B 70 17.04 -14.31 -7.59
N CYS B 71 16.08 -13.69 -6.90
CA CYS B 71 15.78 -13.95 -5.47
C CYS B 71 14.30 -14.21 -5.42
N ILE B 72 13.90 -15.33 -4.82
CA ILE B 72 12.49 -15.69 -4.73
C ILE B 72 11.98 -15.53 -3.31
N PHE B 73 10.90 -14.75 -3.16
CA PHE B 73 10.18 -14.61 -1.87
C PHE B 73 8.93 -15.44 -1.94
N GLN B 74 8.87 -16.46 -1.10
CA GLN B 74 7.75 -17.38 -1.17
C GLN B 74 7.55 -18.10 0.15
N PRO B 75 6.31 -18.10 0.70
CA PRO B 75 5.15 -17.38 0.13
C PRO B 75 5.31 -15.84 0.31
N ILE B 76 4.38 -15.07 -0.27
CA ILE B 76 4.58 -13.64 -0.42
C ILE B 76 3.48 -12.97 0.35
N PHE B 77 3.80 -11.91 1.08
CA PHE B 77 2.78 -11.17 1.75
C PHE B 77 2.37 -9.99 0.79
N LEU B 78 1.18 -10.10 0.21
CA LEU B 78 0.83 -9.27 -0.95
C LEU B 78 0.60 -7.84 -0.63
N LEU B 79 0.15 -7.57 0.58
CA LEU B 79 -0.07 -6.17 1.04
C LEU B 79 0.94 -5.70 2.09
N SER B 80 2.07 -6.35 2.17
CA SER B 80 3.18 -5.92 3.03
C SER B 80 4.22 -5.21 2.16
N GLY B 81 4.63 -4.01 2.54
CA GLY B 81 5.71 -3.37 1.80
C GLY B 81 7.10 -3.97 2.08
N TYR B 82 7.76 -4.44 1.03
CA TYR B 82 9.07 -5.00 1.18
C TYR B 82 10.08 -3.95 0.74
N THR B 83 10.84 -3.44 1.70
CA THR B 83 11.92 -2.57 1.39
C THR B 83 13.23 -3.39 1.27
N MET B 84 13.96 -3.16 0.18
CA MET B 84 15.14 -3.98 -0.14
C MET B 84 16.33 -3.13 -0.54
N TRP B 85 17.51 -3.64 -0.24
CA TRP B 85 18.77 -3.03 -0.53
C TRP B 85 19.87 -4.12 -0.53
N ILE B 86 21.04 -3.76 -1.03
CA ILE B 86 22.16 -4.74 -1.10
C ILE B 86 23.17 -4.27 -0.09
N ARG B 87 23.58 -5.17 0.80
CA ARG B 87 24.65 -4.89 1.73
C ARG B 87 25.94 -5.36 1.05
N ILE B 88 26.89 -4.44 0.93
CA ILE B 88 28.17 -4.66 0.20
C ILE B 88 29.28 -4.65 1.24
N ASN B 89 29.92 -5.80 1.49
CA ASN B 89 31.07 -5.84 2.43
C ASN B 89 32.39 -5.91 1.67
N HIS B 90 33.37 -5.11 2.05
CA HIS B 90 34.74 -5.31 1.54
C HIS B 90 35.79 -4.66 2.44
N SER B 91 37.07 -4.93 2.12
CA SER B 91 38.19 -4.15 2.67
C SER B 91 38.05 -3.98 4.19
N LEU B 92 38.10 -2.72 4.64
CA LEU B 92 37.79 -2.36 6.03
C LEU B 92 36.51 -1.50 5.95
N GLY B 93 35.46 -2.01 5.29
CA GLY B 93 34.31 -1.20 4.94
C GLY B 93 33.04 -1.95 4.58
N SER B 94 31.92 -1.45 5.12
CA SER B 94 30.61 -1.99 4.82
C SER B 94 29.63 -0.86 4.45
N LEU B 95 28.89 -1.06 3.34
CA LEU B 95 27.94 -0.07 2.78
C LEU B 95 26.62 -0.74 2.31
N ASP B 96 25.55 0.06 2.32
CA ASP B 96 24.19 -0.36 1.83
C ASP B 96 23.84 0.43 0.55
N SER B 97 23.42 -0.24 -0.53
CA SER B 97 22.89 0.45 -1.69
C SER B 97 21.57 1.18 -1.33
N PRO B 98 21.13 2.12 -2.17
CA PRO B 98 19.91 2.89 -1.90
C PRO B 98 18.70 1.97 -1.86
N PRO B 99 17.85 2.12 -0.86
CA PRO B 99 16.71 1.23 -0.71
C PRO B 99 15.61 1.54 -1.60
N THR B 100 14.82 0.53 -1.96
CA THR B 100 13.57 0.79 -2.62
C THR B 100 12.50 -0.16 -2.04
N CYS B 101 11.26 0.25 -2.09
CA CYS B 101 10.10 -0.53 -1.52
C CYS B 101 9.07 -0.89 -2.58
N VAL B 102 8.56 -2.12 -2.50
CA VAL B 102 7.57 -2.64 -3.42
C VAL B 102 6.46 -3.25 -2.62
N LEU B 103 5.21 -2.99 -2.99
CA LEU B 103 4.06 -3.70 -2.51
C LEU B 103 3.77 -4.88 -3.50
N PRO B 104 3.90 -6.12 -3.04
CA PRO B 104 3.90 -7.19 -4.05
C PRO B 104 2.64 -7.33 -4.89
N ASP B 105 1.49 -7.00 -4.34
CA ASP B 105 0.23 -7.00 -5.13
C ASP B 105 0.26 -5.99 -6.33
N SER B 106 1.18 -5.00 -6.32
CA SER B 106 1.21 -3.98 -7.40
C SER B 106 2.09 -4.42 -8.55
N VAL B 107 2.80 -5.54 -8.42
CA VAL B 107 3.69 -6.00 -9.48
C VAL B 107 3.38 -7.42 -9.96
N VAL B 108 2.08 -7.80 -9.90
CA VAL B 108 1.60 -9.09 -10.37
C VAL B 108 1.54 -9.15 -11.91
N LYS B 109 1.96 -10.28 -12.47
CA LYS B 109 1.78 -10.55 -13.87
C LYS B 109 0.71 -11.61 -13.91
N PRO B 110 -0.48 -11.25 -14.36
CA PRO B 110 -1.57 -12.21 -14.31
C PRO B 110 -1.32 -13.36 -15.25
N LEU B 111 -1.93 -14.50 -14.96
CA LEU B 111 -1.97 -15.63 -15.93
C LEU B 111 -2.68 -15.23 -17.23
N PRO B 112 -2.24 -15.78 -18.37
CA PRO B 112 -3.00 -15.47 -19.54
C PRO B 112 -4.45 -15.93 -19.46
N PRO B 113 -5.32 -15.33 -20.28
CA PRO B 113 -6.65 -15.95 -20.41
C PRO B 113 -6.59 -17.41 -20.91
N SER B 114 -7.60 -18.17 -20.50
CA SER B 114 -7.59 -19.61 -20.72
C SER B 114 -8.66 -20.04 -21.71
N SER B 115 -8.38 -21.14 -22.40
CA SER B 115 -9.35 -21.79 -23.31
C SER B 115 -10.05 -20.73 -24.16
N VAL B 116 -9.22 -20.09 -24.96
CA VAL B 116 -9.67 -19.10 -25.94
C VAL B 116 -10.29 -19.88 -27.10
N LYS B 117 -11.44 -19.40 -27.62
CA LYS B 117 -12.09 -20.04 -28.77
C LYS B 117 -12.44 -18.95 -29.75
N ALA B 118 -12.30 -19.26 -31.05
CA ALA B 118 -12.57 -18.33 -32.10
C ALA B 118 -13.45 -19.04 -33.13
N GLU B 119 -14.57 -18.43 -33.52
CA GLU B 119 -15.53 -19.08 -34.42
C GLU B 119 -16.24 -18.03 -35.30
N ILE B 120 -16.27 -18.26 -36.60
CA ILE B 120 -16.98 -17.34 -37.50
C ILE B 120 -18.47 -17.71 -37.44
N THR B 121 -19.28 -16.67 -37.23
CA THR B 121 -20.70 -16.76 -37.04
C THR B 121 -21.24 -16.32 -38.40
N ILE B 122 -21.46 -17.28 -39.31
CA ILE B 122 -21.64 -16.95 -40.78
C ILE B 122 -22.84 -16.00 -41.08
N ASN B 123 -23.89 -16.07 -40.29
CA ASN B 123 -25.07 -15.24 -40.50
C ASN B 123 -24.95 -13.72 -40.11
N ILE B 124 -24.01 -13.37 -39.22
CA ILE B 124 -23.97 -12.01 -38.60
C ILE B 124 -23.28 -10.82 -39.30
N GLY B 125 -22.11 -10.93 -39.96
CA GLY B 125 -21.25 -12.15 -40.09
C GLY B 125 -19.85 -11.87 -39.52
N LEU B 126 -19.65 -12.29 -38.25
CA LEU B 126 -18.47 -11.86 -37.50
C LEU B 126 -17.65 -13.02 -36.91
N LEU B 127 -16.42 -12.68 -36.55
CA LEU B 127 -15.54 -13.55 -35.76
C LEU B 127 -15.86 -13.40 -34.28
N LYS B 128 -16.22 -14.48 -33.61
CA LYS B 128 -16.63 -14.43 -32.21
C LYS B 128 -15.53 -15.06 -31.41
N ILE B 129 -14.98 -14.28 -30.50
CA ILE B 129 -13.88 -14.73 -29.68
C ILE B 129 -14.36 -14.80 -28.24
N SER B 130 -14.01 -15.88 -27.55
CA SER B 130 -14.31 -16.02 -26.13
C SER B 130 -13.16 -16.72 -25.37
N TRP B 131 -13.32 -16.76 -24.05
CA TRP B 131 -12.32 -17.23 -23.10
C TRP B 131 -12.99 -17.18 -21.71
N GLU B 132 -12.37 -17.79 -20.69
CA GLU B 132 -12.94 -17.83 -19.31
C GLU B 132 -13.08 -16.47 -18.63
N ASN B 139 -8.89 -10.51 -9.58
CA ASN B 139 -9.90 -9.44 -9.58
C ASN B 139 -10.27 -8.97 -11.03
N ASN B 140 -10.53 -7.68 -11.24
CA ASN B 140 -11.15 -7.17 -12.50
C ASN B 140 -10.13 -6.80 -13.57
N LEU B 141 -10.38 -7.20 -14.81
CA LEU B 141 -9.36 -7.17 -15.86
C LEU B 141 -9.77 -6.35 -17.05
N GLN B 142 -8.80 -5.80 -17.74
CA GLN B 142 -9.02 -5.34 -19.11
C GLN B 142 -8.32 -6.33 -20.03
N PHE B 143 -8.72 -6.36 -21.29
CA PHE B 143 -8.23 -7.36 -22.26
C PHE B 143 -7.85 -6.70 -23.56
N GLN B 144 -6.76 -7.21 -24.14
CA GLN B 144 -6.41 -7.00 -25.51
C GLN B 144 -6.50 -8.31 -26.31
N ILE B 145 -7.05 -8.19 -27.50
CA ILE B 145 -7.14 -9.28 -28.45
C ILE B 145 -6.23 -8.93 -29.62
N ARG B 146 -5.47 -9.87 -30.12
CA ARG B 146 -4.92 -9.69 -31.44
C ARG B 146 -5.40 -10.81 -32.35
N TYR B 147 -5.74 -10.48 -33.59
CA TYR B 147 -6.11 -11.50 -34.59
C TYR B 147 -5.66 -11.15 -35.98
N GLY B 148 -5.41 -12.18 -36.78
CA GLY B 148 -5.17 -11.98 -38.24
C GLY B 148 -5.17 -13.32 -38.94
N LEU B 149 -5.02 -13.28 -40.27
CA LEU B 149 -4.92 -14.50 -41.08
C LEU B 149 -3.74 -15.31 -40.60
N SER B 150 -3.98 -16.59 -40.30
CA SER B 150 -2.89 -17.48 -39.87
C SER B 150 -1.89 -17.72 -40.98
N GLY B 151 -0.66 -18.05 -40.60
CA GLY B 151 0.42 -18.23 -41.56
C GLY B 151 1.71 -18.06 -40.80
N LYS B 152 2.84 -18.16 -41.50
CA LYS B 152 4.17 -18.13 -40.86
C LYS B 152 4.39 -16.86 -40.02
N GLU B 153 4.10 -15.69 -40.62
CA GLU B 153 4.25 -14.38 -39.96
C GLU B 153 2.94 -13.59 -40.06
N VAL B 154 2.14 -13.66 -38.98
CA VAL B 154 0.80 -13.06 -38.96
C VAL B 154 0.91 -11.52 -38.90
N GLN B 155 0.07 -10.83 -39.66
CA GLN B 155 -0.16 -9.39 -39.51
C GLN B 155 -1.40 -9.13 -38.62
N TRP B 156 -1.12 -8.73 -37.40
CA TRP B 156 -2.13 -8.68 -36.37
C TRP B 156 -2.92 -7.36 -36.39
N LYS B 157 -4.23 -7.43 -36.14
CA LYS B 157 -5.01 -6.25 -35.77
C LYS B 157 -5.24 -6.38 -34.25
N MET B 158 -5.16 -5.30 -33.51
CA MET B 158 -5.30 -5.37 -32.07
C MET B 158 -6.62 -4.75 -31.71
N TYR B 159 -7.33 -5.27 -30.73
CA TYR B 159 -8.58 -4.63 -30.25
C TYR B 159 -8.60 -4.67 -28.71
N GLU B 160 -9.18 -3.63 -28.07
CA GLU B 160 -9.22 -3.51 -26.58
C GLU B 160 -10.61 -3.77 -26.01
N VAL B 161 -10.72 -4.50 -24.89
CA VAL B 161 -12.00 -4.64 -24.14
C VAL B 161 -11.97 -4.07 -22.67
N SER B 168 -16.57 -12.64 -24.33
CA SER B 168 -17.07 -12.86 -25.69
C SER B 168 -17.30 -11.56 -26.52
N VAL B 169 -16.54 -11.40 -27.60
CA VAL B 169 -16.79 -10.28 -28.53
C VAL B 169 -16.75 -10.76 -29.98
N SER B 170 -17.37 -9.98 -30.87
CA SER B 170 -17.57 -10.34 -32.24
C SER B 170 -17.00 -9.21 -33.08
N LEU B 171 -15.97 -9.51 -33.89
CA LEU B 171 -15.20 -8.50 -34.62
C LEU B 171 -15.25 -8.72 -36.12
N PRO B 172 -15.12 -7.62 -36.90
CA PRO B 172 -15.20 -7.75 -38.35
C PRO B 172 -13.94 -8.36 -38.93
N VAL B 173 -14.13 -9.13 -40.01
CA VAL B 173 -13.02 -9.76 -40.73
C VAL B 173 -13.17 -9.56 -42.23
N PRO B 174 -12.03 -9.51 -42.91
CA PRO B 174 -11.98 -9.29 -44.34
C PRO B 174 -12.60 -10.46 -45.19
N ASP B 175 -12.67 -11.68 -44.64
CA ASP B 175 -13.03 -12.87 -45.43
C ASP B 175 -13.56 -13.92 -44.48
N LEU B 176 -14.88 -14.20 -44.55
CA LEU B 176 -15.53 -15.16 -43.63
C LEU B 176 -15.11 -16.66 -43.81
N CYS B 177 -14.44 -16.98 -44.91
CA CYS B 177 -14.04 -18.33 -45.19
C CYS B 177 -12.57 -18.55 -44.92
N ALA B 178 -11.84 -17.53 -44.45
CA ALA B 178 -10.44 -17.70 -44.11
C ALA B 178 -10.25 -18.23 -42.71
N VAL B 179 -9.05 -18.74 -42.45
CA VAL B 179 -8.74 -19.23 -41.13
C VAL B 179 -8.01 -18.11 -40.35
N TYR B 180 -8.47 -17.84 -39.14
CA TYR B 180 -7.86 -16.75 -38.30
C TYR B 180 -7.17 -17.34 -37.09
N ALA B 181 -6.01 -16.77 -36.74
CA ALA B 181 -5.36 -16.98 -35.46
C ALA B 181 -5.79 -15.84 -34.50
N VAL B 182 -5.93 -16.17 -33.24
CA VAL B 182 -6.42 -15.24 -32.21
C VAL B 182 -5.68 -15.50 -30.91
N GLN B 183 -5.26 -14.42 -30.29
CA GLN B 183 -4.66 -14.49 -28.94
C GLN B 183 -5.18 -13.32 -28.11
N VAL B 184 -5.25 -13.55 -26.81
CA VAL B 184 -5.80 -12.62 -25.87
C VAL B 184 -4.82 -12.49 -24.72
N ARG B 185 -4.64 -11.26 -24.23
CA ARG B 185 -3.91 -11.02 -22.95
C ARG B 185 -4.69 -10.08 -22.07
N CYS B 186 -4.29 -9.98 -20.80
CA CYS B 186 -5.11 -9.26 -19.85
C CYS B 186 -4.25 -8.48 -18.86
N LYS B 187 -4.83 -7.43 -18.30
CA LYS B 187 -4.15 -6.59 -17.29
C LYS B 187 -5.20 -6.11 -16.29
N ARG B 188 -4.79 -5.77 -15.08
CA ARG B 188 -5.71 -5.21 -14.10
C ARG B 188 -6.45 -4.03 -14.76
N LEU B 189 -7.76 -3.93 -14.56
CA LEU B 189 -8.55 -2.81 -15.05
C LEU B 189 -8.04 -1.45 -14.57
N ASP B 190 -7.49 -1.41 -13.37
CA ASP B 190 -7.02 -0.15 -12.84
C ASP B 190 -5.63 0.20 -13.34
N GLY B 191 -5.07 -0.60 -14.24
CA GLY B 191 -3.82 -0.25 -14.92
C GLY B 191 -2.55 -0.55 -14.14
N LEU B 192 -2.64 -1.19 -12.96
CA LEU B 192 -1.49 -1.52 -12.19
C LEU B 192 -0.94 -2.87 -12.69
N GLY B 193 0.29 -3.13 -12.30
CA GLY B 193 1.05 -4.36 -12.56
C GLY B 193 1.41 -4.53 -14.02
N TYR B 194 1.60 -5.80 -14.40
CA TYR B 194 2.03 -6.16 -15.77
C TYR B 194 0.88 -6.72 -16.62
N TRP B 195 1.05 -6.65 -17.94
CA TRP B 195 0.28 -7.45 -18.89
C TRP B 195 0.61 -8.93 -18.72
N SER B 196 -0.41 -9.78 -18.77
CA SER B 196 -0.12 -11.22 -18.94
C SER B 196 0.64 -11.45 -20.26
N ASN B 197 1.23 -12.64 -20.38
CA ASN B 197 1.56 -13.15 -21.73
C ASN B 197 0.30 -13.32 -22.56
N TRP B 198 0.52 -13.43 -23.87
CA TRP B 198 -0.56 -13.74 -24.80
C TRP B 198 -0.93 -15.20 -24.59
N SER B 199 -2.22 -15.49 -24.59
CA SER B 199 -2.69 -16.87 -24.63
C SER B 199 -2.08 -17.61 -25.81
N ASN B 200 -1.94 -18.92 -25.66
CA ASN B 200 -1.71 -19.80 -26.81
C ASN B 200 -2.74 -19.54 -27.92
N PRO B 201 -2.26 -19.43 -29.17
CA PRO B 201 -3.16 -19.09 -30.26
C PRO B 201 -4.35 -20.06 -30.38
N ALA B 202 -5.55 -19.52 -30.60
CA ALA B 202 -6.71 -20.25 -31.11
C ALA B 202 -6.86 -20.01 -32.61
N TYR B 203 -7.38 -20.99 -33.33
CA TYR B 203 -7.63 -20.91 -34.74
C TYR B 203 -9.14 -21.14 -34.97
N THR B 204 -9.71 -20.48 -35.96
CA THR B 204 -11.16 -20.53 -36.17
C THR B 204 -11.66 -21.86 -36.73
N GLU C 2 -5.73 0.59 -23.69
CA GLU C 2 -4.72 1.55 -23.19
C GLU C 2 -5.42 2.97 -23.05
N VAL C 3 -5.02 3.78 -22.07
CA VAL C 3 -5.56 5.12 -21.86
C VAL C 3 -5.23 5.96 -23.08
N LYS C 4 -6.19 6.65 -23.67
CA LYS C 4 -5.92 7.64 -24.75
C LYS C 4 -6.80 8.85 -24.57
N LEU C 5 -6.25 10.04 -24.83
CA LEU C 5 -6.96 11.30 -24.88
C LEU C 5 -6.61 11.96 -26.27
N LEU C 6 -7.60 12.58 -26.90
CA LEU C 6 -7.45 13.19 -28.24
C LEU C 6 -8.32 14.42 -28.30
N GLU C 7 -7.68 15.56 -28.46
CA GLU C 7 -8.30 16.85 -28.53
C GLU C 7 -8.77 17.15 -29.97
N SER C 8 -9.94 17.74 -30.11
CA SER C 8 -10.41 18.31 -31.37
C SER C 8 -10.84 19.74 -31.16
N GLY C 9 -10.17 20.63 -31.86
CA GLY C 9 -10.40 22.06 -31.74
C GLY C 9 -10.42 22.74 -33.10
N PRO C 10 -10.51 24.07 -33.13
CA PRO C 10 -10.70 24.87 -34.36
C PRO C 10 -9.46 25.32 -35.13
N GLY C 11 -8.26 25.19 -34.58
CA GLY C 11 -7.08 25.67 -35.27
C GLY C 11 -6.90 27.18 -35.16
N LEU C 12 -7.97 27.93 -35.47
CA LEU C 12 -7.97 29.39 -35.55
C LEU C 12 -9.14 29.98 -34.77
N VAL C 13 -8.85 31.01 -34.01
CA VAL C 13 -9.89 31.77 -33.31
C VAL C 13 -9.66 33.22 -33.59
N ALA C 14 -10.70 33.96 -33.97
CA ALA C 14 -10.48 35.40 -34.14
C ALA C 14 -10.49 36.09 -32.79
N PRO C 15 -9.73 37.18 -32.66
CA PRO C 15 -9.73 37.97 -31.43
C PRO C 15 -11.13 38.37 -30.95
N SER C 16 -11.31 38.22 -29.63
CA SER C 16 -12.50 38.45 -28.84
C SER C 16 -13.50 37.33 -29.02
N GLU C 17 -13.26 36.34 -29.89
CA GLU C 17 -14.19 35.21 -29.98
C GLU C 17 -13.71 34.07 -29.03
N SER C 18 -14.46 33.00 -29.01
CA SER C 18 -14.33 31.94 -28.00
C SER C 18 -13.67 30.70 -28.61
N LEU C 19 -12.96 29.98 -27.73
CA LEU C 19 -12.32 28.68 -28.06
C LEU C 19 -13.17 27.55 -27.47
N SER C 20 -13.62 26.57 -28.28
CA SER C 20 -14.17 25.32 -27.79
C SER C 20 -13.35 24.11 -28.24
N ILE C 21 -13.01 23.23 -27.27
CA ILE C 21 -12.21 22.05 -27.59
C ILE C 21 -12.86 20.92 -26.92
N THR C 22 -13.02 19.83 -27.67
CA THR C 22 -13.40 18.54 -27.15
C THR C 22 -12.23 17.55 -26.92
N CYS C 23 -12.17 16.95 -25.74
CA CYS C 23 -11.16 15.88 -25.43
C CYS C 23 -11.96 14.57 -25.30
N THR C 24 -11.72 13.65 -26.26
CA THR C 24 -12.38 12.36 -26.28
C THR C 24 -11.42 11.40 -25.66
N ILE C 25 -11.89 10.66 -24.67
CA ILE C 25 -11.00 9.70 -23.94
C ILE C 25 -11.40 8.26 -24.13
N SER C 26 -10.44 7.34 -23.95
CA SER C 26 -10.79 5.94 -23.91
C SER C 26 -9.86 5.24 -22.98
N GLY C 27 -10.25 4.04 -22.57
CA GLY C 27 -9.50 3.19 -21.64
C GLY C 27 -9.60 3.58 -20.16
N PHE C 28 -10.49 4.53 -19.83
CA PHE C 28 -10.84 4.78 -18.43
C PHE C 28 -12.16 5.48 -18.40
N SER C 29 -12.72 5.70 -17.22
CA SER C 29 -13.97 6.45 -17.09
C SER C 29 -13.76 7.76 -16.48
N LEU C 30 -14.47 8.75 -17.03
CA LEU C 30 -14.35 10.15 -16.53
C LEU C 30 -14.85 10.26 -15.11
N THR C 31 -15.72 9.36 -14.69
CA THR C 31 -16.18 9.41 -13.32
C THR C 31 -15.24 8.80 -12.31
N ASP C 32 -14.15 8.17 -12.74
CA ASP C 32 -13.14 7.64 -11.80
C ASP C 32 -11.92 8.53 -11.65
N ASP C 33 -11.68 9.36 -12.63
CA ASP C 33 -10.49 10.23 -12.49
C ASP C 33 -10.66 11.58 -13.12
N GLY C 34 -9.83 12.52 -12.69
CA GLY C 34 -9.97 13.85 -13.25
C GLY C 34 -9.28 14.04 -14.60
N VAL C 35 -9.72 15.08 -15.31
CA VAL C 35 -9.06 15.49 -16.57
C VAL C 35 -8.81 17.00 -16.49
N SER C 36 -7.57 17.40 -16.75
CA SER C 36 -7.19 18.79 -16.70
C SER C 36 -7.00 19.34 -18.15
N TRP C 37 -6.95 20.66 -18.27
CA TRP C 37 -6.48 21.38 -19.49
C TRP C 37 -5.29 22.23 -19.14
N ILE C 38 -4.30 22.14 -20.01
CA ILE C 38 -3.02 22.78 -19.87
C ILE C 38 -2.68 23.41 -21.21
N ARG C 39 -2.01 24.57 -21.24
CA ARG C 39 -1.60 25.04 -22.53
C ARG C 39 -0.13 25.37 -22.57
N GLN C 40 0.44 25.34 -23.75
CA GLN C 40 1.85 25.58 -23.91
C GLN C 40 2.03 26.69 -24.93
N PRO C 41 2.26 27.93 -24.49
CA PRO C 41 2.44 28.99 -25.48
C PRO C 41 3.83 28.90 -26.12
N PRO C 42 3.98 29.37 -27.36
CA PRO C 42 5.22 29.24 -28.14
C PRO C 42 6.35 29.77 -27.33
N GLY C 43 7.33 28.91 -27.08
CA GLY C 43 8.51 29.33 -26.34
C GLY C 43 8.36 29.55 -24.84
N LYS C 44 7.20 29.26 -24.24
CA LYS C 44 7.01 29.54 -22.83
C LYS C 44 6.69 28.26 -22.05
N GLY C 45 6.57 28.38 -20.73
CA GLY C 45 6.31 27.29 -19.85
C GLY C 45 4.82 26.86 -19.94
N LEU C 46 4.60 25.59 -19.65
CA LEU C 46 3.26 25.08 -19.44
C LEU C 46 2.46 25.84 -18.37
N GLU C 47 1.15 25.98 -18.66
CA GLU C 47 0.23 26.69 -17.84
C GLU C 47 -1.05 25.91 -17.63
N TRP C 48 -1.33 25.53 -16.37
CA TRP C 48 -2.52 24.73 -16.06
C TRP C 48 -3.72 25.62 -16.06
N LEU C 49 -4.78 25.21 -16.72
CA LEU C 49 -5.95 26.09 -16.88
C LEU C 49 -7.07 25.69 -15.87
N GLY C 50 -7.35 24.37 -15.78
CA GLY C 50 -8.29 23.87 -14.78
C GLY C 50 -8.48 22.36 -14.89
N VAL C 51 -9.28 21.81 -13.99
CA VAL C 51 -9.63 20.34 -13.92
C VAL C 51 -11.07 20.17 -13.62
N ILE C 52 -11.58 19.09 -14.19
CA ILE C 52 -12.87 18.53 -13.76
C ILE C 52 -12.62 17.14 -13.17
N TRP C 53 -12.85 17.04 -11.84
CA TRP C 53 -12.53 15.83 -11.07
C TRP C 53 -13.54 14.76 -11.39
N GLY C 54 -13.17 13.54 -11.03
CA GLY C 54 -14.05 12.36 -11.22
C GLY C 54 -15.48 12.52 -10.71
N GLY C 55 -15.62 13.17 -9.57
CA GLY C 55 -16.97 13.38 -8.96
C GLY C 55 -17.66 14.63 -9.52
N GLY C 56 -16.92 15.43 -10.32
CA GLY C 56 -17.53 16.48 -11.08
C GLY C 56 -17.20 17.87 -10.63
N SER C 57 -16.60 18.04 -9.49
CA SER C 57 -16.22 19.40 -9.06
C SER C 57 -15.15 19.92 -10.00
N THR C 58 -15.18 21.24 -10.23
CA THR C 58 -14.30 21.91 -11.14
C THR C 58 -13.56 22.99 -10.45
N TYR C 59 -12.25 22.98 -10.65
CA TYR C 59 -11.33 24.06 -10.10
C TYR C 59 -10.60 24.68 -11.23
N PHE C 60 -10.55 26.03 -11.26
CA PHE C 60 -9.86 26.73 -12.30
C PHE C 60 -8.68 27.49 -11.77
N ASN C 61 -7.73 27.75 -12.64
CA ASN C 61 -6.63 28.63 -12.31
C ASN C 61 -7.29 30.01 -12.20
N SER C 62 -7.02 30.69 -11.11
CA SER C 62 -7.51 32.06 -10.85
C SER C 62 -7.33 32.99 -12.04
N LEU C 63 -6.19 32.87 -12.72
CA LEU C 63 -5.94 33.66 -13.92
C LEU C 63 -6.98 33.50 -15.03
N PHE C 64 -7.76 32.41 -15.06
CA PHE C 64 -8.70 32.15 -16.16
C PHE C 64 -10.13 31.96 -15.68
N LYS C 65 -10.40 32.06 -14.39
CA LYS C 65 -11.75 31.71 -13.92
C LYS C 65 -12.84 32.65 -14.44
N SER C 66 -12.50 33.88 -14.81
CA SER C 66 -13.52 34.77 -15.31
C SER C 66 -14.05 34.28 -16.67
N ARG C 67 -13.31 33.43 -17.37
CA ARG C 67 -13.67 33.11 -18.75
C ARG C 67 -13.60 31.64 -19.19
N LEU C 68 -13.46 30.72 -18.28
CA LEU C 68 -13.37 29.27 -18.60
C LEU C 68 -14.63 28.54 -18.23
N SER C 69 -14.96 27.51 -19.00
CA SER C 69 -15.90 26.50 -18.55
C SER C 69 -15.24 25.14 -18.85
N ILE C 70 -15.35 24.20 -17.93
CA ILE C 70 -15.05 22.78 -18.21
C ILE C 70 -16.24 21.96 -17.83
N THR C 71 -16.71 21.14 -18.74
CA THR C 71 -17.89 20.29 -18.56
C THR C 71 -17.58 18.98 -19.22
N ARG C 72 -18.50 18.02 -19.13
CA ARG C 72 -18.24 16.75 -19.74
C ARG C 72 -19.52 16.04 -20.03
N ASP C 73 -19.40 14.99 -20.80
CA ASP C 73 -20.52 14.08 -21.09
C ASP C 73 -19.97 12.66 -20.91
N ASN C 74 -20.24 12.09 -19.73
CA ASN C 74 -19.66 10.79 -19.33
C ASN C 74 -20.04 9.73 -20.30
N SER C 75 -21.28 9.81 -20.80
CA SER C 75 -21.82 8.79 -21.68
C SER C 75 -21.04 8.76 -22.98
N LYS C 76 -20.48 9.90 -23.41
CA LYS C 76 -19.72 9.96 -24.67
C LYS C 76 -18.20 10.01 -24.40
N SER C 77 -17.81 9.98 -23.14
CA SER C 77 -16.36 9.94 -22.81
C SER C 77 -15.67 11.20 -23.38
N GLN C 78 -16.36 12.33 -23.23
CA GLN C 78 -15.83 13.68 -23.66
C GLN C 78 -15.81 14.66 -22.53
N VAL C 79 -14.75 15.47 -22.55
CA VAL C 79 -14.55 16.61 -21.69
C VAL C 79 -14.39 17.86 -22.61
N PHE C 80 -15.05 18.95 -22.25
CA PHE C 80 -15.16 20.12 -23.12
C PHE C 80 -14.54 21.28 -22.45
N LEU C 81 -13.67 21.97 -23.16
CA LEU C 81 -13.19 23.23 -22.75
C LEU C 81 -13.88 24.36 -23.49
N GLU C 82 -14.27 25.42 -22.77
CA GLU C 82 -14.59 26.73 -23.40
C GLU C 82 -13.81 27.87 -22.76
N MET C 83 -13.18 28.74 -23.56
CA MET C 83 -12.51 29.95 -23.07
C MET C 83 -13.02 31.09 -23.92
N ASP C 84 -13.46 32.14 -23.27
CA ASP C 84 -14.07 33.28 -23.96
C ASP C 84 -13.05 34.41 -24.15
N SER C 85 -13.35 35.30 -25.09
CA SER C 85 -12.64 36.51 -25.29
C SER C 85 -11.15 36.30 -25.56
N LEU C 86 -10.82 35.48 -26.53
CA LEU C 86 -9.41 35.24 -26.77
C LEU C 86 -8.66 36.45 -27.39
N GLN C 87 -7.39 36.57 -27.08
CA GLN C 87 -6.57 37.62 -27.62
C GLN C 87 -5.31 36.93 -28.09
N THR C 88 -4.43 37.70 -28.71
CA THR C 88 -3.21 37.16 -29.28
C THR C 88 -2.43 36.25 -28.37
N ASP C 89 -2.27 36.63 -27.11
CA ASP C 89 -1.41 35.87 -26.22
C ASP C 89 -2.04 34.58 -25.66
N ASP C 90 -3.25 34.29 -26.10
CA ASP C 90 -3.82 32.97 -25.94
C ASP C 90 -3.49 31.95 -26.98
N THR C 91 -2.66 32.33 -27.94
CA THR C 91 -2.12 31.41 -28.93
C THR C 91 -1.29 30.36 -28.22
N ALA C 92 -1.53 29.09 -28.46
CA ALA C 92 -0.84 28.06 -27.69
C ALA C 92 -1.18 26.68 -28.24
N MET C 93 -0.38 25.67 -27.90
CA MET C 93 -0.85 24.31 -27.98
C MET C 93 -1.68 24.03 -26.73
N TYR C 94 -2.85 23.38 -26.91
CA TYR C 94 -3.77 23.10 -25.82
C TYR C 94 -3.87 21.60 -25.67
N TYR C 95 -3.72 21.13 -24.43
CA TYR C 95 -3.73 19.69 -24.07
C TYR C 95 -4.80 19.37 -23.06
N CYS C 96 -5.42 18.18 -23.17
CA CYS C 96 -6.05 17.57 -22.03
C CYS C 96 -5.09 16.50 -21.48
N ALA C 97 -5.23 16.19 -20.18
CA ALA C 97 -4.42 15.19 -19.52
C ALA C 97 -5.24 14.49 -18.42
N LYS C 98 -5.05 13.20 -18.26
CA LYS C 98 -5.67 12.43 -17.15
C LYS C 98 -4.89 12.51 -15.85
N HIS C 99 -5.61 12.53 -14.72
CA HIS C 99 -5.03 12.38 -13.40
C HIS C 99 -5.09 10.93 -12.91
N ASP C 100 -4.13 10.54 -12.09
CA ASP C 100 -4.17 9.28 -11.34
C ASP C 100 -4.39 9.64 -9.88
N GLY C 101 -5.65 9.61 -9.45
CA GLY C 101 -6.06 10.06 -8.12
C GLY C 101 -5.78 11.54 -7.98
N HIS C 102 -5.26 11.96 -6.88
CA HIS C 102 -5.10 13.35 -6.59
C HIS C 102 -3.64 13.79 -6.51
N GLU C 103 -2.77 13.05 -7.17
CA GLU C 103 -1.33 13.25 -7.00
C GLU C 103 -0.42 13.38 -8.23
N THR C 104 -0.96 13.17 -9.39
CA THR C 104 -0.14 13.30 -10.61
C THR C 104 -1.00 13.28 -11.86
N MET C 105 -0.40 13.63 -13.01
CA MET C 105 -1.12 13.36 -14.30
C MET C 105 -0.36 12.29 -15.00
N ASP C 106 -1.04 11.22 -15.33
CA ASP C 106 -0.38 10.04 -15.86
C ASP C 106 -0.28 9.98 -17.41
N TYR C 107 -1.25 10.57 -18.11
CA TYR C 107 -1.24 10.62 -19.58
C TYR C 107 -1.74 11.92 -20.13
N TRP C 108 -1.07 12.37 -21.19
CA TRP C 108 -1.46 13.57 -21.88
C TRP C 108 -2.04 13.21 -23.24
N GLY C 109 -2.87 14.11 -23.70
CA GLY C 109 -3.34 14.09 -25.07
C GLY C 109 -2.30 14.38 -26.11
N GLN C 110 -2.72 14.46 -27.36
CA GLN C 110 -1.81 14.80 -28.47
C GLN C 110 -1.53 16.29 -28.56
N GLY C 111 -2.48 17.06 -28.04
CA GLY C 111 -2.47 18.52 -28.18
C GLY C 111 -3.12 19.00 -29.48
N THR C 112 -3.76 20.17 -29.42
CA THR C 112 -4.32 20.79 -30.60
C THR C 112 -3.82 22.23 -30.63
N SER C 113 -3.34 22.66 -31.80
CA SER C 113 -2.82 24.02 -31.92
C SER C 113 -3.93 25.03 -32.05
N VAL C 114 -3.79 26.14 -31.32
CA VAL C 114 -4.76 27.21 -31.43
C VAL C 114 -4.05 28.49 -31.70
N THR C 115 -4.39 29.16 -32.78
CA THR C 115 -3.75 30.45 -33.16
C THR C 115 -4.90 31.45 -33.13
N VAL C 116 -4.63 32.57 -32.49
CA VAL C 116 -5.57 33.65 -32.38
C VAL C 116 -5.08 34.78 -33.28
N SER C 117 -5.88 35.12 -34.26
CA SER C 117 -5.44 36.04 -35.32
C SER C 117 -6.66 36.49 -36.11
N SER C 118 -6.58 37.69 -36.64
CA SER C 118 -7.60 38.18 -37.53
C SER C 118 -7.30 37.71 -38.99
N SER C 119 -6.14 37.13 -39.29
CA SER C 119 -5.97 36.47 -40.62
C SER C 119 -6.89 35.28 -40.80
N LYS C 120 -7.09 34.93 -42.06
CA LYS C 120 -8.04 33.89 -42.44
C LYS C 120 -7.32 32.62 -42.74
N THR C 121 -8.02 31.52 -42.53
CA THR C 121 -7.53 30.19 -42.91
C THR C 121 -7.18 30.14 -44.38
N THR C 122 -5.97 29.63 -44.67
CA THR C 122 -5.43 29.50 -46.05
C THR C 122 -4.78 28.10 -46.21
N PRO C 123 -5.33 27.22 -47.10
CA PRO C 123 -4.80 25.89 -47.40
C PRO C 123 -3.46 26.06 -48.16
N PRO C 124 -2.61 25.06 -48.11
CA PRO C 124 -1.32 25.09 -48.78
C PRO C 124 -1.34 24.58 -50.25
N SER C 125 -0.45 25.10 -51.10
CA SER C 125 -0.05 24.44 -52.31
C SER C 125 0.90 23.34 -51.90
N VAL C 126 0.75 22.16 -52.50
CA VAL C 126 1.59 21.00 -52.26
C VAL C 126 2.30 20.67 -53.57
N TYR C 127 3.62 20.79 -53.56
CA TYR C 127 4.42 20.67 -54.76
C TYR C 127 5.36 19.49 -54.62
N PRO C 128 5.31 18.55 -55.56
CA PRO C 128 6.24 17.41 -55.47
C PRO C 128 7.62 17.85 -55.89
N LEU C 129 8.65 17.30 -55.28
CA LEU C 129 10.02 17.71 -55.60
C LEU C 129 10.72 16.52 -56.23
N ALA C 130 10.79 16.50 -57.56
CA ALA C 130 11.51 15.43 -58.24
C ALA C 130 12.90 15.96 -58.65
N PRO C 131 13.94 15.18 -58.45
CA PRO C 131 15.32 15.62 -58.78
C PRO C 131 15.49 15.72 -60.31
N GLY C 132 16.55 16.42 -60.73
CA GLY C 132 16.93 16.60 -62.14
C GLY C 132 16.98 15.27 -62.86
N SER C 133 17.38 14.22 -62.15
CA SER C 133 17.33 12.83 -62.69
C SER C 133 17.20 11.86 -61.50
N ALA C 134 16.97 10.59 -61.80
CA ALA C 134 16.97 9.53 -60.79
C ALA C 134 18.41 9.07 -60.41
N ALA C 135 19.45 9.74 -60.94
CA ALA C 135 20.87 9.29 -60.69
C ALA C 135 21.16 9.13 -59.21
N GLN C 136 21.76 7.99 -58.84
CA GLN C 136 21.91 7.60 -57.42
C GLN C 136 23.19 8.17 -56.76
N THR C 137 23.17 8.28 -55.44
CA THR C 137 24.38 8.47 -54.62
C THR C 137 24.33 7.43 -53.47
N ASN C 138 25.39 6.61 -53.33
CA ASN C 138 25.40 5.53 -52.31
C ASN C 138 24.18 4.62 -52.42
N SER C 139 23.80 4.29 -53.65
CA SER C 139 22.62 3.44 -53.87
C SER C 139 21.32 4.04 -53.35
N MET C 140 21.31 5.36 -53.14
CA MET C 140 20.13 6.07 -52.63
C MET C 140 19.69 7.15 -53.63
N VAL C 141 18.42 7.55 -53.51
CA VAL C 141 17.91 8.73 -54.17
C VAL C 141 16.99 9.48 -53.15
N THR C 142 17.06 10.81 -53.17
CA THR C 142 16.18 11.71 -52.35
C THR C 142 15.12 12.42 -53.20
N LEU C 143 13.88 12.37 -52.69
CA LEU C 143 12.75 13.05 -53.25
C LEU C 143 12.30 14.07 -52.17
N GLY C 144 11.40 14.97 -52.53
CA GLY C 144 10.73 15.73 -51.54
C GLY C 144 9.36 16.27 -51.87
N CYS C 145 8.93 17.12 -50.94
CA CYS C 145 7.63 17.69 -50.95
C CYS C 145 7.69 19.10 -50.37
N LEU C 146 7.17 20.07 -51.08
CA LEU C 146 7.16 21.48 -50.62
C LEU C 146 5.73 21.90 -50.40
N VAL C 147 5.48 22.39 -49.18
CA VAL C 147 4.11 22.69 -48.71
C VAL C 147 4.07 24.14 -48.39
N LYS C 148 3.49 24.91 -49.30
CA LYS C 148 3.65 26.34 -49.30
C LYS C 148 2.39 27.20 -49.16
N GLY C 149 2.49 28.24 -48.33
CA GLY C 149 1.52 29.31 -48.24
C GLY C 149 0.26 28.97 -47.45
N TYR C 150 0.41 28.40 -46.25
CA TYR C 150 -0.73 28.04 -45.42
C TYR C 150 -0.82 28.81 -44.11
N PHE C 151 -2.01 28.84 -43.54
CA PHE C 151 -2.24 29.50 -42.26
C PHE C 151 -3.55 28.94 -41.73
N PRO C 152 -3.61 28.68 -40.40
CA PRO C 152 -2.49 28.79 -39.44
C PRO C 152 -1.70 27.48 -39.45
N GLU C 153 -0.69 27.37 -38.59
CA GLU C 153 -0.09 26.05 -38.35
C GLU C 153 -1.06 25.04 -37.67
N PRO C 154 -0.83 23.73 -37.83
CA PRO C 154 0.27 23.11 -38.52
C PRO C 154 -0.23 22.43 -39.77
N VAL C 155 0.73 21.94 -40.52
CA VAL C 155 0.51 20.87 -41.50
C VAL C 155 1.24 19.66 -41.01
N THR C 156 0.76 18.45 -41.38
CA THR C 156 1.54 17.23 -41.16
C THR C 156 1.81 16.55 -42.54
N VAL C 157 2.94 15.83 -42.67
CA VAL C 157 3.36 15.19 -43.92
C VAL C 157 3.70 13.72 -43.63
N THR C 158 3.25 12.79 -44.47
CA THR C 158 3.71 11.42 -44.39
C THR C 158 4.08 11.04 -45.83
N TRP C 159 4.70 9.88 -45.97
CA TRP C 159 5.12 9.37 -47.27
C TRP C 159 4.61 7.94 -47.42
N ASN C 160 3.98 7.69 -48.56
CA ASN C 160 3.35 6.43 -48.85
C ASN C 160 2.42 5.99 -47.71
N SER C 161 1.66 6.95 -47.19
CA SER C 161 0.73 6.77 -46.06
C SER C 161 1.39 6.32 -44.80
N GLY C 162 2.64 6.72 -44.61
CA GLY C 162 3.33 6.37 -43.38
C GLY C 162 4.13 5.07 -43.52
N SER C 163 4.01 4.35 -44.64
CA SER C 163 4.87 3.15 -44.87
C SER C 163 6.36 3.52 -44.91
N LEU C 164 6.69 4.68 -45.47
CA LEU C 164 8.06 5.19 -45.50
C LEU C 164 8.24 6.15 -44.34
N SER C 165 9.03 5.77 -43.33
CA SER C 165 9.24 6.67 -42.16
C SER C 165 10.70 6.90 -41.77
N SER C 166 11.56 5.90 -41.91
CA SER C 166 12.95 6.07 -41.44
C SER C 166 13.84 7.05 -42.28
N GLY C 167 13.68 7.12 -43.59
CA GLY C 167 14.56 8.09 -44.30
C GLY C 167 13.98 9.52 -44.48
N VAL C 168 13.08 9.93 -43.56
CA VAL C 168 12.25 11.14 -43.75
C VAL C 168 12.80 12.27 -42.88
N HIS C 169 12.84 13.48 -43.39
CA HIS C 169 13.08 14.66 -42.55
C HIS C 169 12.04 15.67 -42.91
N THR C 170 11.26 16.08 -41.91
CA THR C 170 10.23 17.14 -42.15
C THR C 170 10.68 18.32 -41.30
N PHE C 171 10.80 19.48 -41.90
CA PHE C 171 11.47 20.63 -41.33
C PHE C 171 10.43 21.54 -40.75
N PRO C 172 10.79 22.31 -39.74
CA PRO C 172 9.87 23.24 -39.18
C PRO C 172 9.47 24.29 -40.22
N ALA C 173 8.26 24.83 -40.09
CA ALA C 173 7.73 25.80 -41.02
C ALA C 173 8.45 27.12 -40.86
N VAL C 174 8.55 27.89 -41.94
CA VAL C 174 8.98 29.29 -41.88
C VAL C 174 7.87 30.27 -42.33
N LEU C 175 7.92 31.53 -41.85
CA LEU C 175 7.06 32.64 -42.34
C LEU C 175 7.55 33.34 -43.61
N GLN C 176 6.72 33.35 -44.63
CA GLN C 176 7.06 33.94 -45.95
C GLN C 176 5.75 34.66 -46.30
N SER C 177 5.65 35.87 -45.74
CA SER C 177 4.63 36.92 -46.02
C SER C 177 3.24 36.65 -45.45
N ASP C 178 3.19 36.56 -44.12
CA ASP C 178 2.02 36.14 -43.31
C ASP C 178 1.48 34.77 -43.62
N LEU C 179 2.22 33.97 -44.36
CA LEU C 179 1.87 32.55 -44.56
C LEU C 179 3.05 31.63 -44.24
N TYR C 180 2.73 30.36 -43.90
CA TYR C 180 3.76 29.40 -43.55
C TYR C 180 4.15 28.60 -44.77
N THR C 181 5.41 28.12 -44.77
CA THR C 181 5.90 27.17 -45.75
C THR C 181 6.76 26.12 -45.06
N LEU C 182 6.60 24.85 -45.39
CA LEU C 182 7.57 23.86 -44.94
C LEU C 182 7.94 22.88 -46.03
N SER C 183 9.00 22.10 -45.83
CA SER C 183 9.30 21.02 -46.71
C SER C 183 9.60 19.70 -46.00
N SER C 184 9.68 18.63 -46.80
CA SER C 184 9.96 17.28 -46.31
C SER C 184 10.72 16.53 -47.34
N SER C 185 11.75 15.81 -46.87
CA SER C 185 12.56 15.02 -47.75
C SER C 185 12.39 13.55 -47.37
N VAL C 186 12.50 12.69 -48.38
CA VAL C 186 12.57 11.23 -48.13
C VAL C 186 13.68 10.61 -49.03
N THR C 187 14.47 9.74 -48.41
CA THR C 187 15.60 9.12 -49.04
C THR C 187 15.33 7.62 -49.10
N VAL C 188 15.44 7.08 -50.31
CA VAL C 188 15.11 5.68 -50.58
C VAL C 188 16.17 5.01 -51.47
N PRO C 189 16.22 3.65 -51.50
CA PRO C 189 17.16 2.98 -52.43
C PRO C 189 16.82 3.27 -53.92
N SER C 190 17.82 3.56 -54.71
CA SER C 190 17.67 3.87 -56.15
C SER C 190 16.97 2.75 -56.92
N SER C 191 17.07 1.51 -56.42
CA SER C 191 16.46 0.40 -57.10
C SER C 191 14.93 0.54 -57.00
N THR C 192 14.42 1.34 -56.06
CA THR C 192 12.96 1.40 -55.84
C THR C 192 12.27 2.60 -56.45
N TRP C 193 13.01 3.57 -57.02
CA TRP C 193 12.36 4.78 -57.59
C TRP C 193 13.07 5.18 -58.91
N PRO C 194 12.31 5.51 -60.00
CA PRO C 194 10.86 5.58 -60.08
C PRO C 194 10.18 4.20 -60.27
N SER C 195 10.89 3.10 -60.12
CA SER C 195 10.24 1.80 -60.39
C SER C 195 9.08 1.51 -59.45
N GLU C 196 9.13 2.00 -58.22
CA GLU C 196 7.96 1.96 -57.31
C GLU C 196 7.47 3.38 -57.02
N THR C 197 6.18 3.53 -56.79
CA THR C 197 5.59 4.85 -56.66
C THR C 197 5.95 5.41 -55.28
N VAL C 198 6.25 6.73 -55.25
CA VAL C 198 6.43 7.48 -53.98
C VAL C 198 5.50 8.73 -54.01
N THR C 199 4.80 8.98 -52.91
CA THR C 199 3.71 9.92 -52.80
C THR C 199 3.82 10.60 -51.41
N CYS C 200 3.83 11.94 -51.36
CA CYS C 200 3.76 12.61 -50.08
C CYS C 200 2.26 12.92 -49.81
N ASN C 201 1.88 12.74 -48.55
CA ASN C 201 0.51 12.89 -48.09
C ASN C 201 0.52 14.10 -47.12
N VAL C 202 -0.24 15.13 -47.42
CA VAL C 202 -0.14 16.39 -46.66
C VAL C 202 -1.55 16.61 -46.05
N ALA C 203 -1.61 16.96 -44.77
CA ALA C 203 -2.86 17.36 -44.12
C ALA C 203 -2.70 18.78 -43.58
N HIS C 204 -3.72 19.62 -43.82
CA HIS C 204 -3.85 20.94 -43.13
C HIS C 204 -5.21 20.97 -42.46
N PRO C 205 -5.29 20.50 -41.20
CA PRO C 205 -6.66 20.26 -40.68
C PRO C 205 -7.46 21.53 -40.57
N ALA C 206 -6.82 22.67 -40.33
CA ALA C 206 -7.59 23.92 -40.17
C ALA C 206 -8.44 24.19 -41.40
N SER C 207 -7.95 23.77 -42.59
CA SER C 207 -8.74 23.92 -43.83
C SER C 207 -9.46 22.63 -44.27
N SER C 208 -9.42 21.59 -43.44
CA SER C 208 -9.93 20.28 -43.81
C SER C 208 -9.31 19.80 -45.09
N THR C 209 -8.02 20.04 -45.27
CA THR C 209 -7.32 19.65 -46.46
C THR C 209 -6.55 18.39 -46.23
N LYS C 210 -6.70 17.45 -47.18
CA LYS C 210 -5.90 16.22 -47.30
C LYS C 210 -5.54 16.03 -48.76
N VAL C 211 -4.24 16.14 -49.08
CA VAL C 211 -3.83 16.07 -50.49
C VAL C 211 -2.69 15.05 -50.62
N ASP C 212 -2.73 14.27 -51.69
CA ASP C 212 -1.67 13.34 -52.13
C ASP C 212 -1.05 13.82 -53.46
N LYS C 213 0.28 13.81 -53.49
CA LYS C 213 1.07 14.23 -54.67
C LYS C 213 2.18 13.17 -54.95
N LYS C 214 1.99 12.43 -56.03
CA LYS C 214 3.00 11.46 -56.48
C LYS C 214 4.22 12.21 -57.06
N ILE C 215 5.40 11.70 -56.78
CA ILE C 215 6.62 12.26 -57.31
C ILE C 215 6.88 11.60 -58.68
N VAL C 216 6.90 12.40 -59.75
CA VAL C 216 6.93 11.91 -61.13
C VAL C 216 8.30 12.26 -61.72
N PRO C 217 9.03 11.28 -62.31
CA PRO C 217 10.32 11.66 -62.86
C PRO C 217 10.16 12.58 -64.09
N ARG C 218 11.29 13.09 -64.54
CA ARG C 218 11.36 14.20 -65.51
C ARG C 218 11.74 13.77 -66.93
N ASP C 219 11.99 12.47 -67.14
CA ASP C 219 12.37 12.03 -68.52
C ASP C 219 11.15 12.23 -69.47
N CYS C 220 11.38 12.36 -70.77
CA CYS C 220 10.42 12.96 -71.70
C CYS C 220 9.73 11.90 -72.52
N THR C 221 8.67 12.29 -73.21
N GLU D 2 -7.47 -18.78 14.08
CA GLU D 2 -6.97 -17.56 14.80
C GLU D 2 -5.48 -17.77 15.31
N VAL D 3 -4.67 -16.72 15.44
CA VAL D 3 -3.27 -16.86 15.89
C VAL D 3 -3.33 -17.21 17.38
N LYS D 4 -2.60 -18.24 17.78
CA LYS D 4 -2.49 -18.66 19.17
C LYS D 4 -1.06 -19.10 19.48
N LEU D 5 -0.58 -18.69 20.68
CA LEU D 5 0.71 -19.06 21.22
C LEU D 5 0.54 -19.50 22.67
N LEU D 6 1.18 -20.60 23.02
CA LEU D 6 1.09 -21.21 24.36
C LEU D 6 2.45 -21.78 24.82
N GLU D 7 2.89 -21.21 25.91
CA GLU D 7 4.16 -21.52 26.50
C GLU D 7 4.02 -22.67 27.47
N SER D 8 5.02 -23.52 27.50
CA SER D 8 5.12 -24.56 28.54
C SER D 8 6.54 -24.70 29.02
N GLY D 9 6.66 -24.80 30.32
CA GLY D 9 7.95 -24.85 30.97
C GLY D 9 7.87 -25.44 32.35
N PRO D 10 9.00 -25.40 33.06
CA PRO D 10 9.10 -26.25 34.27
C PRO D 10 8.56 -25.61 35.57
N GLY D 11 8.28 -24.32 35.58
CA GLY D 11 7.69 -23.69 36.77
C GLY D 11 8.80 -23.31 37.76
N LEU D 12 9.75 -24.25 37.98
CA LEU D 12 10.82 -24.14 38.99
C LEU D 12 12.16 -24.58 38.44
N VAL D 13 13.18 -23.77 38.66
CA VAL D 13 14.53 -24.06 38.28
C VAL D 13 15.44 -23.78 39.47
N ALA D 14 16.42 -24.65 39.74
CA ALA D 14 17.35 -24.48 40.83
C ALA D 14 18.44 -23.60 40.37
N PRO D 15 19.03 -22.81 41.29
CA PRO D 15 20.11 -21.91 40.89
C PRO D 15 21.23 -22.66 40.22
N SER D 16 21.79 -22.03 39.17
CA SER D 16 22.81 -22.58 38.29
C SER D 16 22.35 -23.61 37.31
N GLU D 17 21.12 -24.06 37.39
CA GLU D 17 20.61 -24.94 36.34
C GLU D 17 20.05 -24.10 35.16
N SER D 18 19.72 -24.82 34.09
CA SER D 18 19.30 -24.24 32.85
C SER D 18 17.76 -24.23 32.72
N LEU D 19 17.25 -23.47 31.75
CA LEU D 19 15.79 -23.33 31.53
C LEU D 19 15.53 -23.67 30.08
N SER D 20 14.54 -24.54 29.84
CA SER D 20 14.02 -24.81 28.53
C SER D 20 12.55 -24.55 28.56
N ILE D 21 12.04 -23.72 27.64
CA ILE D 21 10.60 -23.44 27.51
C ILE D 21 10.24 -23.68 26.06
N THR D 22 9.03 -24.20 25.82
CA THR D 22 8.45 -24.41 24.50
C THR D 22 7.30 -23.40 24.29
N CYS D 23 7.23 -22.88 23.08
CA CYS D 23 6.09 -22.03 22.62
C CYS D 23 5.48 -22.78 21.46
N THR D 24 4.25 -23.26 21.68
CA THR D 24 3.55 -24.01 20.65
C THR D 24 2.59 -23.02 19.98
N ILE D 25 2.58 -22.97 18.65
CA ILE D 25 1.77 -21.97 17.96
C ILE D 25 0.79 -22.58 17.03
N SER D 26 -0.26 -21.81 16.71
CA SER D 26 -1.18 -22.19 15.63
C SER D 26 -1.77 -20.97 14.99
N GLY D 27 -2.40 -21.13 13.84
CA GLY D 27 -3.01 -19.99 13.13
C GLY D 27 -2.06 -19.23 12.20
N PHE D 28 -0.79 -19.63 12.18
CA PHE D 28 0.19 -19.05 11.28
C PHE D 28 1.34 -19.98 11.13
N SER D 29 2.29 -19.63 10.28
CA SER D 29 3.40 -20.53 10.02
C SER D 29 4.70 -19.85 10.51
N LEU D 30 5.52 -20.59 11.20
CA LEU D 30 6.82 -20.08 11.76
C LEU D 30 7.82 -19.65 10.77
N THR D 31 7.71 -20.16 9.56
CA THR D 31 8.62 -19.77 8.54
C THR D 31 8.16 -18.46 7.87
N ASP D 32 7.02 -17.86 8.24
CA ASP D 32 6.55 -16.65 7.58
C ASP D 32 6.75 -15.38 8.48
N ASP D 33 6.90 -15.57 9.80
CA ASP D 33 7.01 -14.48 10.77
C ASP D 33 7.84 -14.90 11.92
N GLY D 34 8.43 -13.90 12.58
CA GLY D 34 9.22 -14.12 13.71
C GLY D 34 8.47 -14.37 15.01
N VAL D 35 9.21 -15.01 15.89
CA VAL D 35 8.75 -15.23 17.26
C VAL D 35 9.84 -14.79 18.22
N SER D 36 9.43 -13.93 19.14
CA SER D 36 10.31 -13.42 20.24
C SER D 36 9.98 -14.08 21.57
N TRP D 37 10.97 -14.04 22.43
CA TRP D 37 10.83 -14.32 23.87
C TRP D 37 11.08 -13.04 24.66
N ILE D 38 10.19 -12.79 25.62
CA ILE D 38 10.24 -11.56 26.45
C ILE D 38 9.97 -12.01 27.88
N ARG D 39 10.57 -11.38 28.89
CA ARG D 39 10.16 -11.73 30.24
C ARG D 39 9.77 -10.52 31.06
N GLN D 40 9.00 -10.76 32.11
CA GLN D 40 8.48 -9.70 33.01
C GLN D 40 8.82 -10.16 34.44
N PRO D 41 9.91 -9.62 35.00
CA PRO D 41 10.26 -9.87 36.37
C PRO D 41 9.27 -9.23 37.29
N PRO D 42 9.07 -9.82 38.51
CA PRO D 42 8.03 -9.29 39.39
C PRO D 42 8.28 -7.82 39.71
N GLY D 43 7.23 -7.05 39.41
CA GLY D 43 7.23 -5.61 39.59
C GLY D 43 8.22 -4.86 38.69
N LYS D 44 8.72 -5.45 37.59
CA LYS D 44 9.65 -4.67 36.77
C LYS D 44 9.14 -4.59 35.35
N GLY D 45 9.84 -3.84 34.52
CA GLY D 45 9.45 -3.68 33.14
C GLY D 45 9.74 -4.93 32.32
N LEU D 46 9.00 -5.08 31.24
CA LEU D 46 9.25 -6.12 30.28
C LEU D 46 10.67 -6.00 29.69
N GLU D 47 11.33 -7.13 29.43
CA GLU D 47 12.68 -7.19 28.85
C GLU D 47 12.66 -8.17 27.68
N TRP D 48 13.02 -7.71 26.49
CA TRP D 48 13.14 -8.59 25.31
C TRP D 48 14.42 -9.36 25.35
N LEU D 49 14.31 -10.64 25.10
CA LEU D 49 15.44 -11.55 25.17
C LEU D 49 16.07 -11.79 23.77
N GLY D 50 15.23 -12.12 22.79
CA GLY D 50 15.66 -12.47 21.44
C GLY D 50 14.52 -12.93 20.53
N VAL D 51 14.84 -13.06 19.26
CA VAL D 51 13.87 -13.42 18.21
C VAL D 51 14.44 -14.49 17.31
N ILE D 52 13.57 -15.36 16.81
CA ILE D 52 13.89 -16.14 15.61
C ILE D 52 12.99 -15.70 14.50
N TRP D 53 13.57 -15.11 13.46
CA TRP D 53 12.78 -14.59 12.32
C TRP D 53 12.29 -15.78 11.45
N GLY D 54 11.28 -15.49 10.63
CA GLY D 54 10.71 -16.43 9.68
C GLY D 54 11.79 -17.20 8.89
N GLY D 55 12.81 -16.48 8.41
CA GLY D 55 13.92 -17.07 7.64
C GLY D 55 14.94 -17.85 8.46
N GLY D 56 14.93 -17.71 9.80
CA GLY D 56 15.65 -18.55 10.74
C GLY D 56 16.82 -17.88 11.40
N SER D 57 17.16 -16.70 10.97
CA SER D 57 18.16 -15.91 11.69
C SER D 57 17.68 -15.50 13.07
N THR D 58 18.55 -15.55 14.03
CA THR D 58 18.20 -15.24 15.40
C THR D 58 18.99 -14.02 15.81
N TYR D 59 18.34 -13.10 16.53
CA TYR D 59 19.00 -11.94 17.16
C TYR D 59 18.71 -11.81 18.65
N PHE D 60 19.67 -11.31 19.43
CA PHE D 60 19.56 -11.29 20.90
C PHE D 60 19.83 -9.97 21.54
N ASN D 61 19.27 -9.77 22.77
CA ASN D 61 19.60 -8.67 23.64
C ASN D 61 21.01 -8.95 24.21
N SER D 62 21.94 -8.04 23.97
CA SER D 62 23.35 -8.25 24.41
C SER D 62 23.47 -8.30 25.92
N LEU D 63 22.52 -7.70 26.64
CA LEU D 63 22.50 -7.87 28.11
C LEU D 63 22.44 -9.34 28.55
N PHE D 64 22.11 -10.26 27.65
CA PHE D 64 22.09 -11.68 27.96
C PHE D 64 23.24 -12.40 27.27
N LYS D 65 24.33 -11.68 27.01
CA LYS D 65 25.37 -12.25 26.11
C LYS D 65 25.83 -13.66 26.49
N SER D 66 25.68 -14.55 25.54
CA SER D 66 26.10 -15.94 25.64
C SER D 66 25.27 -16.82 26.51
N ARG D 67 24.21 -16.29 27.11
CA ARG D 67 23.32 -17.12 27.95
C ARG D 67 22.20 -17.85 27.21
N LEU D 68 21.84 -17.42 25.98
CA LEU D 68 20.59 -17.84 25.39
C LEU D 68 20.77 -18.45 24.07
N SER D 69 19.86 -19.35 23.72
CA SER D 69 19.63 -19.68 22.31
C SER D 69 18.16 -19.93 22.00
N ILE D 70 17.79 -19.79 20.73
CA ILE D 70 16.43 -20.01 20.28
C ILE D 70 16.46 -20.86 19.03
N THR D 71 15.59 -21.88 18.98
CA THR D 71 15.52 -22.77 17.83
C THR D 71 14.07 -23.11 17.60
N ARG D 72 13.77 -23.86 16.57
CA ARG D 72 12.38 -24.24 16.38
C ARG D 72 12.24 -25.55 15.65
N ASP D 73 11.01 -26.04 15.60
CA ASP D 73 10.64 -27.23 14.89
C ASP D 73 9.40 -26.89 14.06
N ASN D 74 9.57 -26.79 12.74
CA ASN D 74 8.47 -26.36 11.83
C ASN D 74 7.32 -27.36 11.83
N SER D 75 7.63 -28.64 11.83
CA SER D 75 6.57 -29.67 11.71
C SER D 75 5.67 -29.71 12.97
N LYS D 76 6.22 -29.40 14.13
CA LYS D 76 5.42 -29.30 15.35
C LYS D 76 4.91 -27.89 15.69
N SER D 77 5.24 -26.88 14.89
CA SER D 77 4.87 -25.52 15.18
C SER D 77 5.31 -25.14 16.59
N GLN D 78 6.58 -25.40 16.90
CA GLN D 78 7.16 -25.06 18.15
C GLN D 78 8.45 -24.24 18.06
N VAL D 79 8.54 -23.23 18.94
CA VAL D 79 9.81 -22.49 19.20
C VAL D 79 10.30 -22.78 20.59
N PHE D 80 11.62 -22.74 20.77
CA PHE D 80 12.27 -23.15 21.99
C PHE D 80 13.21 -22.10 22.44
N LEU D 81 13.17 -21.83 23.75
CA LEU D 81 14.17 -21.07 24.42
C LEU D 81 15.00 -21.97 25.34
N GLU D 82 16.32 -21.74 25.34
CA GLU D 82 17.27 -22.29 26.28
C GLU D 82 18.02 -21.13 26.90
N MET D 83 18.10 -21.14 28.23
CA MET D 83 18.78 -20.13 28.96
C MET D 83 19.62 -20.82 30.03
N ASP D 84 20.87 -20.36 30.15
CA ASP D 84 21.89 -21.08 30.92
C ASP D 84 22.08 -20.43 32.30
N SER D 85 22.31 -21.29 33.26
CA SER D 85 22.71 -20.93 34.61
C SER D 85 21.81 -19.86 35.26
N LEU D 86 20.60 -20.25 35.60
CA LEU D 86 19.66 -19.26 36.12
C LEU D 86 20.05 -18.87 37.54
N GLN D 87 19.78 -17.63 37.88
CA GLN D 87 19.94 -17.17 39.23
C GLN D 87 18.64 -16.56 39.70
N THR D 88 18.64 -16.18 40.98
CA THR D 88 17.45 -15.60 41.57
C THR D 88 16.82 -14.51 40.74
N ASP D 89 17.63 -13.64 40.15
CA ASP D 89 17.08 -12.50 39.45
C ASP D 89 16.51 -12.80 38.03
N ASP D 90 16.53 -14.06 37.63
CA ASP D 90 15.89 -14.56 36.41
C ASP D 90 14.48 -15.05 36.64
N THR D 91 14.02 -14.97 37.88
CA THR D 91 12.63 -15.30 38.20
C THR D 91 11.78 -14.27 37.45
N ALA D 92 10.81 -14.76 36.71
CA ALA D 92 9.91 -13.95 35.87
C ALA D 92 8.78 -14.72 35.21
N MET D 93 7.83 -13.97 34.62
CA MET D 93 6.89 -14.49 33.67
C MET D 93 7.63 -14.43 32.33
N TYR D 94 7.66 -15.55 31.63
CA TYR D 94 8.31 -15.70 30.30
C TYR D 94 7.25 -15.87 29.26
N TYR D 95 7.31 -15.03 28.23
CA TYR D 95 6.33 -14.96 27.13
C TYR D 95 7.01 -15.22 25.79
N CYS D 96 6.32 -15.90 24.90
CA CYS D 96 6.61 -15.78 23.47
C CYS D 96 5.58 -14.88 22.82
N ALA D 97 5.95 -14.22 21.72
CA ALA D 97 5.10 -13.26 20.98
C ALA D 97 5.38 -13.43 19.49
N LYS D 98 4.31 -13.38 18.68
CA LYS D 98 4.47 -13.35 17.21
C LYS D 98 4.73 -11.96 16.70
N HIS D 99 5.58 -11.86 15.67
CA HIS D 99 5.76 -10.61 14.91
C HIS D 99 4.91 -10.49 13.65
N ASP D 100 4.54 -9.26 13.31
CA ASP D 100 3.91 -8.95 12.05
C ASP D 100 4.94 -8.24 11.22
N GLY D 101 5.57 -9.00 10.36
CA GLY D 101 6.71 -8.53 9.57
C GLY D 101 7.78 -8.03 10.54
N HIS D 102 8.39 -6.91 10.23
CA HIS D 102 9.50 -6.44 11.00
C HIS D 102 9.23 -5.14 11.79
N GLU D 103 8.00 -4.89 12.18
CA GLU D 103 7.67 -3.62 12.78
C GLU D 103 6.74 -3.64 14.00
N THR D 104 6.15 -4.81 14.31
CA THR D 104 5.43 -4.95 15.56
C THR D 104 5.32 -6.38 16.03
N MET D 105 4.85 -6.57 17.28
CA MET D 105 4.42 -7.90 17.75
C MET D 105 2.90 -7.88 17.83
N ASP D 106 2.24 -8.77 17.12
CA ASP D 106 0.79 -8.69 17.07
C ASP D 106 0.02 -9.54 18.11
N TYR D 107 0.60 -10.63 18.57
CA TYR D 107 -0.04 -11.59 19.51
C TYR D 107 1.01 -12.15 20.49
N TRP D 108 0.66 -12.19 21.77
CA TRP D 108 1.46 -12.76 22.85
C TRP D 108 0.85 -14.08 23.32
N GLY D 109 1.64 -15.00 23.86
CA GLY D 109 1.17 -16.19 24.56
C GLY D 109 0.65 -15.80 25.95
N GLN D 110 0.28 -16.78 26.74
CA GLN D 110 -0.39 -16.65 28.03
C GLN D 110 0.66 -16.41 29.07
N GLY D 111 1.89 -16.76 28.74
CA GLY D 111 3.01 -16.66 29.70
C GLY D 111 3.19 -17.91 30.56
N THR D 112 4.44 -18.18 30.94
CA THR D 112 4.77 -19.29 31.85
C THR D 112 5.64 -18.74 32.94
N SER D 113 5.24 -19.02 34.17
CA SER D 113 5.94 -18.51 35.31
C SER D 113 7.17 -19.35 35.61
N VAL D 114 8.30 -18.68 35.87
CA VAL D 114 9.53 -19.40 36.18
C VAL D 114 10.11 -18.83 37.45
N THR D 115 10.30 -19.69 38.45
CA THR D 115 10.82 -19.25 39.76
C THR D 115 12.15 -19.92 39.92
N VAL D 116 13.19 -19.16 40.28
CA VAL D 116 14.50 -19.73 40.47
C VAL D 116 14.75 -19.77 41.99
N SER D 117 14.81 -20.99 42.55
CA SER D 117 14.90 -21.17 44.02
C SER D 117 15.40 -22.58 44.31
N SER D 118 16.04 -22.72 45.46
CA SER D 118 16.42 -23.99 46.01
C SER D 118 15.26 -24.70 46.68
N SER D 119 14.16 -24.01 46.94
CA SER D 119 13.03 -24.70 47.58
C SER D 119 12.46 -25.74 46.62
N LYS D 120 11.66 -26.66 47.14
CA LYS D 120 11.16 -27.77 46.38
C LYS D 120 9.69 -27.59 46.07
N THR D 121 9.28 -28.11 44.91
CA THR D 121 7.87 -28.10 44.53
C THR D 121 7.00 -28.73 45.62
N THR D 122 5.95 -28.04 46.00
CA THR D 122 5.03 -28.48 47.01
C THR D 122 3.61 -28.19 46.57
N PRO D 123 2.72 -29.19 46.54
CA PRO D 123 1.35 -29.04 46.11
C PRO D 123 0.48 -28.51 47.23
N PRO D 124 -0.64 -27.87 46.88
CA PRO D 124 -1.46 -27.17 47.89
C PRO D 124 -2.48 -28.07 48.52
N SER D 125 -2.86 -27.80 49.77
CA SER D 125 -4.12 -28.32 50.26
C SER D 125 -5.24 -27.47 49.70
N VAL D 126 -6.40 -28.10 49.49
CA VAL D 126 -7.58 -27.42 48.92
C VAL D 126 -8.73 -27.57 49.89
N TYR D 127 -9.04 -26.50 50.60
CA TYR D 127 -10.10 -26.55 51.58
C TYR D 127 -11.40 -25.83 51.22
N PRO D 128 -12.54 -26.47 51.47
CA PRO D 128 -13.84 -25.80 51.19
C PRO D 128 -14.20 -24.75 52.24
N LEU D 129 -14.73 -23.61 51.78
CA LEU D 129 -15.25 -22.57 52.67
C LEU D 129 -16.77 -22.44 52.53
N ALA D 130 -17.45 -22.96 53.55
CA ALA D 130 -18.91 -22.94 53.64
C ALA D 130 -19.31 -22.15 54.91
N PRO D 131 -20.41 -21.40 54.84
CA PRO D 131 -20.88 -20.74 56.05
C PRO D 131 -21.17 -21.65 57.27
N GLY D 132 -20.82 -21.18 58.48
CA GLY D 132 -21.33 -21.81 59.73
C GLY D 132 -22.87 -22.04 59.69
N SER D 133 -23.42 -23.06 60.35
CA SER D 133 -24.91 -23.15 60.37
C SER D 133 -25.50 -21.93 61.15
N ALA D 134 -25.85 -20.84 60.43
CA ALA D 134 -26.62 -19.65 60.91
C ALA D 134 -26.54 -18.48 59.89
N SER D 139 -30.47 -13.55 50.69
CA SER D 139 -30.79 -13.75 49.25
C SER D 139 -29.57 -14.00 48.33
N MET D 140 -28.39 -13.50 48.73
CA MET D 140 -27.10 -13.86 48.09
C MET D 140 -26.22 -14.61 49.11
N VAL D 141 -25.50 -15.64 48.66
CA VAL D 141 -24.63 -16.40 49.55
C VAL D 141 -23.22 -16.49 48.99
N THR D 142 -22.24 -16.27 49.84
CA THR D 142 -20.83 -16.30 49.44
C THR D 142 -20.24 -17.63 49.96
N LEU D 143 -19.59 -18.34 49.04
CA LEU D 143 -18.78 -19.53 49.35
C LEU D 143 -17.32 -19.28 48.92
N GLY D 144 -16.42 -20.21 49.24
CA GLY D 144 -14.98 -20.06 48.90
C GLY D 144 -14.15 -21.36 48.90
N CYS D 145 -12.88 -21.18 48.53
CA CYS D 145 -11.84 -22.16 48.55
C CYS D 145 -10.57 -21.52 49.05
N LEU D 146 -9.90 -22.21 49.96
CA LEU D 146 -8.62 -21.80 50.52
C LEU D 146 -7.63 -22.82 49.98
N VAL D 147 -6.62 -22.34 49.30
CA VAL D 147 -5.59 -23.11 48.61
C VAL D 147 -4.23 -22.78 49.27
N LYS D 148 -3.78 -23.72 50.09
CA LYS D 148 -2.80 -23.49 51.10
C LYS D 148 -1.55 -24.35 51.03
N GLY D 149 -0.43 -23.68 51.21
CA GLY D 149 0.87 -24.29 51.35
C GLY D 149 1.50 -24.83 50.09
N TYR D 150 1.58 -24.03 49.01
CA TYR D 150 2.18 -24.48 47.76
C TYR D 150 3.45 -23.71 47.34
N PHE D 151 4.23 -24.29 46.42
CA PHE D 151 5.40 -23.67 45.86
C PHE D 151 5.78 -24.40 44.59
N PRO D 152 6.21 -23.66 43.55
CA PRO D 152 6.14 -22.23 43.34
C PRO D 152 4.74 -21.79 42.94
N GLU D 153 4.60 -20.48 42.69
CA GLU D 153 3.42 -19.95 42.04
C GLU D 153 3.40 -20.44 40.57
N PRO D 154 2.24 -20.51 39.96
CA PRO D 154 0.96 -20.10 40.47
C PRO D 154 0.06 -21.25 40.68
N VAL D 155 -1.06 -20.97 41.32
CA VAL D 155 -2.24 -21.80 41.16
C VAL D 155 -3.31 -21.06 40.38
N THR D 156 -4.19 -21.81 39.73
CA THR D 156 -5.37 -21.21 39.11
C THR D 156 -6.61 -21.79 39.72
N VAL D 157 -7.67 -20.98 39.76
CA VAL D 157 -8.90 -21.42 40.37
C VAL D 157 -10.07 -21.12 39.41
N THR D 158 -11.02 -22.05 39.27
CA THR D 158 -12.27 -21.76 38.57
C THR D 158 -13.43 -22.35 39.40
N TRP D 159 -14.65 -21.96 39.05
CA TRP D 159 -15.83 -22.42 39.72
C TRP D 159 -16.79 -23.05 38.72
N ASN D 160 -17.36 -24.19 39.09
CA ASN D 160 -18.11 -25.05 38.15
C ASN D 160 -17.47 -25.04 36.76
N SER D 161 -16.20 -25.42 36.75
CA SER D 161 -15.38 -25.53 35.56
C SER D 161 -15.41 -24.31 34.65
N GLY D 162 -15.66 -23.13 35.20
CA GLY D 162 -15.60 -21.93 34.39
C GLY D 162 -16.96 -21.34 34.07
N SER D 163 -18.05 -22.06 34.32
CA SER D 163 -19.38 -21.53 34.01
C SER D 163 -19.91 -20.56 35.08
N LEU D 164 -19.37 -20.61 36.30
CA LEU D 164 -19.58 -19.53 37.27
C LEU D 164 -18.40 -18.56 37.20
N SER D 165 -18.57 -17.38 36.58
CA SER D 165 -17.44 -16.48 36.32
C SER D 165 -17.66 -15.12 36.96
N SER D 166 -18.87 -14.61 36.86
CA SER D 166 -19.20 -13.34 37.50
C SER D 166 -19.46 -13.54 39.00
N GLY D 167 -19.19 -12.55 39.81
CA GLY D 167 -19.33 -12.80 41.24
C GLY D 167 -18.17 -13.59 41.85
N VAL D 168 -17.13 -13.84 41.07
CA VAL D 168 -15.92 -14.52 41.57
C VAL D 168 -14.84 -13.51 42.02
N HIS D 169 -14.16 -13.74 43.14
CA HIS D 169 -12.92 -12.95 43.44
C HIS D 169 -11.77 -13.89 43.81
N THR D 170 -10.66 -13.86 43.09
CA THR D 170 -9.50 -14.76 43.38
C THR D 170 -8.38 -13.85 43.79
N PHE D 171 -7.91 -14.04 45.01
CA PHE D 171 -7.03 -13.10 45.65
C PHE D 171 -5.59 -13.46 45.34
N PRO D 172 -4.71 -12.45 45.29
CA PRO D 172 -3.25 -12.67 45.17
C PRO D 172 -2.72 -13.50 46.34
N ALA D 173 -1.74 -14.36 46.05
CA ALA D 173 -1.16 -15.25 47.03
C ALA D 173 -0.37 -14.47 48.03
N VAL D 174 -0.28 -15.02 49.23
CA VAL D 174 0.64 -14.42 50.22
C VAL D 174 1.60 -15.51 50.58
N LEU D 175 2.82 -15.10 50.94
CA LEU D 175 3.92 -15.99 51.24
C LEU D 175 3.98 -16.07 52.72
N GLN D 176 3.98 -17.28 53.27
CA GLN D 176 4.23 -17.47 54.69
C GLN D 176 5.04 -18.78 54.87
N SER D 177 6.30 -18.63 55.32
CA SER D 177 7.15 -19.76 55.66
C SER D 177 7.52 -20.53 54.44
N ASP D 178 8.03 -19.77 53.49
CA ASP D 178 8.34 -20.20 52.14
C ASP D 178 7.25 -20.95 51.43
N LEU D 179 5.99 -20.83 51.83
CA LEU D 179 4.92 -21.44 51.01
C LEU D 179 3.87 -20.38 50.76
N TYR D 180 3.12 -20.54 49.67
CA TYR D 180 2.15 -19.58 49.25
C TYR D 180 0.78 -20.10 49.68
N THR D 181 -0.10 -19.15 49.91
CA THR D 181 -1.46 -19.41 50.13
C THR D 181 -2.36 -18.42 49.43
N LEU D 182 -3.45 -18.89 48.84
CA LEU D 182 -4.43 -17.96 48.28
C LEU D 182 -5.84 -18.41 48.57
N SER D 183 -6.78 -17.52 48.37
CA SER D 183 -8.18 -17.92 48.48
C SER D 183 -8.99 -17.38 47.31
N SER D 184 -10.19 -17.95 47.11
CA SER D 184 -11.15 -17.54 46.07
C SER D 184 -12.55 -17.52 46.67
N SER D 185 -13.33 -16.49 46.37
CA SER D 185 -14.74 -16.45 46.80
C SER D 185 -15.62 -16.42 45.59
N VAL D 186 -16.85 -16.98 45.71
CA VAL D 186 -17.87 -16.85 44.67
C VAL D 186 -19.20 -16.54 45.37
N THR D 187 -20.01 -15.69 44.74
CA THR D 187 -21.24 -15.26 45.32
C THR D 187 -22.34 -15.56 44.31
N VAL D 188 -23.35 -16.29 44.79
CA VAL D 188 -24.49 -16.77 44.01
C VAL D 188 -25.82 -16.53 44.79
N PRO D 189 -26.97 -16.54 44.06
CA PRO D 189 -28.29 -16.48 44.70
C PRO D 189 -28.53 -17.57 45.77
N SER D 190 -29.15 -17.19 46.87
CA SER D 190 -29.44 -18.14 47.99
C SER D 190 -30.31 -19.30 47.56
N SER D 191 -31.12 -19.08 46.53
CA SER D 191 -31.99 -20.11 45.96
C SER D 191 -31.20 -21.11 45.08
N THR D 192 -29.90 -20.88 44.89
CA THR D 192 -29.13 -21.77 44.01
C THR D 192 -28.20 -22.72 44.77
N TRP D 193 -27.98 -22.45 46.05
CA TRP D 193 -27.06 -23.27 46.83
C TRP D 193 -27.64 -23.42 48.22
N PRO D 194 -27.65 -24.64 48.77
CA PRO D 194 -27.04 -25.85 48.27
C PRO D 194 -27.88 -26.70 47.31
N SER D 195 -29.06 -26.24 46.89
CA SER D 195 -29.91 -27.05 45.98
C SER D 195 -29.17 -27.41 44.71
N GLU D 196 -28.35 -26.49 44.20
CA GLU D 196 -27.51 -26.73 43.01
C GLU D 196 -26.01 -26.76 43.39
N THR D 197 -25.26 -27.62 42.70
CA THR D 197 -23.89 -27.93 43.06
C THR D 197 -22.95 -26.73 42.85
N VAL D 198 -22.02 -26.49 43.79
CA VAL D 198 -20.94 -25.50 43.57
C VAL D 198 -19.60 -26.11 44.01
N THR D 199 -18.64 -26.06 43.10
CA THR D 199 -17.37 -26.79 43.22
C THR D 199 -16.22 -25.94 42.76
N CYS D 200 -15.15 -25.81 43.55
CA CYS D 200 -13.98 -25.06 43.03
C CYS D 200 -13.01 -26.05 42.39
N ASN D 201 -12.45 -25.65 41.27
CA ASN D 201 -11.47 -26.43 40.53
C ASN D 201 -10.12 -25.73 40.68
N VAL D 202 -9.14 -26.43 41.24
CA VAL D 202 -7.83 -25.85 41.48
C VAL D 202 -6.73 -26.56 40.69
N ALA D 203 -5.78 -25.81 40.16
CA ALA D 203 -4.65 -26.42 39.48
C ALA D 203 -3.39 -25.83 40.00
N HIS D 204 -2.41 -26.71 40.23
CA HIS D 204 -1.04 -26.31 40.50
C HIS D 204 -0.17 -27.06 39.52
N PRO D 205 0.13 -26.41 38.38
CA PRO D 205 0.85 -27.19 37.37
C PRO D 205 2.25 -27.70 37.76
N ALA D 206 3.01 -26.93 38.54
CA ALA D 206 4.37 -27.33 39.00
C ALA D 206 4.39 -28.71 39.59
N SER D 207 3.29 -29.12 40.21
CA SER D 207 3.16 -30.42 40.84
C SER D 207 2.16 -31.31 40.13
N SER D 208 1.79 -30.98 38.89
CA SER D 208 0.75 -31.73 38.16
C SER D 208 -0.51 -31.96 38.97
N THR D 209 -0.91 -31.01 39.79
CA THR D 209 -2.13 -31.17 40.56
C THR D 209 -3.34 -30.54 39.89
N LYS D 210 -4.44 -31.27 39.94
CA LYS D 210 -5.78 -30.81 39.56
C LYS D 210 -6.75 -31.43 40.54
N VAL D 211 -7.42 -30.60 41.35
CA VAL D 211 -8.32 -31.04 42.39
C VAL D 211 -9.66 -30.29 42.27
N ASP D 212 -10.77 -31.02 42.40
CA ASP D 212 -12.06 -30.38 42.54
C ASP D 212 -12.51 -30.56 43.98
N LYS D 213 -13.04 -29.49 44.57
CA LYS D 213 -13.62 -29.63 45.89
C LYS D 213 -15.02 -29.06 45.87
N LYS D 214 -16.02 -29.92 46.11
CA LYS D 214 -17.40 -29.51 46.16
C LYS D 214 -17.64 -28.81 47.49
N ILE D 215 -18.46 -27.77 47.47
CA ILE D 215 -18.74 -27.05 48.69
C ILE D 215 -20.06 -27.56 49.30
N VAL D 216 -19.95 -28.24 50.45
CA VAL D 216 -21.06 -28.92 51.11
C VAL D 216 -21.53 -28.12 52.31
N PRO D 217 -22.84 -27.98 52.50
CA PRO D 217 -23.35 -27.27 53.68
C PRO D 217 -22.86 -27.89 54.97
N ARG D 218 -22.59 -27.06 55.94
CA ARG D 218 -22.24 -27.58 57.26
C ARG D 218 -23.52 -28.00 58.02
N ASP D 219 -23.66 -29.31 58.29
CA ASP D 219 -24.96 -29.92 58.67
C ASP D 219 -25.18 -29.95 60.18
N CYS D 220 -26.15 -29.18 60.65
CA CYS D 220 -26.85 -29.43 61.94
C CYS D 220 -28.01 -28.45 62.16
N ILE E 3 2.50 28.92 -5.99
CA ILE E 3 3.74 28.02 -5.98
C ILE E 3 4.46 28.00 -7.29
N VAL E 4 5.71 28.42 -7.27
CA VAL E 4 6.57 28.52 -8.46
C VAL E 4 7.60 27.39 -8.40
N MET E 5 7.75 26.67 -9.50
CA MET E 5 8.69 25.59 -9.66
C MET E 5 9.79 26.10 -10.54
N THR E 6 10.95 26.37 -9.96
CA THR E 6 12.04 26.99 -10.72
C THR E 6 13.08 25.94 -11.23
N GLN E 7 13.35 25.91 -12.54
CA GLN E 7 14.38 25.05 -13.07
C GLN E 7 15.43 26.01 -13.56
N SER E 8 16.59 26.01 -12.94
CA SER E 8 17.59 27.02 -13.38
C SER E 8 18.29 26.73 -14.70
N PRO E 9 18.76 25.49 -14.93
CA PRO E 9 19.25 25.21 -16.27
C PRO E 9 18.20 25.23 -17.37
N LYS E 10 18.38 26.14 -18.29
CA LYS E 10 17.55 26.17 -19.48
C LYS E 10 17.94 25.10 -20.49
N PHE E 11 19.24 24.78 -20.52
CA PHE E 11 19.83 23.86 -21.49
C PHE E 11 20.89 23.17 -20.71
N MET E 12 21.11 21.91 -21.04
CA MET E 12 22.26 21.18 -20.58
C MET E 12 22.76 20.27 -21.69
N SER E 13 24.08 20.26 -21.86
CA SER E 13 24.74 19.50 -22.91
C SER E 13 25.40 18.24 -22.33
N THR E 14 25.18 17.03 -22.87
CA THR E 14 25.83 15.82 -22.35
C THR E 14 26.36 14.99 -23.52
N SER E 15 26.95 13.81 -23.26
CA SER E 15 27.34 12.89 -24.33
C SER E 15 26.68 11.56 -24.12
N ILE E 16 26.58 10.76 -25.19
CA ILE E 16 25.99 9.41 -25.11
C ILE E 16 26.72 8.59 -24.02
N GLY E 17 25.97 8.02 -23.09
CA GLY E 17 26.46 7.17 -22.01
C GLY E 17 26.85 7.91 -20.73
N ASP E 18 26.80 9.24 -20.73
CA ASP E 18 27.04 9.99 -19.52
C ASP E 18 25.78 10.05 -18.65
N ARG E 19 25.91 10.81 -17.57
CA ARG E 19 24.87 10.96 -16.57
C ARG E 19 24.54 12.43 -16.42
N VAL E 20 23.27 12.76 -16.26
CA VAL E 20 22.83 14.15 -16.17
C VAL E 20 21.82 14.33 -15.00
N ASN E 21 21.85 15.48 -14.33
CA ASN E 21 21.00 15.86 -13.20
C ASN E 21 20.18 17.03 -13.65
N ILE E 22 18.84 16.95 -13.52
CA ILE E 22 17.91 18.06 -13.81
C ILE E 22 17.19 18.41 -12.52
N THR E 23 17.23 19.66 -12.11
CA THR E 23 16.70 20.05 -10.79
C THR E 23 15.57 21.08 -10.91
N CYS E 24 14.76 21.11 -9.87
CA CYS E 24 13.61 21.92 -9.82
C CYS E 24 13.52 22.32 -8.34
N LYS E 25 13.25 23.58 -8.05
CA LYS E 25 13.10 23.99 -6.66
C LYS E 25 11.74 24.68 -6.48
N ALA E 26 10.94 24.23 -5.53
CA ALA E 26 9.66 24.85 -5.26
C ALA E 26 9.82 26.02 -4.31
N THR E 27 9.01 27.06 -4.49
CA THR E 27 8.95 28.16 -3.53
C THR E 27 8.18 27.79 -2.25
N GLN E 28 7.50 26.65 -2.20
CA GLN E 28 6.88 26.18 -0.94
C GLN E 28 7.05 24.67 -0.85
N ASN E 29 6.76 24.13 0.33
CA ASN E 29 6.84 22.73 0.66
C ASN E 29 5.70 21.96 -0.08
N VAL E 30 6.10 21.09 -1.04
CA VAL E 30 5.14 20.31 -1.82
C VAL E 30 5.26 18.82 -1.49
N ARG E 31 5.93 18.51 -0.35
CA ARG E 31 6.09 17.14 0.18
C ARG E 31 6.76 16.21 -0.87
N THR E 32 6.08 15.17 -1.37
CA THR E 32 6.67 14.40 -2.42
C THR E 32 5.79 14.50 -3.72
N ALA E 33 4.89 15.47 -3.82
CA ALA E 33 3.89 15.50 -4.93
C ALA E 33 4.48 16.20 -6.13
N VAL E 34 5.60 15.64 -6.64
CA VAL E 34 6.30 16.23 -7.77
C VAL E 34 6.43 15.12 -8.83
N THR E 35 6.15 15.46 -10.09
CA THR E 35 6.20 14.54 -11.23
C THR E 35 7.14 15.15 -12.26
N TRP E 36 7.98 14.31 -12.85
CA TRP E 36 8.82 14.66 -13.95
C TRP E 36 8.29 14.08 -15.25
N TYR E 37 8.34 14.92 -16.29
CA TYR E 37 7.91 14.63 -17.66
C TYR E 37 9.04 14.79 -18.67
N GLN E 38 8.96 13.99 -19.72
CA GLN E 38 9.91 14.13 -20.89
C GLN E 38 9.06 14.61 -22.06
N GLN E 39 9.53 15.62 -22.79
CA GLN E 39 8.85 16.07 -23.97
C GLN E 39 9.81 16.15 -25.16
N LYS E 40 9.63 15.18 -26.06
CA LYS E 40 10.48 15.09 -27.23
C LYS E 40 9.96 16.07 -28.31
N PRO E 41 10.83 16.48 -29.24
CA PRO E 41 10.40 17.49 -30.21
C PRO E 41 9.17 17.07 -31.01
N GLY E 42 8.18 17.92 -31.08
CA GLY E 42 6.98 17.62 -31.84
C GLY E 42 6.11 16.59 -31.17
N GLN E 43 6.40 16.25 -29.90
CA GLN E 43 5.55 15.28 -29.19
C GLN E 43 4.90 15.86 -27.92
N SER E 44 3.92 15.11 -27.41
CA SER E 44 3.25 15.38 -26.13
C SER E 44 4.19 15.04 -24.99
N PRO E 45 4.01 15.67 -23.81
CA PRO E 45 4.73 15.18 -22.66
C PRO E 45 4.41 13.72 -22.34
N GLN E 46 5.38 13.03 -21.73
CA GLN E 46 5.16 11.68 -21.14
C GLN E 46 5.83 11.60 -19.78
N ALA E 47 5.12 10.99 -18.86
CA ALA E 47 5.57 10.89 -17.46
C ALA E 47 6.78 9.99 -17.32
N LEU E 48 7.74 10.44 -16.52
CA LEU E 48 8.92 9.64 -16.19
C LEU E 48 8.83 9.08 -14.72
N ILE E 49 8.59 10.00 -13.80
CA ILE E 49 8.69 9.82 -12.32
C ILE E 49 7.55 10.59 -11.66
N PHE E 50 6.81 9.91 -10.79
CA PHE E 50 5.74 10.52 -10.04
C PHE E 50 5.98 10.27 -8.53
N LEU E 51 5.46 11.18 -7.70
CA LEU E 51 5.57 11.13 -6.24
C LEU E 51 7.07 11.13 -5.95
N ALA E 52 7.77 12.00 -6.70
CA ALA E 52 9.20 12.36 -6.55
C ALA E 52 10.23 11.29 -6.97
N SER E 53 9.89 10.00 -6.81
CA SER E 53 10.92 8.94 -6.97
C SER E 53 10.36 7.68 -7.63
N ASN E 54 9.07 7.66 -7.98
CA ASN E 54 8.49 6.39 -8.58
C ASN E 54 8.41 6.39 -10.11
N ARG E 55 8.81 5.30 -10.79
CA ARG E 55 8.79 5.26 -12.26
C ARG E 55 7.44 5.03 -12.84
N HIS E 56 7.09 5.82 -13.84
CA HIS E 56 5.91 5.56 -14.66
C HIS E 56 6.12 4.26 -15.41
N THR E 57 5.03 3.58 -15.70
CA THR E 57 5.05 2.28 -16.44
C THR E 57 5.92 2.37 -17.67
N GLY E 58 6.88 1.48 -17.79
CA GLY E 58 7.71 1.35 -18.99
C GLY E 58 8.96 2.19 -18.99
N VAL E 59 9.11 3.10 -18.04
CA VAL E 59 10.30 3.93 -17.98
C VAL E 59 11.50 3.10 -17.54
N PRO E 60 12.54 3.10 -18.35
CA PRO E 60 13.72 2.26 -18.00
C PRO E 60 14.36 2.66 -16.65
N ALA E 61 15.03 1.75 -15.99
CA ALA E 61 15.60 1.94 -14.64
C ALA E 61 16.65 3.03 -14.59
N ARG E 62 17.20 3.39 -15.73
CA ARG E 62 18.25 4.41 -15.70
C ARG E 62 17.75 5.86 -15.44
N PHE E 63 16.43 6.04 -15.45
CA PHE E 63 15.79 7.25 -14.90
C PHE E 63 15.48 7.07 -13.43
N THR E 64 15.96 7.98 -12.58
CA THR E 64 15.57 8.00 -11.20
C THR E 64 15.20 9.43 -10.77
N GLY E 65 14.43 9.51 -9.70
CA GLY E 65 14.13 10.77 -9.08
C GLY E 65 14.32 10.79 -7.58
N SER E 66 14.63 11.97 -7.04
CA SER E 66 14.82 12.05 -5.60
C SER E 66 14.39 13.38 -5.12
N GLY E 67 14.16 13.47 -3.81
CA GLY E 67 13.95 14.75 -3.13
C GLY E 67 12.60 14.81 -2.49
N SER E 68 12.43 15.80 -1.61
CA SER E 68 11.14 16.08 -1.00
C SER E 68 11.20 17.47 -0.41
N GLY E 69 10.05 18.03 -0.04
CA GLY E 69 10.04 19.42 0.47
C GLY E 69 10.00 20.41 -0.69
N THR E 70 11.15 21.05 -0.93
CA THR E 70 11.28 22.05 -1.97
C THR E 70 12.31 21.67 -3.02
N ASP E 71 13.16 20.69 -2.80
CA ASP E 71 14.31 20.42 -3.74
C ASP E 71 14.12 19.05 -4.42
N PHE E 72 14.07 19.05 -5.74
CA PHE E 72 13.88 17.80 -6.46
C PHE E 72 14.88 17.63 -7.61
N THR E 73 15.28 16.37 -7.86
CA THR E 73 16.20 16.02 -8.94
C THR E 73 15.77 14.80 -9.74
N LEU E 74 15.72 14.95 -11.05
CA LEU E 74 15.70 13.82 -11.96
C LEU E 74 17.12 13.56 -12.41
N THR E 75 17.53 12.31 -12.36
CA THR E 75 18.82 11.89 -12.85
C THR E 75 18.61 10.95 -14.01
N ILE E 76 19.30 11.21 -15.11
CA ILE E 76 19.26 10.30 -16.28
C ILE E 76 20.65 9.68 -16.39
N ASN E 77 20.74 8.39 -16.07
CA ASN E 77 21.96 7.64 -16.28
C ASN E 77 22.04 7.07 -17.69
N ASN E 78 23.27 6.80 -18.11
CA ASN E 78 23.56 6.16 -19.37
C ASN E 78 22.80 6.80 -20.54
N VAL E 79 22.98 8.10 -20.71
CA VAL E 79 22.24 8.81 -21.75
C VAL E 79 22.29 8.11 -23.11
N LYS E 80 21.13 8.07 -23.73
CA LYS E 80 20.94 7.57 -25.07
C LYS E 80 20.35 8.63 -25.97
N SER E 81 20.41 8.35 -27.28
CA SER E 81 20.04 9.32 -28.34
C SER E 81 18.60 9.74 -28.25
N GLU E 82 17.72 8.77 -27.98
CA GLU E 82 16.31 9.03 -27.80
C GLU E 82 15.93 9.93 -26.59
N ASP E 83 16.85 10.14 -25.68
CA ASP E 83 16.67 11.08 -24.58
C ASP E 83 16.68 12.56 -24.96
N LEU E 84 16.86 12.84 -26.24
CA LEU E 84 16.88 14.21 -26.73
C LEU E 84 15.47 14.75 -26.48
N ALA E 85 15.37 15.74 -25.58
CA ALA E 85 14.09 16.22 -25.14
C ALA E 85 14.18 17.38 -24.17
N ASP E 86 13.00 17.97 -23.95
CA ASP E 86 12.74 18.86 -22.79
C ASP E 86 12.24 18.05 -21.59
N TYR E 87 12.78 18.33 -20.42
CA TYR E 87 12.41 17.67 -19.13
C TYR E 87 11.91 18.76 -18.18
N PHE E 88 10.75 18.58 -17.55
CA PHE E 88 10.26 19.60 -16.67
C PHE E 88 9.45 18.95 -15.56
N CYS E 89 9.32 19.66 -14.45
CA CYS E 89 8.60 19.16 -13.31
C CYS E 89 7.18 19.75 -13.21
N LEU E 90 6.34 19.10 -12.40
CA LEU E 90 4.99 19.56 -12.04
C LEU E 90 4.90 19.45 -10.51
N GLN E 91 4.42 20.46 -9.80
CA GLN E 91 3.91 20.12 -8.43
C GLN E 91 2.43 19.87 -8.49
N HIS E 92 1.98 18.89 -7.70
CA HIS E 92 0.54 18.40 -7.71
C HIS E 92 0.11 18.36 -6.23
N TRP E 93 0.56 19.35 -5.48
CA TRP E 93 0.23 19.53 -4.04
C TRP E 93 -0.93 20.48 -3.77
N ASN E 94 -1.01 21.59 -4.49
CA ASN E 94 -2.12 22.54 -4.25
C ASN E 94 -2.40 23.29 -5.53
N TYR E 95 -3.45 24.13 -5.53
CA TYR E 95 -3.82 24.84 -6.71
C TYR E 95 -3.23 26.25 -6.70
N PRO E 96 -2.97 26.85 -7.87
CA PRO E 96 -2.94 26.17 -9.12
C PRO E 96 -1.80 25.14 -9.25
N LEU E 97 -2.06 24.08 -9.98
CA LEU E 97 -0.97 23.20 -10.36
C LEU E 97 -0.01 23.95 -11.27
N THR E 98 1.29 23.82 -11.03
CA THR E 98 2.30 24.66 -11.65
C THR E 98 3.46 23.77 -12.10
N PHE E 99 4.05 24.17 -13.23
CA PHE E 99 5.06 23.40 -13.92
C PHE E 99 6.33 24.19 -13.94
N GLY E 100 7.46 23.50 -13.96
CA GLY E 100 8.74 24.21 -14.17
C GLY E 100 8.88 24.55 -15.65
N SER E 101 9.77 25.49 -16.01
CA SER E 101 9.80 25.99 -17.41
C SER E 101 10.62 25.08 -18.32
N GLY E 102 11.30 24.10 -17.76
CA GLY E 102 11.91 23.04 -18.58
C GLY E 102 13.41 23.18 -18.74
N THR E 103 14.08 22.05 -18.95
CA THR E 103 15.52 22.02 -19.26
C THR E 103 15.65 21.15 -20.53
N LYS E 104 16.19 21.74 -21.58
CA LYS E 104 16.38 21.06 -22.84
C LYS E 104 17.71 20.31 -22.82
N LEU E 105 17.68 19.03 -23.19
CA LEU E 105 18.87 18.19 -23.15
C LEU E 105 19.49 18.21 -24.52
N GLU E 106 20.77 18.54 -24.63
CA GLU E 106 21.47 18.55 -25.92
C GLU E 106 22.57 17.49 -25.85
N ILE E 107 22.86 16.85 -26.98
CA ILE E 107 23.70 15.66 -27.02
C ILE E 107 24.88 15.88 -27.97
N LYS E 108 26.09 15.81 -27.42
CA LYS E 108 27.32 15.93 -28.25
C LYS E 108 27.54 14.64 -29.00
N ARG E 109 28.07 14.75 -30.21
CA ARG E 109 28.50 13.60 -30.97
C ARG E 109 29.62 14.01 -31.90
N ALA E 110 30.14 13.03 -32.62
CA ALA E 110 31.23 13.23 -33.60
C ALA E 110 30.75 14.07 -34.80
N ASP E 111 31.70 14.79 -35.42
CA ASP E 111 31.38 15.69 -36.54
C ASP E 111 30.91 14.82 -37.71
N ALA E 112 29.94 15.32 -38.51
CA ALA E 112 29.47 14.54 -39.65
C ALA E 112 29.09 15.47 -40.78
N ALA E 113 29.55 15.12 -41.96
CA ALA E 113 29.30 15.89 -43.17
C ALA E 113 27.86 15.74 -43.63
N PRO E 114 27.30 16.82 -44.19
CA PRO E 114 25.92 16.79 -44.69
C PRO E 114 25.74 16.02 -45.99
N THR E 115 24.61 15.38 -46.18
CA THR E 115 24.27 14.82 -47.50
C THR E 115 23.34 15.82 -48.21
N VAL E 116 23.85 16.43 -49.28
CA VAL E 116 23.23 17.57 -49.96
C VAL E 116 22.45 17.10 -51.21
N SER E 117 21.25 17.64 -51.44
CA SER E 117 20.52 17.35 -52.68
C SER E 117 19.65 18.56 -53.08
N ILE E 118 19.65 18.83 -54.39
CA ILE E 118 19.02 20.01 -55.01
C ILE E 118 17.85 19.59 -55.87
N PHE E 119 16.77 20.38 -55.83
CA PHE E 119 15.51 20.15 -56.57
C PHE E 119 15.01 21.38 -57.29
N PRO E 120 14.78 21.24 -58.60
CA PRO E 120 14.18 22.33 -59.35
C PRO E 120 12.70 22.56 -58.97
N PRO E 121 12.14 23.64 -59.43
CA PRO E 121 10.74 23.88 -59.22
C PRO E 121 9.86 22.79 -59.87
N SER E 122 8.74 22.53 -59.28
CA SER E 122 7.75 21.66 -59.90
C SER E 122 7.00 22.32 -61.07
N SER E 123 6.50 21.51 -62.01
CA SER E 123 5.51 21.97 -62.99
C SER E 123 4.32 22.69 -62.38
N GLU E 124 3.79 22.07 -61.34
CA GLU E 124 2.63 22.60 -60.67
C GLU E 124 2.95 24.01 -60.18
N GLN E 125 4.16 24.23 -59.62
CA GLN E 125 4.47 25.56 -59.10
C GLN E 125 4.63 26.54 -60.27
N LEU E 126 5.35 26.11 -61.29
CA LEU E 126 5.57 26.98 -62.46
C LEU E 126 4.24 27.37 -63.11
N THR E 127 3.24 26.48 -63.09
CA THR E 127 1.92 26.81 -63.67
C THR E 127 1.30 27.98 -62.92
N SER E 128 1.51 27.98 -61.59
CA SER E 128 0.93 29.00 -60.71
C SER E 128 1.70 30.31 -60.79
N GLY E 129 2.82 30.34 -61.49
CA GLY E 129 3.60 31.61 -61.65
C GLY E 129 4.78 31.84 -60.69
N GLY E 130 5.15 30.79 -59.96
CA GLY E 130 6.21 30.90 -58.87
C GLY E 130 7.31 29.88 -59.20
N ALA E 131 8.51 29.99 -58.61
CA ALA E 131 9.57 28.99 -58.85
C ALA E 131 10.43 28.89 -57.59
N SER E 132 10.27 27.84 -56.80
CA SER E 132 11.10 27.68 -55.59
C SER E 132 12.11 26.58 -55.95
N VAL E 133 13.36 26.80 -55.58
CA VAL E 133 14.46 25.79 -55.73
C VAL E 133 14.88 25.32 -54.33
N VAL E 134 14.87 24.03 -54.08
CA VAL E 134 15.07 23.52 -52.72
C VAL E 134 16.37 22.72 -52.61
N CYS E 135 17.07 22.97 -51.53
CA CYS E 135 18.26 22.24 -51.17
C CYS E 135 18.12 21.65 -49.77
N PHE E 136 18.27 20.34 -49.67
CA PHE E 136 18.29 19.64 -48.39
C PHE E 136 19.76 19.30 -48.03
N LEU E 137 20.11 19.57 -46.78
CA LEU E 137 21.42 19.33 -46.20
C LEU E 137 21.16 18.46 -44.96
N ASN E 138 21.33 17.16 -45.15
CA ASN E 138 20.82 16.20 -44.20
C ASN E 138 21.91 15.49 -43.38
N ASN E 139 21.57 15.28 -42.13
CA ASN E 139 22.31 14.45 -41.16
C ASN E 139 23.74 14.91 -40.95
N PHE E 140 23.88 16.14 -40.47
CA PHE E 140 25.21 16.70 -40.21
C PHE E 140 25.39 17.14 -38.76
N TYR E 141 26.65 17.33 -38.35
CA TYR E 141 26.99 17.80 -37.00
C TYR E 141 28.35 18.46 -37.04
N PRO E 142 28.54 19.63 -36.37
CA PRO E 142 27.58 20.35 -35.56
C PRO E 142 26.60 21.20 -36.38
N LYS E 143 25.84 22.02 -35.68
CA LYS E 143 24.69 22.73 -36.24
C LYS E 143 25.07 23.85 -37.23
N ASP E 144 26.18 24.52 -36.99
CA ASP E 144 26.58 25.63 -37.81
C ASP E 144 26.91 25.16 -39.20
N ILE E 145 26.35 25.87 -40.18
CA ILE E 145 26.51 25.48 -41.57
C ILE E 145 26.21 26.70 -42.42
N ASN E 146 26.91 26.79 -43.54
CA ASN E 146 26.72 27.87 -44.48
C ASN E 146 26.19 27.32 -45.78
N VAL E 147 25.13 27.94 -46.27
CA VAL E 147 24.63 27.66 -47.61
C VAL E 147 24.63 28.90 -48.45
N LYS E 148 25.16 28.76 -49.66
CA LYS E 148 25.13 29.77 -50.68
C LYS E 148 24.39 29.24 -51.88
N TRP E 149 23.55 30.10 -52.43
CA TRP E 149 22.96 29.87 -53.75
C TRP E 149 23.62 30.68 -54.85
N LYS E 150 23.84 30.02 -56.01
CA LYS E 150 24.33 30.73 -57.16
C LYS E 150 23.45 30.46 -58.35
N ILE E 151 23.19 31.52 -59.09
CA ILE E 151 22.43 31.47 -60.29
C ILE E 151 23.39 31.92 -61.41
N ASP E 152 23.66 31.05 -62.38
CA ASP E 152 24.64 31.33 -63.44
C ASP E 152 25.90 31.89 -62.83
N GLY E 153 26.32 31.27 -61.75
CA GLY E 153 27.56 31.65 -61.09
C GLY E 153 27.52 32.89 -60.18
N SER E 154 26.42 33.63 -60.08
CA SER E 154 26.44 34.78 -59.23
C SER E 154 25.58 34.53 -58.01
N GLU E 155 26.13 34.92 -56.91
CA GLU E 155 25.56 34.58 -55.62
C GLU E 155 24.21 35.33 -55.39
N ARG E 156 23.21 34.59 -54.92
CA ARG E 156 21.96 35.22 -54.51
C ARG E 156 21.61 34.85 -53.06
N GLN E 157 21.26 35.85 -52.29
CA GLN E 157 20.77 35.70 -50.90
C GLN E 157 19.30 36.21 -50.63
N ASN E 158 18.81 37.28 -51.31
CA ASN E 158 17.32 37.55 -51.35
C ASN E 158 16.45 36.37 -51.80
N GLY E 159 15.30 36.21 -51.13
CA GLY E 159 14.40 35.09 -51.37
C GLY E 159 14.81 33.73 -50.80
N VAL E 160 15.78 33.70 -49.89
CA VAL E 160 16.27 32.43 -49.34
C VAL E 160 15.75 32.29 -47.94
N LEU E 161 15.04 31.18 -47.68
CA LEU E 161 14.57 30.81 -46.34
C LEU E 161 15.16 29.47 -45.91
N ASN E 162 15.72 29.46 -44.71
CA ASN E 162 16.41 28.29 -44.09
C ASN E 162 15.70 27.80 -42.85
N SER E 163 15.64 26.49 -42.66
CA SER E 163 14.98 25.87 -41.50
C SER E 163 15.77 24.63 -41.07
N TRP E 164 16.10 24.52 -39.80
CA TRP E 164 16.89 23.40 -39.19
C TRP E 164 15.93 22.53 -38.39
N THR E 165 16.12 21.24 -38.44
CA THR E 165 15.44 20.32 -37.51
C THR E 165 16.08 20.43 -36.14
N ASP E 166 15.38 19.90 -35.15
CA ASP E 166 16.07 19.51 -33.92
C ASP E 166 16.98 18.33 -34.13
N GLN E 167 17.82 18.05 -33.12
CA GLN E 167 18.71 16.89 -33.20
C GLN E 167 17.88 15.62 -33.40
N ASP E 168 18.35 14.78 -34.29
CA ASP E 168 17.69 13.49 -34.57
C ASP E 168 17.68 12.55 -33.33
N SER E 169 16.57 11.87 -33.10
CA SER E 169 16.48 10.98 -31.93
C SER E 169 17.28 9.68 -32.05
N LYS E 170 17.76 9.34 -33.25
CA LYS E 170 18.55 8.13 -33.47
C LYS E 170 20.02 8.41 -33.59
N ASP E 171 20.43 9.44 -34.34
CA ASP E 171 21.85 9.67 -34.54
C ASP E 171 22.33 11.04 -34.08
N SER E 172 21.44 11.79 -33.43
CA SER E 172 21.78 13.12 -32.86
C SER E 172 22.31 14.17 -33.89
N THR E 173 22.04 13.99 -35.17
CA THR E 173 22.47 14.95 -36.20
C THR E 173 21.39 16.01 -36.38
N TYR E 174 21.77 17.07 -37.07
CA TYR E 174 20.85 18.03 -37.59
C TYR E 174 20.61 17.83 -39.06
N SER E 175 19.49 18.37 -39.53
CA SER E 175 19.31 18.56 -40.95
C SER E 175 18.74 19.97 -41.16
N MET E 176 18.82 20.46 -42.38
CA MET E 176 18.44 21.85 -42.71
C MET E 176 17.91 21.88 -44.13
N SER E 177 16.84 22.65 -44.38
CA SER E 177 16.35 22.86 -45.73
C SER E 177 16.58 24.31 -46.04
N SER E 178 16.97 24.60 -47.27
CA SER E 178 17.14 25.95 -47.76
C SER E 178 16.36 26.06 -49.06
N THR E 179 15.47 27.04 -49.14
CA THR E 179 14.59 27.28 -50.28
C THR E 179 14.81 28.64 -50.83
N LEU E 180 15.08 28.69 -52.13
CA LEU E 180 15.25 29.95 -52.86
C LEU E 180 14.01 30.16 -53.71
N THR E 181 13.32 31.25 -53.44
CA THR E 181 12.07 31.51 -54.16
C THR E 181 12.21 32.68 -55.14
N LEU E 182 11.91 32.39 -56.41
CA LEU E 182 11.90 33.30 -57.55
C LEU E 182 10.54 33.43 -58.18
N THR E 183 10.38 34.45 -59.06
CA THR E 183 9.24 34.43 -59.97
C THR E 183 9.55 33.43 -61.05
N LYS E 184 8.50 32.84 -61.66
CA LYS E 184 8.69 32.02 -62.84
C LYS E 184 9.56 32.74 -63.86
N ASP E 185 9.23 34.02 -64.12
CA ASP E 185 9.90 34.77 -65.22
C ASP E 185 11.41 34.81 -64.95
N GLU E 186 11.81 35.01 -63.68
CA GLU E 186 13.25 35.13 -63.42
C GLU E 186 13.91 33.75 -63.53
N TYR E 187 13.24 32.74 -63.02
CA TYR E 187 13.73 31.39 -63.12
C TYR E 187 14.00 30.98 -64.58
N GLU E 188 13.03 31.27 -65.43
CA GLU E 188 13.08 30.91 -66.85
C GLU E 188 14.14 31.67 -67.63
N ARG E 189 14.61 32.83 -67.12
CA ARG E 189 15.69 33.59 -67.78
C ARG E 189 17.09 33.11 -67.44
N HIS E 190 17.23 32.18 -66.52
CA HIS E 190 18.57 31.67 -66.19
C HIS E 190 18.65 30.16 -66.36
N ASN E 191 19.88 29.65 -66.25
CA ASN E 191 20.23 28.32 -66.67
C ASN E 191 20.76 27.46 -65.54
N SER E 192 21.83 27.90 -64.91
CA SER E 192 22.52 27.03 -63.93
C SER E 192 22.09 27.43 -62.51
N TYR E 193 21.59 26.48 -61.73
CA TYR E 193 21.28 26.68 -60.30
C TYR E 193 22.13 25.78 -59.40
N THR E 194 22.76 26.39 -58.39
CA THR E 194 23.63 25.70 -57.48
C THR E 194 23.38 26.00 -56.01
N CYS E 195 23.47 24.95 -55.21
CA CYS E 195 23.38 25.00 -53.79
C CYS E 195 24.84 24.63 -53.33
N GLU E 196 25.50 25.46 -52.52
CA GLU E 196 26.88 25.18 -52.00
C GLU E 196 26.95 25.20 -50.51
N ALA E 197 27.26 24.04 -49.90
CA ALA E 197 27.28 23.94 -48.46
C ALA E 197 28.72 23.93 -47.99
N THR E 198 29.01 24.75 -46.97
CA THR E 198 30.31 24.78 -46.27
C THR E 198 30.11 24.51 -44.83
N HIS E 199 30.79 23.47 -44.38
CA HIS E 199 30.67 22.92 -43.05
C HIS E 199 32.11 22.58 -42.60
N LYS E 200 32.31 22.64 -41.27
CA LYS E 200 33.59 22.49 -40.55
C LYS E 200 34.31 21.19 -40.90
N THR E 201 33.55 20.20 -41.34
CA THR E 201 34.07 18.90 -41.70
C THR E 201 34.90 18.94 -42.97
N SER E 202 34.78 19.99 -43.78
CA SER E 202 35.70 20.17 -44.89
C SER E 202 35.94 21.61 -45.27
N THR E 203 37.12 21.79 -45.84
CA THR E 203 37.55 23.06 -46.29
C THR E 203 36.99 23.33 -47.70
N SER E 204 36.65 22.27 -48.42
CA SER E 204 36.00 22.46 -49.70
C SER E 204 34.42 22.36 -49.58
N PRO E 205 33.71 23.27 -50.23
CA PRO E 205 32.27 23.23 -50.14
C PRO E 205 31.72 22.02 -50.89
N ILE E 206 30.59 21.51 -50.41
CA ILE E 206 29.79 20.52 -51.16
C ILE E 206 28.91 21.30 -52.13
N VAL E 207 28.96 20.95 -53.41
CA VAL E 207 28.29 21.69 -54.45
C VAL E 207 27.33 20.76 -55.15
N LYS E 208 26.06 21.16 -55.22
CA LYS E 208 25.09 20.47 -56.05
C LYS E 208 24.43 21.43 -56.99
N SER E 209 24.15 20.99 -58.23
CA SER E 209 23.67 21.86 -59.25
C SER E 209 22.75 21.14 -60.20
N PHE E 210 21.97 21.93 -60.92
CA PHE E 210 21.24 21.47 -62.12
C PHE E 210 21.17 22.58 -63.13
N ASN E 211 20.83 22.22 -64.37
CA ASN E 211 20.51 23.17 -65.42
C ASN E 211 19.05 23.15 -65.79
N ARG E 212 18.46 24.33 -65.89
CA ARG E 212 17.04 24.39 -66.23
C ARG E 212 16.96 23.72 -67.61
N ASN E 213 16.05 22.78 -67.75
CA ASN E 213 15.90 22.01 -68.97
C ASN E 213 14.40 21.70 -69.18
N GLU E 214 13.85 21.84 -70.39
CA GLU E 214 12.45 21.46 -70.65
C GLU E 214 12.45 20.31 -71.60
N CYS E 215 11.40 19.50 -71.53
CA CYS E 215 11.14 18.53 -72.60
C CYS E 215 10.66 19.33 -73.82
N ILE F 3 17.92 1.88 23.12
CA ILE F 3 16.91 2.99 23.20
C ILE F 3 16.07 2.78 24.47
N VAL F 4 15.89 3.85 25.23
CA VAL F 4 15.07 3.81 26.45
C VAL F 4 13.71 4.43 26.15
N MET F 5 12.63 3.69 26.44
CA MET F 5 11.28 4.21 26.35
C MET F 5 10.79 4.57 27.76
N THR F 6 10.66 5.88 28.05
CA THR F 6 10.22 6.40 29.35
C THR F 6 8.76 6.78 29.36
N GLN F 7 7.97 6.23 30.28
CA GLN F 7 6.59 6.70 30.44
C GLN F 7 6.52 7.81 31.54
N PRO F 9 4.79 8.67 34.34
CA PRO F 9 3.70 8.39 35.27
C PRO F 9 3.44 6.91 35.43
N LYS F 10 3.61 6.47 36.63
CA LYS F 10 3.37 5.12 36.98
C LYS F 10 1.85 4.90 37.02
N PHE F 11 1.10 5.91 37.45
CA PHE F 11 -0.35 5.77 37.65
C PHE F 11 -1.04 6.95 37.03
N MET F 12 -2.26 6.74 36.54
CA MET F 12 -3.05 7.78 35.92
C MET F 12 -4.47 7.52 36.43
N SER F 13 -5.06 8.50 37.09
CA SER F 13 -6.38 8.31 37.73
C SER F 13 -7.41 8.98 36.83
N THR F 14 -8.55 8.35 36.63
CA THR F 14 -9.57 8.90 35.78
C THR F 14 -10.97 8.49 36.27
N SER F 15 -12.01 8.92 35.57
CA SER F 15 -13.37 8.54 35.89
C SER F 15 -14.04 7.86 34.69
N ILE F 16 -15.09 7.10 34.95
CA ILE F 16 -15.81 6.42 33.85
C ILE F 16 -16.35 7.49 32.90
N GLY F 17 -16.12 7.36 31.59
CA GLY F 17 -16.57 8.33 30.59
C GLY F 17 -15.61 9.47 30.29
N ASP F 18 -14.57 9.61 31.08
CA ASP F 18 -13.55 10.62 30.75
C ASP F 18 -12.59 10.11 29.64
N ARG F 19 -11.65 10.99 29.28
CA ARG F 19 -10.61 10.75 28.29
C ARG F 19 -9.28 10.87 29.01
N VAL F 20 -8.34 9.98 28.71
CA VAL F 20 -7.02 10.04 29.31
C VAL F 20 -5.94 9.80 28.25
N ASN F 21 -4.76 10.39 28.44
CA ASN F 21 -3.57 10.20 27.63
C ASN F 21 -2.51 9.46 28.37
N ILE F 22 -1.87 8.49 27.69
CA ILE F 22 -0.70 7.79 28.21
C ILE F 22 0.45 8.11 27.26
N THR F 23 1.58 8.53 27.81
CA THR F 23 2.64 9.05 26.97
C THR F 23 3.90 8.25 27.14
N CYS F 24 4.67 8.19 26.07
CA CYS F 24 5.94 7.47 26.04
C CYS F 24 6.92 8.42 25.35
N LYS F 25 8.13 8.51 25.85
CA LYS F 25 9.21 9.29 25.19
C LYS F 25 10.48 8.41 24.96
N ALA F 26 10.96 8.34 23.70
CA ALA F 26 12.12 7.51 23.33
C ALA F 26 13.38 8.37 23.39
N THR F 27 14.51 7.78 23.76
CA THR F 27 15.82 8.56 23.77
C THR F 27 16.45 8.76 22.39
N GLN F 28 15.96 8.03 21.37
CA GLN F 28 16.36 8.19 19.97
C GLN F 28 15.10 8.17 19.12
N ASN F 29 15.27 8.60 17.88
CA ASN F 29 14.26 8.69 16.86
C ASN F 29 13.90 7.27 16.46
N VAL F 30 12.67 6.90 16.68
CA VAL F 30 12.19 5.58 16.28
C VAL F 30 11.14 5.65 15.16
N ARG F 31 11.04 6.79 14.44
CA ARG F 31 10.09 6.94 13.30
C ARG F 31 8.68 6.70 13.73
N THR F 32 7.93 5.75 13.14
CA THR F 32 6.63 5.48 13.68
C THR F 32 6.57 4.08 14.23
N ALA F 33 7.72 3.50 14.59
CA ALA F 33 7.74 2.06 14.94
C ALA F 33 7.51 1.88 16.46
N VAL F 34 6.33 2.27 16.92
CA VAL F 34 5.90 2.17 18.31
C VAL F 34 4.57 1.43 18.33
N THR F 35 4.44 0.49 19.29
CA THR F 35 3.16 -0.21 19.47
C THR F 35 2.79 -0.02 20.90
N TRP F 36 1.48 0.13 21.17
CA TRP F 36 0.92 0.20 22.49
C TRP F 36 0.19 -1.09 22.83
N TYR F 37 0.35 -1.54 24.07
CA TYR F 37 -0.30 -2.74 24.60
C TYR F 37 -1.06 -2.40 25.85
N GLN F 38 -2.14 -3.14 26.04
CA GLN F 38 -2.95 -3.18 27.26
C GLN F 38 -2.64 -4.51 27.98
N GLN F 39 -2.47 -4.45 29.32
CA GLN F 39 -2.28 -5.73 30.06
C GLN F 39 -3.10 -5.66 31.31
N LYS F 40 -4.17 -6.42 31.32
CA LYS F 40 -5.08 -6.40 32.45
C LYS F 40 -4.50 -7.26 33.54
N PRO F 41 -5.03 -7.06 34.76
CA PRO F 41 -4.43 -7.81 35.87
C PRO F 41 -4.57 -9.30 35.64
N GLY F 42 -3.46 -9.99 35.82
CA GLY F 42 -3.43 -11.43 35.65
C GLY F 42 -3.50 -11.94 34.23
N GLN F 43 -3.43 -11.07 33.23
CA GLN F 43 -3.49 -11.50 31.84
C GLN F 43 -2.21 -11.10 31.06
N SER F 44 -2.12 -11.58 29.83
CA SER F 44 -0.98 -11.28 29.01
C SER F 44 -1.23 -9.99 28.20
N PRO F 45 -0.16 -9.34 27.72
CA PRO F 45 -0.38 -8.17 26.82
C PRO F 45 -1.28 -8.41 25.63
N GLN F 46 -2.04 -7.38 25.31
CA GLN F 46 -2.89 -7.35 24.10
C GLN F 46 -2.59 -6.06 23.30
N ALA F 47 -2.37 -6.21 21.99
CA ALA F 47 -2.05 -5.10 21.12
C ALA F 47 -3.23 -4.16 21.05
N LEU F 48 -2.94 -2.86 21.12
CA LEU F 48 -3.95 -1.79 20.85
C LEU F 48 -3.67 -1.02 19.53
N ILE F 49 -2.43 -0.49 19.40
CA ILE F 49 -2.07 0.42 18.36
C ILE F 49 -0.66 0.07 17.87
N PHE F 50 -0.46 -0.04 16.55
CA PHE F 50 0.81 -0.36 16.00
C PHE F 50 1.21 0.67 14.94
N LEU F 51 2.46 0.71 14.63
CA LEU F 51 3.01 1.74 13.74
C LEU F 51 2.47 3.14 14.19
N ALA F 52 2.51 3.40 15.52
CA ALA F 52 2.13 4.68 16.15
C ALA F 52 0.63 5.06 16.15
N SER F 53 -0.14 4.68 15.11
CA SER F 53 -1.48 5.21 14.99
C SER F 53 -2.50 4.28 14.44
N ASN F 54 -2.15 3.01 14.21
CA ASN F 54 -3.11 2.08 13.51
C ASN F 54 -3.67 1.13 14.52
N ARG F 55 -4.98 0.90 14.48
CA ARG F 55 -5.62 -0.02 15.42
C ARG F 55 -5.37 -1.51 15.11
N HIS F 56 -5.07 -2.27 16.16
CA HIS F 56 -5.04 -3.74 16.10
C HIS F 56 -6.48 -4.21 15.89
N THR F 57 -6.59 -5.33 15.21
CA THR F 57 -7.79 -6.05 14.87
C THR F 57 -8.66 -6.06 16.08
N GLY F 58 -9.85 -5.49 15.93
CA GLY F 58 -10.92 -5.57 16.89
C GLY F 58 -10.87 -4.57 18.02
N VAL F 59 -9.91 -3.67 18.03
CA VAL F 59 -9.79 -2.77 19.13
C VAL F 59 -10.87 -1.68 18.90
N PRO F 60 -11.60 -1.27 19.91
CA PRO F 60 -12.62 -0.21 19.74
C PRO F 60 -12.07 1.15 19.31
N ALA F 61 -12.90 1.92 18.60
CA ALA F 61 -12.48 3.23 18.01
C ALA F 61 -12.11 4.24 19.03
N ARG F 62 -12.53 4.03 20.26
CA ARG F 62 -12.12 4.94 21.35
C ARG F 62 -10.66 4.94 21.74
N PHE F 63 -9.90 3.95 21.26
CA PHE F 63 -8.43 3.98 21.44
C PHE F 63 -7.77 4.62 20.21
N THR F 64 -6.94 5.63 20.42
CA THR F 64 -6.19 6.19 19.28
C THR F 64 -4.75 6.36 19.66
N GLY F 65 -3.89 6.48 18.67
CA GLY F 65 -2.50 6.79 18.94
C GLY F 65 -1.95 7.84 18.05
N SER F 66 -0.95 8.57 18.54
CA SER F 66 -0.35 9.55 17.65
C SER F 66 1.08 9.75 18.05
N GLY F 67 1.80 10.48 17.21
CA GLY F 67 3.22 10.80 17.43
C GLY F 67 4.18 10.17 16.44
N SER F 68 5.42 10.66 16.45
CA SER F 68 6.50 10.13 15.60
C SER F 68 7.77 10.73 16.10
N GLY F 69 8.89 10.10 15.74
CA GLY F 69 10.19 10.47 16.24
C GLY F 69 10.47 9.97 17.65
N THR F 70 10.32 10.84 18.66
CA THR F 70 10.55 10.47 20.06
C THR F 70 9.33 10.59 20.96
N ASP F 71 8.23 11.19 20.51
CA ASP F 71 7.05 11.46 21.39
C ASP F 71 5.80 10.74 20.92
N PHE F 72 5.23 9.88 21.76
CA PHE F 72 4.10 9.03 21.36
C PHE F 72 3.03 9.11 22.46
N THR F 73 1.77 9.18 22.03
CA THR F 73 0.65 9.24 22.93
C THR F 73 -0.48 8.27 22.55
N LEU F 74 -0.91 7.49 23.55
CA LEU F 74 -2.13 6.65 23.44
C LEU F 74 -3.26 7.42 24.09
N THR F 75 -4.36 7.59 23.37
CA THR F 75 -5.50 8.23 23.93
C THR F 75 -6.65 7.25 24.14
N ILE F 76 -7.17 7.22 25.36
CA ILE F 76 -8.36 6.38 25.65
C ILE F 76 -9.52 7.32 25.87
N ASN F 77 -10.48 7.31 24.94
CA ASN F 77 -11.66 8.13 25.04
C ASN F 77 -12.73 7.33 25.72
N ASN F 78 -13.65 8.00 26.42
CA ASN F 78 -14.84 7.34 26.95
C ASN F 78 -14.49 6.14 27.82
N VAL F 79 -13.59 6.36 28.78
CA VAL F 79 -13.11 5.25 29.67
C VAL F 79 -14.25 4.40 30.21
N LYS F 80 -14.04 3.09 30.16
CA LYS F 80 -14.96 2.10 30.66
C LYS F 80 -14.29 1.31 31.71
N SER F 81 -15.09 0.57 32.50
CA SER F 81 -14.55 -0.18 33.65
C SER F 81 -13.55 -1.20 33.19
N GLU F 82 -13.80 -1.87 32.06
CA GLU F 82 -12.87 -2.89 31.54
C GLU F 82 -11.48 -2.35 31.10
N ASP F 83 -11.31 -1.04 31.06
CA ASP F 83 -10.04 -0.47 30.69
C ASP F 83 -9.03 -0.53 31.80
N LEU F 84 -9.46 -1.00 32.98
CA LEU F 84 -8.53 -1.08 34.19
C LEU F 84 -7.36 -2.01 33.79
N ALA F 85 -6.14 -1.47 33.69
CA ALA F 85 -5.07 -2.21 33.10
C ALA F 85 -3.81 -1.37 33.16
N ASP F 86 -2.69 -2.02 32.87
CA ASP F 86 -1.42 -1.36 32.65
C ASP F 86 -1.29 -1.13 31.13
N TYR F 87 -0.82 0.02 30.74
CA TYR F 87 -0.62 0.41 29.34
C TYR F 87 0.85 0.71 29.11
N PHE F 88 1.45 0.09 28.10
CA PHE F 88 2.89 0.22 27.85
C PHE F 88 3.22 0.23 26.37
N CYS F 89 4.28 0.96 26.04
CA CYS F 89 4.76 1.10 24.66
C CYS F 89 5.96 0.19 24.41
N LEU F 90 6.20 -0.06 23.13
CA LEU F 90 7.29 -0.85 22.60
C LEU F 90 7.84 -0.07 21.42
N GLN F 91 9.16 0.07 21.34
CA GLN F 91 9.74 0.48 20.08
C GLN F 91 10.26 -0.73 19.35
N HIS F 92 10.03 -0.72 18.04
CA HIS F 92 10.34 -1.86 17.16
C HIS F 92 11.12 -1.29 15.95
N TRP F 93 11.99 -0.32 16.24
CA TRP F 93 12.88 0.29 15.29
C TRP F 93 14.29 -0.38 15.24
N ASN F 94 14.91 -0.72 16.40
CA ASN F 94 16.27 -1.33 16.36
C ASN F 94 16.46 -2.21 17.58
N TYR F 95 17.61 -2.86 17.68
CA TYR F 95 17.84 -3.84 18.73
C TYR F 95 18.66 -3.19 19.85
N PRO F 96 18.45 -3.60 21.11
CA PRO F 96 17.40 -4.53 21.48
C PRO F 96 15.98 -3.92 21.40
N LEU F 97 14.94 -4.70 21.15
CA LEU F 97 13.62 -4.13 21.27
C LEU F 97 13.43 -3.73 22.76
N THR F 98 12.87 -2.55 23.01
CA THR F 98 12.63 -2.04 24.33
C THR F 98 11.23 -1.53 24.64
N PHE F 99 10.84 -1.74 25.88
CA PHE F 99 9.49 -1.49 26.37
C PHE F 99 9.48 -0.38 27.39
N GLY F 100 8.41 0.42 27.42
CA GLY F 100 8.18 1.38 28.50
C GLY F 100 7.79 0.55 29.72
N SER F 101 7.95 1.11 30.90
CA SER F 101 7.69 0.33 32.14
C SER F 101 6.22 0.39 32.53
N GLY F 102 5.39 1.09 31.77
CA GLY F 102 3.93 0.96 32.01
C GLY F 102 3.32 2.11 32.79
N THR F 103 2.09 2.45 32.44
CA THR F 103 1.26 3.35 33.21
C THR F 103 -0.02 2.61 33.58
N LYS F 104 -0.29 2.51 34.88
CA LYS F 104 -1.49 1.83 35.37
C LYS F 104 -2.68 2.75 35.58
N LEU F 105 -3.81 2.40 35.01
CA LEU F 105 -4.99 3.25 35.06
C LEU F 105 -5.69 2.97 36.34
N GLU F 106 -6.13 4.00 37.03
CA GLU F 106 -7.01 3.82 38.16
C GLU F 106 -8.30 4.53 37.89
N ILE F 107 -9.40 3.97 38.36
CA ILE F 107 -10.71 4.50 38.02
C ILE F 107 -11.40 4.98 39.31
N LYS F 108 -11.75 6.26 39.36
CA LYS F 108 -12.47 6.86 40.49
C LYS F 108 -13.92 6.51 40.35
N ARG F 109 -14.59 6.25 41.45
CA ARG F 109 -16.01 5.90 41.45
C ARG F 109 -16.58 6.26 42.82
N ALA F 110 -17.87 6.04 43.00
CA ALA F 110 -18.57 6.37 44.21
C ALA F 110 -18.18 5.40 45.34
N ASP F 111 -18.19 5.89 46.57
CA ASP F 111 -17.88 5.08 47.73
C ASP F 111 -18.83 3.87 47.78
N ALA F 112 -18.31 2.71 48.21
CA ALA F 112 -19.13 1.52 48.39
C ALA F 112 -18.71 0.76 49.66
N ALA F 113 -19.68 0.40 50.51
CA ALA F 113 -19.49 -0.46 51.71
C ALA F 113 -19.13 -1.91 51.35
N PRO F 114 -18.26 -2.52 52.11
CA PRO F 114 -17.98 -3.93 51.83
C PRO F 114 -19.03 -4.90 52.25
N THR F 115 -19.11 -6.01 51.54
CA THR F 115 -19.95 -7.16 51.92
C THR F 115 -19.01 -8.16 52.57
N VAL F 116 -19.30 -8.48 53.83
CA VAL F 116 -18.36 -9.22 54.68
C VAL F 116 -18.96 -10.60 54.92
N SER F 117 -18.14 -11.64 54.75
CA SER F 117 -18.56 -13.03 54.97
C SER F 117 -17.45 -13.73 55.79
N ILE F 118 -17.82 -14.50 56.82
CA ILE F 118 -16.86 -15.24 57.66
C ILE F 118 -17.06 -16.73 57.51
N PHE F 119 -15.95 -17.46 57.56
CA PHE F 119 -15.93 -18.93 57.31
C PHE F 119 -15.05 -19.64 58.32
N PRO F 120 -15.60 -20.67 58.98
CA PRO F 120 -14.81 -21.46 59.92
C PRO F 120 -13.84 -22.43 59.21
N PRO F 121 -12.85 -22.98 59.95
CA PRO F 121 -12.01 -24.02 59.38
C PRO F 121 -12.83 -25.19 58.88
N SER F 122 -12.43 -25.75 57.74
CA SER F 122 -13.04 -26.99 57.23
C SER F 122 -12.65 -28.22 58.07
N SER F 123 -13.48 -29.25 58.09
CA SER F 123 -13.07 -30.49 58.74
C SER F 123 -11.82 -31.10 58.06
N GLU F 124 -11.67 -30.87 56.76
CA GLU F 124 -10.46 -31.32 56.05
C GLU F 124 -9.22 -30.71 56.71
N GLN F 125 -9.22 -29.40 56.99
CA GLN F 125 -8.01 -28.74 57.50
C GLN F 125 -7.76 -29.17 58.97
N LEU F 126 -8.83 -29.30 59.71
CA LEU F 126 -8.73 -29.71 61.13
C LEU F 126 -8.06 -31.09 61.27
N THR F 127 -8.40 -32.01 60.37
CA THR F 127 -7.76 -33.30 60.33
C THR F 127 -6.24 -33.19 60.21
N SER F 128 -5.73 -32.19 59.51
CA SER F 128 -4.29 -32.08 59.33
C SER F 128 -3.63 -31.24 60.43
N GLY F 129 -4.39 -30.87 61.47
CA GLY F 129 -3.78 -30.15 62.59
C GLY F 129 -3.77 -28.64 62.50
N GLY F 130 -4.46 -28.09 61.50
CA GLY F 130 -4.47 -26.68 61.19
C GLY F 130 -5.85 -26.09 61.30
N ALA F 131 -5.92 -24.76 61.46
CA ALA F 131 -7.22 -24.11 61.53
C ALA F 131 -7.13 -22.69 61.03
N SER F 132 -7.76 -22.43 59.88
CA SER F 132 -7.79 -21.11 59.26
C SER F 132 -9.25 -20.58 59.31
N VAL F 133 -9.38 -19.34 59.76
CA VAL F 133 -10.64 -18.66 59.75
C VAL F 133 -10.49 -17.56 58.71
N VAL F 134 -11.44 -17.52 57.79
CA VAL F 134 -11.34 -16.67 56.63
C VAL F 134 -12.51 -15.65 56.63
N CYS F 135 -12.17 -14.46 56.22
CA CYS F 135 -13.07 -13.36 56.13
C CYS F 135 -12.90 -12.67 54.79
N PHE F 136 -13.94 -12.70 53.97
CA PHE F 136 -13.92 -11.93 52.73
C PHE F 136 -14.64 -10.60 52.95
N LEU F 137 -14.02 -9.54 52.48
CA LEU F 137 -14.58 -8.15 52.47
C LEU F 137 -14.63 -7.69 51.01
N ASN F 138 -15.79 -7.78 50.40
CA ASN F 138 -15.93 -7.74 48.96
C ASN F 138 -16.68 -6.52 48.42
N ASN F 139 -16.19 -6.08 47.26
CA ASN F 139 -16.75 -4.96 46.48
C ASN F 139 -16.91 -3.64 47.21
N PHE F 140 -15.80 -3.10 47.71
CA PHE F 140 -15.82 -1.84 48.44
C PHE F 140 -14.99 -0.79 47.73
N TYR F 141 -15.21 0.46 48.07
CA TYR F 141 -14.45 1.58 47.49
C TYR F 141 -14.51 2.74 48.47
N PRO F 142 -13.38 3.40 48.76
CA PRO F 142 -12.04 3.26 48.25
C PRO F 142 -11.29 2.10 48.90
N LYS F 143 -10.02 1.93 48.49
CA LYS F 143 -9.24 0.79 48.86
C LYS F 143 -8.89 0.76 50.35
N ASP F 144 -8.78 1.90 51.03
CA ASP F 144 -8.37 1.91 52.44
C ASP F 144 -9.44 1.21 53.32
N ILE F 145 -8.99 0.22 54.06
CA ILE F 145 -9.88 -0.52 54.93
C ILE F 145 -9.12 -1.08 56.10
N ASN F 146 -9.73 -1.18 57.27
CA ASN F 146 -9.05 -1.78 58.45
C ASN F 146 -9.79 -3.06 58.89
N VAL F 147 -9.06 -4.17 59.12
CA VAL F 147 -9.69 -5.39 59.63
C VAL F 147 -9.07 -5.82 60.94
N LYS F 148 -9.90 -6.14 61.92
CA LYS F 148 -9.46 -6.63 63.23
C LYS F 148 -10.06 -7.98 63.53
N TRP F 149 -9.25 -8.86 64.12
CA TRP F 149 -9.74 -10.14 64.52
C TRP F 149 -9.80 -10.16 66.04
N LYS F 150 -10.85 -10.80 66.55
CA LYS F 150 -10.90 -11.10 67.98
C LYS F 150 -11.28 -12.52 68.25
N ILE F 151 -10.68 -13.03 69.34
CA ILE F 151 -10.93 -14.35 69.82
C ILE F 151 -11.42 -14.27 71.29
N ASP F 152 -12.64 -14.74 71.54
CA ASP F 152 -13.32 -14.54 72.85
C ASP F 152 -13.20 -13.15 73.36
N GLY F 153 -13.32 -12.18 72.47
CA GLY F 153 -13.33 -10.79 72.88
C GLY F 153 -11.98 -10.13 72.91
N SER F 154 -10.94 -10.92 72.64
CA SER F 154 -9.59 -10.42 72.76
C SER F 154 -8.87 -10.23 71.40
N GLU F 155 -8.20 -9.13 71.24
CA GLU F 155 -7.64 -8.75 69.96
C GLU F 155 -6.55 -9.72 69.54
N ARG F 156 -6.58 -10.19 68.32
CA ARG F 156 -5.55 -11.10 67.83
C ARG F 156 -4.89 -10.58 66.56
N GLN F 157 -3.58 -10.31 66.60
CA GLN F 157 -2.79 -9.83 65.45
C GLN F 157 -1.91 -10.90 64.82
N ASN F 158 -1.39 -11.80 65.65
CA ASN F 158 -0.52 -12.87 65.16
C ASN F 158 -1.32 -13.86 64.38
N GLY F 159 -0.74 -14.32 63.28
CA GLY F 159 -1.34 -15.34 62.41
C GLY F 159 -2.30 -14.77 61.35
N VAL F 160 -2.37 -13.45 61.20
CA VAL F 160 -3.36 -12.83 60.30
C VAL F 160 -2.64 -12.46 59.00
N LEU F 161 -3.09 -13.00 57.86
CA LEU F 161 -2.58 -12.54 56.55
C LEU F 161 -3.70 -11.96 55.62
N ASN F 162 -3.41 -10.85 54.97
CA ASN F 162 -4.36 -10.04 54.19
C ASN F 162 -3.90 -9.94 52.75
N SER F 163 -4.85 -9.99 51.80
CA SER F 163 -4.56 -9.84 50.39
C SER F 163 -5.71 -9.08 49.72
N TRP F 164 -5.36 -8.13 48.87
CA TRP F 164 -6.32 -7.26 48.11
C TRP F 164 -6.28 -7.54 46.63
N THR F 165 -7.43 -7.50 46.01
CA THR F 165 -7.49 -7.56 44.58
C THR F 165 -7.16 -6.17 43.99
N ASP F 166 -6.87 -6.16 42.69
CA ASP F 166 -6.94 -4.93 41.90
C ASP F 166 -8.39 -4.57 41.69
N GLN F 167 -8.67 -3.35 41.18
CA GLN F 167 -10.05 -2.94 40.93
C GLN F 167 -10.77 -3.86 39.98
N ASP F 168 -12.03 -4.18 40.29
CA ASP F 168 -12.82 -5.05 39.45
C ASP F 168 -13.09 -4.45 38.04
N SER F 169 -13.10 -5.33 37.06
CA SER F 169 -13.19 -4.95 35.67
C SER F 169 -14.61 -4.56 35.29
N LYS F 170 -15.57 -4.86 36.15
CA LYS F 170 -16.95 -4.49 35.90
C LYS F 170 -17.43 -3.33 36.76
N ASP F 171 -17.11 -3.30 38.05
CA ASP F 171 -17.63 -2.26 38.93
C ASP F 171 -16.57 -1.36 39.56
N SER F 172 -15.29 -1.62 39.22
CA SER F 172 -14.16 -0.83 39.74
C SER F 172 -14.00 -0.82 41.27
N THR F 173 -14.60 -1.78 41.96
CA THR F 173 -14.39 -1.90 43.41
C THR F 173 -13.18 -2.72 43.74
N TYR F 174 -12.82 -2.73 45.03
CA TYR F 174 -11.79 -3.55 45.54
C TYR F 174 -12.42 -4.65 46.38
N SER F 175 -11.67 -5.74 46.57
CA SER F 175 -12.05 -6.70 47.57
C SER F 175 -10.79 -7.13 48.35
N MET F 176 -11.00 -7.73 49.51
CA MET F 176 -9.88 -8.13 50.37
C MET F 176 -10.19 -9.43 51.05
N SER F 177 -9.16 -10.25 51.26
CA SER F 177 -9.30 -11.51 52.01
C SER F 177 -8.43 -11.37 53.23
N SER F 178 -8.94 -11.74 54.40
CA SER F 178 -8.17 -11.74 55.63
C SER F 178 -8.34 -13.12 56.23
N THR F 179 -7.22 -13.76 56.56
CA THR F 179 -7.20 -15.16 57.06
C THR F 179 -6.41 -15.20 58.34
N LEU F 180 -7.06 -15.68 59.38
CA LEU F 180 -6.43 -16.01 60.67
C LEU F 180 -6.13 -17.50 60.71
N THR F 181 -4.88 -17.84 60.84
CA THR F 181 -4.42 -19.22 60.97
C THR F 181 -3.85 -19.50 62.37
N LEU F 182 -4.37 -20.55 62.96
CA LEU F 182 -3.99 -21.05 64.27
C LEU F 182 -3.71 -22.54 64.12
N THR F 183 -3.12 -23.15 65.15
CA THR F 183 -3.12 -24.59 65.27
C THR F 183 -4.53 -25.07 65.61
N LYS F 184 -4.88 -26.29 65.22
CA LYS F 184 -6.15 -26.87 65.64
C LYS F 184 -6.19 -26.83 67.16
N ASP F 185 -5.06 -27.13 67.81
CA ASP F 185 -5.00 -27.15 69.30
C ASP F 185 -5.50 -25.81 69.88
N GLU F 186 -4.90 -24.69 69.45
CA GLU F 186 -5.38 -23.39 69.88
C GLU F 186 -6.81 -23.02 69.49
N TYR F 187 -7.17 -23.33 68.26
CA TYR F 187 -8.52 -23.12 67.76
C TYR F 187 -9.58 -23.68 68.69
N GLU F 188 -9.35 -24.89 69.14
CA GLU F 188 -10.35 -25.59 69.90
C GLU F 188 -10.35 -25.21 71.38
N ARG F 189 -9.47 -24.32 71.81
CA ARG F 189 -9.50 -23.74 73.13
C ARG F 189 -10.31 -22.46 73.20
N HIS F 190 -10.97 -22.06 72.11
CA HIS F 190 -11.74 -20.83 72.13
C HIS F 190 -13.04 -20.94 71.45
N ASN F 191 -13.93 -19.98 71.65
CA ASN F 191 -15.28 -20.13 71.09
C ASN F 191 -15.73 -19.11 70.04
N SER F 192 -15.57 -17.83 70.37
CA SER F 192 -16.12 -16.72 69.54
C SER F 192 -15.06 -16.08 68.67
N TYR F 193 -15.22 -16.24 67.37
CA TYR F 193 -14.26 -15.70 66.40
C TYR F 193 -14.91 -14.56 65.61
N THR F 194 -14.31 -13.39 65.68
CA THR F 194 -14.89 -12.22 65.05
C THR F 194 -13.92 -11.54 64.08
N CYS F 195 -14.48 -11.18 62.92
CA CYS F 195 -13.81 -10.41 61.86
C CYS F 195 -14.51 -9.06 61.91
N GLU F 196 -13.77 -7.95 62.05
CA GLU F 196 -14.43 -6.63 62.17
C GLU F 196 -13.79 -5.68 61.16
N ALA F 197 -14.60 -5.11 60.28
CA ALA F 197 -14.15 -4.18 59.21
C ALA F 197 -14.49 -2.73 59.49
N THR F 198 -13.49 -1.83 59.49
CA THR F 198 -13.78 -0.40 59.48
C THR F 198 -13.46 0.22 58.16
N HIS F 199 -14.42 0.94 57.60
CA HIS F 199 -14.31 1.61 56.26
C HIS F 199 -15.02 2.94 56.36
N LYS F 200 -14.60 3.87 55.54
CA LYS F 200 -15.09 5.28 55.65
C LYS F 200 -16.55 5.45 55.33
N THR F 201 -17.17 4.47 54.68
CA THR F 201 -18.60 4.49 54.39
C THR F 201 -19.47 4.31 55.65
N SER F 202 -18.83 4.02 56.78
CA SER F 202 -19.59 4.04 58.04
C SER F 202 -18.76 4.22 59.27
N THR F 203 -19.39 4.88 60.22
CA THR F 203 -18.78 5.21 61.47
C THR F 203 -18.78 3.97 62.36
N SER F 204 -19.69 3.06 62.13
CA SER F 204 -19.65 1.81 62.89
C SER F 204 -18.98 0.68 62.04
N PRO F 205 -18.12 -0.12 62.67
CA PRO F 205 -17.59 -1.37 62.13
C PRO F 205 -18.69 -2.34 61.67
N ILE F 206 -18.39 -3.08 60.63
CA ILE F 206 -19.18 -4.19 60.18
C ILE F 206 -18.53 -5.43 60.81
N VAL F 207 -19.32 -6.23 61.52
CA VAL F 207 -18.81 -7.37 62.27
C VAL F 207 -19.47 -8.60 61.72
N LYS F 208 -18.66 -9.61 61.49
CA LYS F 208 -19.17 -10.96 61.22
C LYS F 208 -18.52 -11.94 62.20
N SER F 209 -19.27 -12.96 62.62
CA SER F 209 -18.82 -13.81 63.67
C SER F 209 -19.26 -15.26 63.49
N PHE F 210 -18.42 -16.14 64.04
CA PHE F 210 -18.68 -17.53 64.11
C PHE F 210 -18.44 -17.98 65.61
N ASN F 211 -19.29 -18.83 66.12
CA ASN F 211 -19.12 -19.41 67.45
C ASN F 211 -19.00 -20.88 67.36
N ARG F 212 -17.94 -21.44 67.92
CA ARG F 212 -17.77 -22.87 67.88
C ARG F 212 -18.83 -23.61 68.65
N ASN F 213 -19.61 -22.96 69.52
CA ASN F 213 -20.88 -23.57 69.97
C ASN F 213 -21.82 -23.56 68.73
N GLU F 214 -21.51 -24.37 67.72
CA GLU F 214 -22.17 -24.24 66.43
C GLU F 214 -23.46 -24.98 66.42
N CYS F 215 -23.45 -26.18 67.00
CA CYS F 215 -24.66 -26.99 67.05
C CYS F 215 -25.22 -27.03 68.46
N CYS G . -28.22 -47.60 10.72
CA CYS G . -28.92 -46.48 11.28
C CYS G . -30.46 -46.67 11.26
O CYS G . -31.15 -45.80 11.79
CB CYS G . -28.59 -45.17 10.55
SG CYS G . -26.89 -44.66 10.62
OXT CYS G . -31.04 -47.65 10.74
C1 EDO H . -19.33 11.57 -5.28
O1 EDO H . -18.82 10.26 -5.33
C2 EDO H . -20.57 11.59 -4.39
O2 EDO H . -20.39 10.73 -3.25
C1 EDO I . -33.60 -49.38 9.22
O1 EDO I . -33.37 -48.49 10.34
C2 EDO I . -34.44 -50.58 9.69
O2 EDO I . -34.39 -50.80 11.13
C1 EDO J . 4.30 1.87 6.26
O1 EDO J . 4.84 2.68 7.27
C2 EDO J . 3.47 2.76 5.35
O2 EDO J . 2.19 2.22 5.14
C1 EDO K . -28.89 -40.85 15.80
O1 EDO K . -28.29 -41.76 16.72
C2 EDO K . -30.24 -40.33 16.29
O2 EDO K . -30.22 -39.79 17.62
C1 EDO L . -9.99 -4.65 9.00
O1 EDO L . -8.61 -4.23 9.09
C2 EDO L . -10.23 -5.87 9.87
O2 EDO L . -9.76 -5.59 11.20
C1 EDO M . -25.09 14.34 1.97
O1 EDO M . -23.66 14.28 2.08
C2 EDO M . -25.40 14.68 0.55
O2 EDO M . -24.78 15.95 0.28
C1 EDO N . -23.10 14.57 6.03
O1 EDO N . -22.86 14.46 4.63
C2 EDO N . -23.86 15.86 6.24
O2 EDO N . -25.14 15.66 5.69
C1 EDO O . -17.82 -0.44 8.98
O1 EDO O . -17.08 -1.66 9.27
C2 EDO O . -17.54 0.05 7.56
O2 EDO O . -18.66 0.48 6.72
N CYS P . -18.38 -21.82 -47.96
CA CYS P . -16.89 -21.90 -48.01
C CYS P . -16.45 -23.18 -48.68
O CYS P . -17.34 -23.96 -49.01
CB CYS P . -16.27 -21.82 -46.64
SG CYS P . -16.73 -20.30 -45.70
OXT CYS P . -15.26 -23.38 -48.99
C1 EDO Q . 1.76 -15.45 3.05
O1 EDO Q . 0.65 -14.87 2.34
C2 EDO Q . 1.30 -16.76 3.63
O2 EDO Q . 0.12 -16.43 4.38
C1 EDO R . -9.15 -4.64 -9.52
O1 EDO R . -8.58 -5.75 -10.22
C2 EDO R . -9.48 -3.57 -10.55
O2 EDO R . -8.36 -3.49 -11.43
C1 EDO S . 4.95 -2.96 -12.75
O1 EDO S . 4.44 -1.87 -11.99
C2 EDO S . 4.71 -2.66 -14.23
O2 EDO S . 4.97 -1.28 -14.61
C1 EDO T . 3.01 6.44 -0.25
O1 EDO T . 2.66 5.10 -0.56
C2 EDO T . 1.94 7.46 -0.63
O2 EDO T . 2.62 8.72 -0.61
C1 EDO U . 11.00 4.55 -4.97
O1 EDO U . 11.52 5.52 -4.10
C2 EDO U . 11.15 3.13 -4.49
O2 EDO U . 10.62 2.87 -3.20
C ACT V . -5.72 5.24 -11.75
O ACT V . -6.46 6.03 -11.09
OXT ACT V . -5.56 5.52 -12.97
CH3 ACT V . -5.07 4.01 -11.16
C ACT W . -2.29 4.38 -14.07
O ACT W . -3.44 4.28 -14.59
OXT ACT W . -1.50 5.31 -14.46
CH3 ACT W . -1.84 3.36 -13.08
C1 EDO X . 8.05 24.12 -21.23
O1 EDO X . 6.80 24.47 -21.83
C2 EDO X . 7.89 23.34 -19.89
O2 EDO X . 6.98 24.02 -18.99
C1 EDO Y . 0.04 27.90 -32.71
O1 EDO Y . 1.01 27.25 -33.53
C2 EDO Y . 0.33 27.50 -31.27
O2 EDO Y . 1.53 28.17 -30.84
NA NA Z . 16.07 4.13 -59.98
C ACT AA . 1.46 -10.91 9.04
O ACT AA . 0.91 -11.42 10.04
OXT ACT AA . 2.67 -11.21 8.87
CH3 ACT AA . 0.73 -10.00 8.05
C1 EDO BA . 5.42 -3.72 32.76
O1 EDO BA . 6.17 -4.95 32.81
C2 EDO BA . 5.52 -2.98 31.40
O2 EDO BA . 6.80 -3.21 30.77
C1 EDO CA . -1.40 -9.22 11.59
O1 EDO CA . -1.86 -9.46 12.90
C2 EDO CA . -2.43 -9.85 10.66
O2 EDO CA . -3.47 -8.85 10.59
C1 EDO DA . -2.03 -24.17 21.62
O1 EDO DA . -1.11 -23.31 20.96
C2 EDO DA . -3.27 -24.24 20.71
O2 EDO DA . -2.92 -23.60 19.47
C1 EDO EA . -3.21 -14.74 21.40
O1 EDO EA . -3.59 -15.16 20.10
C2 EDO EA . -3.26 -15.98 22.29
O2 EDO EA . -2.05 -16.67 22.02
C1 EDO FA . 23.66 -16.05 22.92
O1 EDO FA . 24.84 -15.48 22.38
C2 EDO FA . 22.81 -14.90 23.43
O2 EDO FA . 23.50 -14.10 24.38
C1 EDO GA . -7.61 -31.36 51.76
O1 EDO GA . -8.87 -31.39 51.03
C2 EDO GA . -6.47 -31.67 50.78
O2 EDO GA . -6.68 -30.91 49.59
C1 EDO HA . 7.62 -15.51 38.36
O1 EDO HA . 7.53 -14.20 38.90
C2 EDO HA . 7.29 -16.42 39.53
O2 EDO HA . 5.90 -16.29 39.89
C ACT IA . 2.04 6.88 -13.32
O ACT IA . 2.40 7.85 -14.06
OXT ACT IA . 2.47 5.73 -13.61
CH3 ACT IA . 1.17 7.13 -12.15
C1 EDO JA . 22.96 30.10 -44.25
O1 EDO JA . 24.34 30.22 -44.61
C2 EDO JA . 22.87 29.26 -43.00
O2 EDO JA . 23.40 29.98 -41.88
C1 EDO KA . 11.85 7.10 -21.24
O1 EDO KA . 12.92 6.42 -21.98
C2 EDO KA . 10.55 7.12 -22.01
O2 EDO KA . 10.76 7.78 -23.27
C1 EDO LA . 3.42 1.23 -12.48
O1 EDO LA . 3.09 0.74 -13.78
C2 EDO LA . 3.59 2.74 -12.53
O2 EDO LA . 2.31 3.38 -12.45
C1 NAG MA . -3.75 14.58 25.35
C2 NAG MA . -4.07 16.04 25.75
C3 NAG MA . -4.44 16.86 24.49
C4 NAG MA . -3.32 16.69 23.45
C5 NAG MA . -3.27 15.21 23.06
C6 NAG MA . -2.31 14.89 21.91
C7 NAG MA . -6.07 15.55 27.33
C8 NAG MA . -6.78 16.15 28.52
N2 NAG MA . -5.01 16.27 26.88
O3 NAG MA . -4.55 18.21 24.85
O4 NAG MA . -3.47 17.51 22.31
O5 NAG MA . -2.87 14.52 24.23
O6 NAG MA . -0.97 14.91 22.37
O7 NAG MA . -6.47 14.48 26.86
C ACT NA . -9.12 -4.40 24.38
O ACT NA . -9.58 -3.23 24.14
OXT ACT NA . -9.24 -4.86 25.57
CH3 ACT NA . -8.50 -5.24 23.30
C ACT OA . -1.84 -5.80 14.37
O ACT OA . -3.06 -5.83 14.17
OXT ACT OA . -1.51 -5.79 15.63
CH3 ACT OA . -0.87 -5.78 13.23
C1 EDO PA . -5.98 -10.33 20.99
O1 EDO PA . -5.35 -9.10 20.63
C2 EDO PA . -6.98 -10.66 19.90
O2 EDO PA . -6.83 -9.68 18.86
C1 EDO QA . -23.52 -17.05 63.84
O1 EDO QA . -22.64 -17.21 64.96
C2 EDO QA . -23.99 -15.61 63.64
O2 EDO QA . -22.92 -14.63 63.63
C1 EDO RA . -4.30 6.28 9.10
O1 EDO RA . -2.94 6.28 8.52
C2 EDO RA . -4.39 5.85 10.59
O2 EDO RA . -3.58 6.67 11.48
C1 EDO SA . -5.07 -4.62 11.73
O1 EDO SA . -4.15 -5.73 11.77
C2 EDO SA . -6.22 -4.98 10.76
O2 EDO SA . -7.13 -5.95 11.34
C1 EDO TA . -5.19 -14.27 52.33
O1 EDO TA . -6.27 -13.97 53.26
C2 EDO TA . -5.52 -15.59 51.63
O2 EDO TA . -5.08 -16.58 52.56
C1 EDO UA . -21.62 -15.44 57.23
O1 EDO UA . -20.61 -14.41 57.22
C2 EDO UA . -21.63 -16.17 55.91
O2 EDO UA . -20.42 -16.89 55.70
#